data_9DG0
# 
_entry.id   9DG0 
# 
_audit_conform.dict_name       mmcif_pdbx.dic 
_audit_conform.dict_version    5.409 
_audit_conform.dict_location   http://mmcif.pdb.org/dictionaries/ascii/mmcif_pdbx.dic 
# 
loop_
_database_2.database_id 
_database_2.database_code 
_database_2.pdbx_database_accession 
_database_2.pdbx_DOI 
PDB   9DG0         pdb_00009dg0 10.2210/pdb9dg0/pdb 
WWPDB D_1000288033 ?            ?                   
# 
loop_
_pdbx_audit_revision_history.ordinal 
_pdbx_audit_revision_history.data_content_type 
_pdbx_audit_revision_history.major_revision 
_pdbx_audit_revision_history.minor_revision 
_pdbx_audit_revision_history.revision_date 
_pdbx_audit_revision_history.part_number 
1 'Structure model' 1 0 2025-11-12 ? 
2 'Structure model' 1 1 2025-12-24 ? 
# 
_pdbx_audit_revision_details.ordinal             1 
_pdbx_audit_revision_details.revision_ordinal    1 
_pdbx_audit_revision_details.data_content_type   'Structure model' 
_pdbx_audit_revision_details.provider            repository 
_pdbx_audit_revision_details.type                'Initial release' 
_pdbx_audit_revision_details.description         ? 
_pdbx_audit_revision_details.details             ? 
# 
_pdbx_audit_revision_group.ordinal             1 
_pdbx_audit_revision_group.revision_ordinal    2 
_pdbx_audit_revision_group.data_content_type   'Structure model' 
_pdbx_audit_revision_group.group               'Database references' 
# 
_pdbx_audit_revision_category.ordinal             1 
_pdbx_audit_revision_category.revision_ordinal    2 
_pdbx_audit_revision_category.data_content_type   'Structure model' 
_pdbx_audit_revision_category.category            citation 
# 
_pdbx_audit_revision_item.ordinal             1 
_pdbx_audit_revision_item.revision_ordinal    2 
_pdbx_audit_revision_item.data_content_type   'Structure model' 
_pdbx_audit_revision_item.item                '_citation.journal_volume' 
# 
_pdbx_database_status.status_code                     REL 
_pdbx_database_status.status_code_sf                  REL 
_pdbx_database_status.status_code_mr                  ? 
_pdbx_database_status.entry_id                        9DG0 
_pdbx_database_status.recvd_initial_deposition_date   2024-09-01 
_pdbx_database_status.SG_entry                        N 
_pdbx_database_status.deposit_site                    RCSB 
_pdbx_database_status.process_site                    RCSB 
_pdbx_database_status.status_code_cs                  ? 
_pdbx_database_status.status_code_nmr_data            ? 
_pdbx_database_status.methods_development_category    ? 
_pdbx_database_status.pdb_format_compatible           Y 
# 
_pdbx_contact_author.id                 2 
_pdbx_contact_author.email              mao@purdue.edu 
_pdbx_contact_author.name_first         Chengde 
_pdbx_contact_author.name_last          Mao 
_pdbx_contact_author.name_mi            ? 
_pdbx_contact_author.role               'principal investigator/group leader' 
_pdbx_contact_author.identifier_ORCID   0000-0001-7516-8666 
# 
loop_
_audit_author.name 
_audit_author.pdbx_ordinal 
_audit_author.identifier_ORCID 
'Koomullam, N.' 1 0009-0000-3495-8434 
'Mao, C.'       2 0000-0001-7516-8666 
# 
_citation.abstract                  ? 
_citation.abstract_id_CAS           ? 
_citation.book_id_ISBN              ? 
_citation.book_publisher            ? 
_citation.book_publisher_city       ? 
_citation.book_title                ? 
_citation.coordinate_linkage        ? 
_citation.country                   GE 
_citation.database_id_Medline       ? 
_citation.details                   ? 
_citation.id                        primary 
_citation.journal_abbrev            Angew.Chem.Int.Ed.Engl. 
_citation.journal_id_ASTM           ACIEAY 
_citation.journal_id_CSD            0179 
_citation.journal_id_ISSN           1521-3773 
_citation.journal_full              ? 
_citation.journal_issue             ? 
_citation.journal_volume            64 
_citation.language                  ? 
_citation.page_first                e18174 
_citation.page_last                 e18174 
_citation.title                     'Crystallographic Study of DNA T-Junction via Crystal Engineering.' 
_citation.year                      2025 
_citation.database_id_CSD           ? 
_citation.pdbx_database_id_DOI      10.1002/anie.202518174 
_citation.pdbx_database_id_PubMed   41165523 
_citation.pdbx_database_id_patent   ? 
_citation.unpublished_flag          ? 
# 
loop_
_citation_author.citation_id 
_citation_author.name 
_citation_author.ordinal 
_citation_author.identifier_ORCID 
primary 'Li, X.'    1 ?                   
primary 'Siraj, N.' 2 ?                   
primary 'Sha, R.'   3 ?                   
primary 'Mao, C.'   4 0000-0001-7516-8666 
# 
loop_
_entity.id 
_entity.type 
_entity.src_method 
_entity.pdbx_description 
_entity.formula_weight 
_entity.pdbx_number_of_molecules 
_entity.pdbx_ec 
_entity.pdbx_mutation 
_entity.pdbx_fragment 
_entity.details 
1 polymer syn 
;DNA (5'-D(*CP*AP*GP*CP*AP*GP*CP*CP*TP*GP*AP*AP*TP*AP*C)-3')
;
4562.988  1 ? ? ? ?                                                                  
2 polymer syn 
;DNA (5'-D(P*GP*GP*CP*TP*GP*C)-3')
;
1825.216  1 ? ? ? ?                                                                  
3 polymer syn 'DNA (49-MER)'                                                15084.606 1 ? ? ? 
'The four T bases from 24 to 27 are not modeled in the structure.' 
4 polymer syn 
;DNA (5'-D(*TP*GP*CP*GP*CP*TP*GP*T)-3')
;
2433.602  1 ? ? ? ?                                                                  
# 
loop_
_entity_poly.entity_id 
_entity_poly.type 
_entity_poly.nstd_linkage 
_entity_poly.nstd_monomer 
_entity_poly.pdbx_seq_one_letter_code 
_entity_poly.pdbx_seq_one_letter_code_can 
_entity_poly.pdbx_strand_id 
_entity_poly.pdbx_target_identifier 
1 polydeoxyribonucleotide no no '(DC)(DA)(DG)(DC)(DA)(DG)(DC)(DC)(DT)(DG)(DA)(DA)(DT)(DA)(DC)' CAGCAGCCTGAATAC A ? 
2 polydeoxyribonucleotide no no '(DG)(DG)(DC)(DT)(DG)(DC)' GGCTGC                                            B ? 
3 polydeoxyribonucleotide no no 
;(DT)(DG)(DC)(DG)(DA)(DG)(DT)(DA)(DT)(DT)(DC)(DA)(DC)(DC)(DG)(DG)(DC)(DC)(DC)(DG)
(DC)(DG)(DG)(DT)(DT)(DT)(DT)(DC)(DC)(DG)(DC)(DG)(DG)(DT)(DC)(DG)(DC)(DA)(DG)(DC)
(DC)(DG)(DG)(DA)(DC)(DA)(DG)(DC)(DG)
;
TGCGAGTATTCACCGGCCCGCGGTTTTCCGCGGTCGCAGCCGGACAGCG C ? 
4 polydeoxyribonucleotide no no '(DT)(DG)(DC)(DG)(DC)(DT)(DG)(DT)' TGCGCTGT                                          E ? 
# 
loop_
_entity_poly_seq.entity_id 
_entity_poly_seq.num 
_entity_poly_seq.mon_id 
_entity_poly_seq.hetero 
1 1  DC n 
1 2  DA n 
1 3  DG n 
1 4  DC n 
1 5  DA n 
1 6  DG n 
1 7  DC n 
1 8  DC n 
1 9  DT n 
1 10 DG n 
1 11 DA n 
1 12 DA n 
1 13 DT n 
1 14 DA n 
1 15 DC n 
2 1  DG n 
2 2  DG n 
2 3  DC n 
2 4  DT n 
2 5  DG n 
2 6  DC n 
3 1  DT n 
3 2  DG n 
3 3  DC n 
3 4  DG n 
3 5  DA n 
3 6  DG n 
3 7  DT n 
3 8  DA n 
3 9  DT n 
3 10 DT n 
3 11 DC n 
3 12 DA n 
3 13 DC n 
3 14 DC n 
3 15 DG n 
3 16 DG n 
3 17 DC n 
3 18 DC n 
3 19 DC n 
3 20 DG n 
3 21 DC n 
3 22 DG n 
3 23 DG n 
3 24 DT n 
3 25 DT n 
3 26 DT n 
3 27 DT n 
3 28 DC n 
3 29 DC n 
3 30 DG n 
3 31 DC n 
3 32 DG n 
3 33 DG n 
3 34 DT n 
3 35 DC n 
3 36 DG n 
3 37 DC n 
3 38 DA n 
3 39 DG n 
3 40 DC n 
3 41 DC n 
3 42 DG n 
3 43 DG n 
3 44 DA n 
3 45 DC n 
3 46 DA n 
3 47 DG n 
3 48 DC n 
3 49 DG n 
4 1  DT n 
4 2  DG n 
4 3  DC n 
4 4  DG n 
4 5  DC n 
4 6  DT n 
4 7  DG n 
4 8  DT n 
# 
loop_
_pdbx_entity_src_syn.entity_id 
_pdbx_entity_src_syn.pdbx_src_id 
_pdbx_entity_src_syn.pdbx_alt_source_flag 
_pdbx_entity_src_syn.pdbx_beg_seq_num 
_pdbx_entity_src_syn.pdbx_end_seq_num 
_pdbx_entity_src_syn.organism_scientific 
_pdbx_entity_src_syn.organism_common_name 
_pdbx_entity_src_syn.ncbi_taxonomy_id 
_pdbx_entity_src_syn.details 
1 1 sample 1 15 'synthetic construct' ? 32630 ? 
2 1 sample 1 6  'synthetic construct' ? 32630 ? 
3 1 sample 1 49 'synthetic construct' ? 32630 ? 
4 1 sample 1 8  'synthetic construct' ? 32630 ? 
# 
loop_
_chem_comp.id 
_chem_comp.type 
_chem_comp.mon_nstd_flag 
_chem_comp.name 
_chem_comp.pdbx_synonyms 
_chem_comp.formula 
_chem_comp.formula_weight 
DA 'DNA linking' y "2'-DEOXYADENOSINE-5'-MONOPHOSPHATE" ? 'C10 H14 N5 O6 P' 331.222 
DC 'DNA linking' y "2'-DEOXYCYTIDINE-5'-MONOPHOSPHATE"  ? 'C9 H14 N3 O7 P'  307.197 
DG 'DNA linking' y "2'-DEOXYGUANOSINE-5'-MONOPHOSPHATE" ? 'C10 H14 N5 O7 P' 347.221 
DT 'DNA linking' y "THYMIDINE-5'-MONOPHOSPHATE"         ? 'C10 H15 N2 O8 P' 322.208 
# 
loop_
_pdbx_poly_seq_scheme.asym_id 
_pdbx_poly_seq_scheme.entity_id 
_pdbx_poly_seq_scheme.seq_id 
_pdbx_poly_seq_scheme.mon_id 
_pdbx_poly_seq_scheme.ndb_seq_num 
_pdbx_poly_seq_scheme.pdb_seq_num 
_pdbx_poly_seq_scheme.auth_seq_num 
_pdbx_poly_seq_scheme.pdb_mon_id 
_pdbx_poly_seq_scheme.auth_mon_id 
_pdbx_poly_seq_scheme.pdb_strand_id 
_pdbx_poly_seq_scheme.pdb_ins_code 
_pdbx_poly_seq_scheme.hetero 
A 1 1  DC 1  1  1  DC DC A . n 
A 1 2  DA 2  2  2  DA DA A . n 
A 1 3  DG 3  3  3  DG DG A . n 
A 1 4  DC 4  4  4  DC DC A . n 
A 1 5  DA 5  5  5  DA DA A . n 
A 1 6  DG 6  6  6  DG DG A . n 
A 1 7  DC 7  7  7  DC DC A . n 
A 1 8  DC 8  8  8  DC DC A . n 
A 1 9  DT 9  9  9  DT DT A . n 
A 1 10 DG 10 10 10 DG DG A . n 
A 1 11 DA 11 11 11 DA DA A . n 
A 1 12 DA 12 12 12 DA DA A . n 
A 1 13 DT 13 13 13 DT DT A . n 
A 1 14 DA 14 14 14 DA DA A . n 
A 1 15 DC 15 15 15 DC DC A . n 
B 2 1  DG 1  9  9  DG DG B . n 
B 2 2  DG 2  10 10 DG DG B . n 
B 2 3  DC 3  11 11 DC DC B . n 
B 2 4  DT 4  12 12 DT DT B . n 
B 2 5  DG 5  13 13 DG DG B . n 
B 2 6  DC 6  14 14 DC DC B . n 
C 3 1  DT 1  1  1  DT DT C . n 
C 3 2  DG 2  2  2  DG DG C . n 
C 3 3  DC 3  3  3  DC DC C . n 
C 3 4  DG 4  4  4  DG DG C . n 
C 3 5  DA 5  5  5  DA DA C . n 
C 3 6  DG 6  6  6  DG DG C . n 
C 3 7  DT 7  7  7  DT DT C . n 
C 3 8  DA 8  8  8  DA DA C . n 
C 3 9  DT 9  9  9  DT DT C . n 
C 3 10 DT 10 10 10 DT DT C . n 
C 3 11 DC 11 11 11 DC DC C . n 
C 3 12 DA 12 12 12 DA DA C . n 
C 3 13 DC 13 13 13 DC DC C . n 
C 3 14 DC 14 14 14 DC DC C . n 
C 3 15 DG 15 15 15 DG DG C . n 
C 3 16 DG 16 16 16 DG DG C . n 
C 3 17 DC 17 17 17 DC DC C . n 
C 3 18 DC 18 18 18 DC DC C . n 
C 3 19 DC 19 19 19 DC DC C . n 
C 3 20 DG 20 20 20 DG DG C . n 
C 3 21 DC 21 21 21 DC DC C . n 
C 3 22 DG 22 22 22 DG DG C . n 
C 3 23 DG 23 23 23 DG DG C . n 
C 3 24 DT 24 24 ?  ?  ?  C . n 
C 3 25 DT 25 25 ?  ?  ?  C . n 
C 3 26 DT 26 26 ?  ?  ?  C . n 
C 3 27 DT 27 27 ?  ?  ?  C . n 
C 3 28 DC 28 28 28 DC DC C . n 
C 3 29 DC 29 29 29 DC DC C . n 
C 3 30 DG 30 30 30 DG DG C . n 
C 3 31 DC 31 31 31 DC DC C . n 
C 3 32 DG 32 32 32 DG DG C . n 
C 3 33 DG 33 33 33 DG DG C . n 
C 3 34 DT 34 34 34 DT DT C . n 
C 3 35 DC 35 35 35 DC DC C . n 
C 3 36 DG 36 36 36 DG DG C . n 
C 3 37 DC 37 37 37 DC DC C . n 
C 3 38 DA 38 38 38 DA DA C . n 
C 3 39 DG 39 39 39 DG DG C . n 
C 3 40 DC 40 40 40 DC DC C . n 
C 3 41 DC 41 41 41 DC DC C . n 
C 3 42 DG 42 42 42 DG DG C . n 
C 3 43 DG 43 43 43 DG DG C . n 
C 3 44 DA 44 44 44 DA DA C . n 
C 3 45 DC 45 45 45 DC DC C . n 
C 3 46 DA 46 46 46 DA DA C . n 
C 3 47 DG 47 47 47 DG DG C . n 
C 3 48 DC 48 48 48 DC DC C . n 
C 3 49 DG 49 49 49 DG DG C . n 
D 4 1  DT 1  1  1  DT DT E . n 
D 4 2  DG 2  2  2  DG DG E . n 
D 4 3  DC 3  3  3  DC DC E . n 
D 4 4  DG 4  4  4  DG DG E . n 
D 4 5  DC 5  5  5  DC DC E . n 
D 4 6  DT 6  6  6  DT DT E . n 
D 4 7  DG 7  7  7  DG DG E . n 
D 4 8  DT 8  8  8  DT DT E . n 
# 
loop_
_software.citation_id 
_software.classification 
_software.compiler_name 
_software.compiler_version 
_software.contact_author 
_software.contact_author_email 
_software.date 
_software.description 
_software.dependencies 
_software.hardware 
_software.language 
_software.location 
_software.mods 
_software.name 
_software.os 
_software.os_version 
_software.type 
_software.version 
_software.pdbx_ordinal 
? refinement       ? ? ? ? ? ? ? ? ? ? ? PHENIX   ? ? ? 1.20.1_4487 1 
? 'data reduction' ? ? ? ? ? ? ? ? ? ? ? HKL-2000 ? ? ? .           2 
? 'data scaling'   ? ? ? ? ? ? ? ? ? ? ? HKL-2000 ? ? ? .           3 
? phasing          ? ? ? ? ? ? ? ? ? ? ? PHASER   ? ? ? .           4 
# 
_cell.angle_alpha                  90.000 
_cell.angle_alpha_esd              ? 
_cell.angle_beta                   90.000 
_cell.angle_beta_esd               ? 
_cell.angle_gamma                  120.000 
_cell.angle_gamma_esd              ? 
_cell.entry_id                     9DG0 
_cell.details                      ? 
_cell.formula_units_Z              ? 
_cell.length_a                     167.218 
_cell.length_a_esd                 ? 
_cell.length_b                     167.218 
_cell.length_b_esd                 ? 
_cell.length_c                     80.113 
_cell.length_c_esd                 ? 
_cell.volume                       1939990.827 
_cell.volume_esd                   ? 
_cell.Z_PDB                        9 
_cell.reciprocal_angle_alpha       ? 
_cell.reciprocal_angle_beta        ? 
_cell.reciprocal_angle_gamma       ? 
_cell.reciprocal_angle_alpha_esd   ? 
_cell.reciprocal_angle_beta_esd    ? 
_cell.reciprocal_angle_gamma_esd   ? 
_cell.reciprocal_length_a          ? 
_cell.reciprocal_length_b          ? 
_cell.reciprocal_length_c          ? 
_cell.reciprocal_length_a_esd      ? 
_cell.reciprocal_length_b_esd      ? 
_cell.reciprocal_length_c_esd      ? 
_cell.pdbx_unique_axis             ? 
_cell.pdbx_esd_method              ? 
# 
_symmetry.entry_id                         9DG0 
_symmetry.cell_setting                     ? 
_symmetry.Int_Tables_number                146 
_symmetry.space_group_name_Hall            'R 3' 
_symmetry.space_group_name_H-M             'H 3' 
_symmetry.pdbx_full_space_group_name_H-M   ? 
# 
_exptl.absorpt_coefficient_mu     ? 
_exptl.absorpt_correction_T_max   ? 
_exptl.absorpt_correction_T_min   ? 
_exptl.absorpt_correction_type    ? 
_exptl.absorpt_process_details    ? 
_exptl.entry_id                   9DG0 
_exptl.crystals_number            1 
_exptl.details                    ? 
_exptl.method                     'X-RAY DIFFRACTION' 
_exptl.method_details             ? 
# 
_exptl_crystal.colour                       ? 
_exptl_crystal.density_diffrn               ? 
_exptl_crystal.density_Matthews             ? 
_exptl_crystal.density_method               ? 
_exptl_crystal.density_percent_sol          ? 
_exptl_crystal.description                  ? 
_exptl_crystal.F_000                        ? 
_exptl_crystal.id                           1 
_exptl_crystal.preparation                  ? 
_exptl_crystal.size_max                     ? 
_exptl_crystal.size_mid                     ? 
_exptl_crystal.size_min                     ? 
_exptl_crystal.size_rad                     ? 
_exptl_crystal.colour_lustre                ? 
_exptl_crystal.colour_modifier              ? 
_exptl_crystal.colour_primary               ? 
_exptl_crystal.density_meas                 ? 
_exptl_crystal.density_meas_esd             ? 
_exptl_crystal.density_meas_gt              ? 
_exptl_crystal.density_meas_lt              ? 
_exptl_crystal.density_meas_temp            ? 
_exptl_crystal.density_meas_temp_esd        ? 
_exptl_crystal.density_meas_temp_gt         ? 
_exptl_crystal.density_meas_temp_lt         ? 
_exptl_crystal.pdbx_crystal_image_url       ? 
_exptl_crystal.pdbx_crystal_image_format    ? 
_exptl_crystal.pdbx_mosaicity               ? 
_exptl_crystal.pdbx_mosaicity_esd           ? 
_exptl_crystal.pdbx_mosaic_method           ? 
_exptl_crystal.pdbx_mosaic_block_size       ? 
_exptl_crystal.pdbx_mosaic_block_size_esd   ? 
# 
_exptl_crystal_grow.apparatus       ? 
_exptl_crystal_grow.atmosphere      ? 
_exptl_crystal_grow.crystal_id      1 
_exptl_crystal_grow.details         ? 
_exptl_crystal_grow.method          'VAPOR DIFFUSION, HANGING DROP' 
_exptl_crystal_grow.method_ref      ? 
_exptl_crystal_grow.pH              ? 
_exptl_crystal_grow.pressure        ? 
_exptl_crystal_grow.pressure_esd    ? 
_exptl_crystal_grow.seeding         ? 
_exptl_crystal_grow.seeding_ref     ? 
_exptl_crystal_grow.temp_details    ? 
_exptl_crystal_grow.temp_esd        ? 
_exptl_crystal_grow.time            ? 
_exptl_crystal_grow.pdbx_details    
;DNA strands mixed with TAE/Mg2+ and 0.001 M Magnesium chloride hexahydrate, 0.005 M Tris hydrochloride, pH=7.5, 0.16 M Ammonium sulfate, 0.23 M sucrose and crystallized against (NH4)2SO4
;
_exptl_crystal_grow.pdbx_pH_range   ? 
_exptl_crystal_grow.temp            298 
# 
_diffrn.ambient_environment              ? 
_diffrn.ambient_temp                     100 
_diffrn.ambient_temp_details             ? 
_diffrn.ambient_temp_esd                 ? 
_diffrn.crystal_id                       1 
_diffrn.crystal_support                  ? 
_diffrn.crystal_treatment                ? 
_diffrn.details                          ? 
_diffrn.id                               1 
_diffrn.ambient_pressure                 ? 
_diffrn.ambient_pressure_esd             ? 
_diffrn.ambient_pressure_gt              ? 
_diffrn.ambient_pressure_lt              ? 
_diffrn.ambient_temp_gt                  ? 
_diffrn.ambient_temp_lt                  ? 
_diffrn.pdbx_serial_crystal_experiment   N 
# 
_diffrn_detector.details                      ? 
_diffrn_detector.detector                     'IMAGE PLATE' 
_diffrn_detector.diffrn_id                    1 
_diffrn_detector.type                         'RIGAKU RAXIS IV++' 
_diffrn_detector.area_resol_mean              ? 
_diffrn_detector.dtime                        ? 
_diffrn_detector.pdbx_frames_total            ? 
_diffrn_detector.pdbx_collection_time_total   ? 
_diffrn_detector.pdbx_collection_date         2016-08-18 
_diffrn_detector.pdbx_frequency               ? 
_diffrn_detector.id                           ? 
_diffrn_detector.number_of_axes               ? 
# 
_diffrn_radiation.collimation                      ? 
_diffrn_radiation.diffrn_id                        1 
_diffrn_radiation.filter_edge                      ? 
_diffrn_radiation.inhomogeneity                    ? 
_diffrn_radiation.monochromator                    ? 
_diffrn_radiation.polarisn_norm                    ? 
_diffrn_radiation.polarisn_ratio                   ? 
_diffrn_radiation.probe                            ? 
_diffrn_radiation.type                             ? 
_diffrn_radiation.xray_symbol                      ? 
_diffrn_radiation.wavelength_id                    1 
_diffrn_radiation.pdbx_monochromatic_or_laue_m_l   M 
_diffrn_radiation.pdbx_wavelength_list             ? 
_diffrn_radiation.pdbx_wavelength                  ? 
_diffrn_radiation.pdbx_diffrn_protocol             'SINGLE WAVELENGTH' 
_diffrn_radiation.pdbx_analyzer                    ? 
_diffrn_radiation.pdbx_scattering_type             x-ray 
# 
_diffrn_radiation_wavelength.id           1 
_diffrn_radiation_wavelength.wavelength   1.54 
_diffrn_radiation_wavelength.wt           1.0 
# 
_diffrn_source.current                     ? 
_diffrn_source.details                     ? 
_diffrn_source.diffrn_id                   1 
_diffrn_source.power                       ? 
_diffrn_source.size                        ? 
_diffrn_source.source                      'ROTATING ANODE' 
_diffrn_source.target                      ? 
_diffrn_source.type                        'RIGAKU R-AXIS IV' 
_diffrn_source.voltage                     ? 
_diffrn_source.take-off_angle              ? 
_diffrn_source.pdbx_wavelength_list        1.54 
_diffrn_source.pdbx_wavelength             ? 
_diffrn_source.pdbx_synchrotron_beamline   ? 
_diffrn_source.pdbx_synchrotron_site       ? 
# 
_reflns.B_iso_Wilson_estimate                          154.52 
_reflns.entry_id                                       9DG0 
_reflns.data_reduction_details                         ? 
_reflns.data_reduction_method                          ? 
_reflns.d_resolution_high                              6.4 
_reflns.d_resolution_low                               50 
_reflns.details                                        ? 
_reflns.limit_h_max                                    ? 
_reflns.limit_h_min                                    ? 
_reflns.limit_k_max                                    ? 
_reflns.limit_k_min                                    ? 
_reflns.limit_l_max                                    ? 
_reflns.limit_l_min                                    ? 
_reflns.number_all                                     ? 
_reflns.number_obs                                     1703 
_reflns.observed_criterion                             ? 
_reflns.observed_criterion_F_max                       ? 
_reflns.observed_criterion_F_min                       ? 
_reflns.observed_criterion_I_max                       ? 
_reflns.observed_criterion_I_min                       ? 
_reflns.observed_criterion_sigma_F                     ? 
_reflns.observed_criterion_sigma_I                     ? 
_reflns.percent_possible_obs                           99.26 
_reflns.R_free_details                                 ? 
_reflns.Rmerge_F_all                                   ? 
_reflns.Rmerge_F_obs                                   ? 
_reflns.Friedel_coverage                               ? 
_reflns.number_gt                                      ? 
_reflns.threshold_expression                           ? 
_reflns.pdbx_redundancy                                6.6 
_reflns.pdbx_netI_over_av_sigmaI                       ? 
_reflns.pdbx_netI_over_sigmaI                          13.5 
_reflns.pdbx_res_netI_over_av_sigmaI_2                 ? 
_reflns.pdbx_res_netI_over_sigmaI_2                    ? 
_reflns.pdbx_chi_squared                               ? 
_reflns.pdbx_scaling_rejects                           ? 
_reflns.pdbx_d_res_high_opt                            ? 
_reflns.pdbx_d_res_low_opt                             ? 
_reflns.pdbx_d_res_opt_method                          ? 
_reflns.phase_calculation_details                      ? 
_reflns.pdbx_Rrim_I_all                                ? 
_reflns.pdbx_Rpim_I_all                                0.041 
_reflns.pdbx_d_opt                                     ? 
_reflns.pdbx_number_measured_all                       ? 
_reflns.pdbx_diffrn_id                                 1 
_reflns.pdbx_ordinal                                   1 
_reflns.pdbx_CC_half                                   ? 
_reflns.pdbx_CC_star                                   ? 
_reflns.pdbx_R_split                                   ? 
_reflns.pdbx_Rmerge_I_obs                              ? 
_reflns.pdbx_Rmerge_I_all                              ? 
_reflns.pdbx_Rsym_value                                ? 
_reflns.pdbx_CC_split_method                           ? 
_reflns.pdbx_aniso_diffraction_limit_axis_1_ortho[1]   ? 
_reflns.pdbx_aniso_diffraction_limit_axis_1_ortho[2]   ? 
_reflns.pdbx_aniso_diffraction_limit_axis_1_ortho[3]   ? 
_reflns.pdbx_aniso_diffraction_limit_axis_2_ortho[1]   ? 
_reflns.pdbx_aniso_diffraction_limit_axis_2_ortho[2]   ? 
_reflns.pdbx_aniso_diffraction_limit_axis_2_ortho[3]   ? 
_reflns.pdbx_aniso_diffraction_limit_axis_3_ortho[1]   ? 
_reflns.pdbx_aniso_diffraction_limit_axis_3_ortho[2]   ? 
_reflns.pdbx_aniso_diffraction_limit_axis_3_ortho[3]   ? 
_reflns.pdbx_aniso_diffraction_limit_1                 ? 
_reflns.pdbx_aniso_diffraction_limit_2                 ? 
_reflns.pdbx_aniso_diffraction_limit_3                 ? 
_reflns.pdbx_aniso_B_tensor_eigenvector_1_ortho[1]     ? 
_reflns.pdbx_aniso_B_tensor_eigenvector_1_ortho[2]     ? 
_reflns.pdbx_aniso_B_tensor_eigenvector_1_ortho[3]     ? 
_reflns.pdbx_aniso_B_tensor_eigenvector_2_ortho[1]     ? 
_reflns.pdbx_aniso_B_tensor_eigenvector_2_ortho[2]     ? 
_reflns.pdbx_aniso_B_tensor_eigenvector_2_ortho[3]     ? 
_reflns.pdbx_aniso_B_tensor_eigenvector_3_ortho[1]     ? 
_reflns.pdbx_aniso_B_tensor_eigenvector_3_ortho[2]     ? 
_reflns.pdbx_aniso_B_tensor_eigenvector_3_ortho[3]     ? 
_reflns.pdbx_aniso_B_tensor_eigenvalue_1               ? 
_reflns.pdbx_aniso_B_tensor_eigenvalue_2               ? 
_reflns.pdbx_aniso_B_tensor_eigenvalue_3               ? 
_reflns.pdbx_orthogonalization_convention              ? 
_reflns.pdbx_percent_possible_ellipsoidal              ? 
_reflns.pdbx_percent_possible_spherical                ? 
_reflns.pdbx_percent_possible_ellipsoidal_anomalous    ? 
_reflns.pdbx_percent_possible_spherical_anomalous      ? 
_reflns.pdbx_redundancy_anomalous                      ? 
_reflns.pdbx_CC_half_anomalous                         ? 
_reflns.pdbx_absDiff_over_sigma_anomalous              ? 
_reflns.pdbx_percent_possible_anomalous                ? 
_reflns.pdbx_observed_signal_threshold                 ? 
_reflns.pdbx_signal_type                               ? 
_reflns.pdbx_signal_details                            ? 
_reflns.pdbx_signal_software_id                        ? 
# 
_reflns_shell.d_res_high                                    6.4 
_reflns_shell.d_res_low                                     6.63 
_reflns_shell.meanI_over_sigI_all                           ? 
_reflns_shell.meanI_over_sigI_obs                           ? 
_reflns_shell.number_measured_all                           ? 
_reflns_shell.number_measured_obs                           ? 
_reflns_shell.number_possible                               ? 
_reflns_shell.number_unique_all                             ? 
_reflns_shell.number_unique_obs                             173 
_reflns_shell.percent_possible_obs                          ? 
_reflns_shell.Rmerge_F_all                                  ? 
_reflns_shell.Rmerge_F_obs                                  ? 
_reflns_shell.meanI_over_sigI_gt                            ? 
_reflns_shell.meanI_over_uI_all                             ? 
_reflns_shell.meanI_over_uI_gt                              ? 
_reflns_shell.number_measured_gt                            ? 
_reflns_shell.number_unique_gt                              ? 
_reflns_shell.percent_possible_gt                           ? 
_reflns_shell.Rmerge_F_gt                                   ? 
_reflns_shell.Rmerge_I_gt                                   ? 
_reflns_shell.pdbx_redundancy                               ? 
_reflns_shell.pdbx_chi_squared                              ? 
_reflns_shell.pdbx_netI_over_sigmaI_all                     ? 
_reflns_shell.pdbx_netI_over_sigmaI_obs                     ? 
_reflns_shell.pdbx_Rrim_I_all                               ? 
_reflns_shell.pdbx_Rpim_I_all                               ? 
_reflns_shell.pdbx_rejects                                  ? 
_reflns_shell.pdbx_ordinal                                  1 
_reflns_shell.pdbx_diffrn_id                                1 
_reflns_shell.pdbx_CC_half                                  0.932 
_reflns_shell.pdbx_CC_star                                  ? 
_reflns_shell.pdbx_R_split                                  ? 
_reflns_shell.percent_possible_all                          ? 
_reflns_shell.Rmerge_I_all                                  ? 
_reflns_shell.Rmerge_I_obs                                  ? 
_reflns_shell.pdbx_Rsym_value                               ? 
_reflns_shell.pdbx_percent_possible_ellipsoidal             ? 
_reflns_shell.pdbx_percent_possible_spherical               ? 
_reflns_shell.pdbx_percent_possible_ellipsoidal_anomalous   ? 
_reflns_shell.pdbx_percent_possible_spherical_anomalous     ? 
_reflns_shell.pdbx_redundancy_anomalous                     ? 
_reflns_shell.pdbx_CC_half_anomalous                        ? 
_reflns_shell.pdbx_absDiff_over_sigma_anomalous             ? 
_reflns_shell.pdbx_percent_possible_anomalous               ? 
# 
_refine.aniso_B[1][1]                            ? 
_refine.aniso_B[1][2]                            ? 
_refine.aniso_B[1][3]                            ? 
_refine.aniso_B[2][2]                            ? 
_refine.aniso_B[2][3]                            ? 
_refine.aniso_B[3][3]                            ? 
_refine.B_iso_max                                ? 
_refine.B_iso_mean                               311.61 
_refine.B_iso_min                                ? 
_refine.correlation_coeff_Fo_to_Fc               ? 
_refine.correlation_coeff_Fo_to_Fc_free          ? 
_refine.details                                  ? 
_refine.diff_density_max                         ? 
_refine.diff_density_max_esd                     ? 
_refine.diff_density_min                         ? 
_refine.diff_density_min_esd                     ? 
_refine.diff_density_rms                         ? 
_refine.diff_density_rms_esd                     ? 
_refine.entry_id                                 9DG0 
_refine.pdbx_refine_id                           'X-RAY DIFFRACTION' 
_refine.ls_abs_structure_details                 ? 
_refine.ls_abs_structure_Flack                   ? 
_refine.ls_abs_structure_Flack_esd               ? 
_refine.ls_abs_structure_Rogers                  ? 
_refine.ls_abs_structure_Rogers_esd              ? 
_refine.ls_d_res_high                            6.53 
_refine.ls_d_res_low                             32.32 
_refine.ls_extinction_coef                       ? 
_refine.ls_extinction_coef_esd                   ? 
_refine.ls_extinction_expression                 ? 
_refine.ls_extinction_method                     ? 
_refine.ls_goodness_of_fit_all                   ? 
_refine.ls_goodness_of_fit_all_esd               ? 
_refine.ls_goodness_of_fit_obs                   ? 
_refine.ls_goodness_of_fit_obs_esd               ? 
_refine.ls_hydrogen_treatment                    ? 
_refine.ls_matrix_type                           ? 
_refine.ls_number_constraints                    ? 
_refine.ls_number_parameters                     ? 
_refine.ls_number_reflns_all                     ? 
_refine.ls_number_reflns_obs                     1604 
_refine.ls_number_reflns_R_free                  164 
_refine.ls_number_reflns_R_work                  1440 
_refine.ls_number_restraints                     ? 
_refine.ls_percent_reflns_obs                    99.63 
_refine.ls_percent_reflns_R_free                 10.22 
_refine.ls_R_factor_all                          ? 
_refine.ls_R_factor_obs                          0.1715 
_refine.ls_R_factor_R_free                       0.2184 
_refine.ls_R_factor_R_free_error                 ? 
_refine.ls_R_factor_R_free_error_details         ? 
_refine.ls_R_factor_R_work                       0.1664 
_refine.ls_R_Fsqd_factor_obs                     ? 
_refine.ls_R_I_factor_obs                        ? 
_refine.ls_redundancy_reflns_all                 ? 
_refine.ls_redundancy_reflns_obs                 ? 
_refine.ls_restrained_S_all                      ? 
_refine.ls_restrained_S_obs                      ? 
_refine.ls_shift_over_esd_max                    ? 
_refine.ls_shift_over_esd_mean                   ? 
_refine.ls_structure_factor_coef                 ? 
_refine.ls_weighting_details                     ? 
_refine.ls_weighting_scheme                      ? 
_refine.ls_wR_factor_all                         ? 
_refine.ls_wR_factor_obs                         ? 
_refine.ls_wR_factor_R_free                      ? 
_refine.ls_wR_factor_R_work                      ? 
_refine.occupancy_max                            ? 
_refine.occupancy_min                            ? 
_refine.solvent_model_details                    'FLAT BULK SOLVENT MODEL' 
_refine.solvent_model_param_bsol                 ? 
_refine.solvent_model_param_ksol                 ? 
_refine.pdbx_R_complete                          ? 
_refine.ls_R_factor_gt                           ? 
_refine.ls_goodness_of_fit_gt                    ? 
_refine.ls_goodness_of_fit_ref                   ? 
_refine.ls_shift_over_su_max                     ? 
_refine.ls_shift_over_su_max_lt                  ? 
_refine.ls_shift_over_su_mean                    ? 
_refine.ls_shift_over_su_mean_lt                 ? 
_refine.pdbx_ls_sigma_I                          ? 
_refine.pdbx_ls_sigma_F                          1.96 
_refine.pdbx_ls_sigma_Fsqd                       ? 
_refine.pdbx_data_cutoff_high_absF               ? 
_refine.pdbx_data_cutoff_high_rms_absF           ? 
_refine.pdbx_data_cutoff_low_absF                ? 
_refine.pdbx_isotropic_thermal_model             ? 
_refine.pdbx_ls_cross_valid_method               'FREE R-VALUE' 
_refine.pdbx_method_to_determine_struct          'MOLECULAR REPLACEMENT' 
_refine.pdbx_starting_model                      ? 
_refine.pdbx_stereochemistry_target_values       'GeoStd + Monomer Library + CDL v1.2' 
_refine.pdbx_R_Free_selection_details            ? 
_refine.pdbx_stereochem_target_val_spec_case     ? 
_refine.pdbx_overall_ESU_R                       ? 
_refine.pdbx_overall_ESU_R_Free                  ? 
_refine.pdbx_solvent_vdw_probe_radii             1.1000 
_refine.pdbx_solvent_ion_probe_radii             ? 
_refine.pdbx_solvent_shrinkage_radii             0.9000 
_refine.pdbx_real_space_R                        ? 
_refine.pdbx_density_correlation                 ? 
_refine.pdbx_pd_number_of_powder_patterns        ? 
_refine.pdbx_pd_number_of_points                 ? 
_refine.pdbx_pd_meas_number_of_points            ? 
_refine.pdbx_pd_proc_ls_prof_R_factor            ? 
_refine.pdbx_pd_proc_ls_prof_wR_factor           ? 
_refine.pdbx_pd_Marquardt_correlation_coeff      ? 
_refine.pdbx_pd_Fsqrd_R_factor                   ? 
_refine.pdbx_pd_ls_matrix_band_width             ? 
_refine.pdbx_overall_phase_error                 21.0024 
_refine.pdbx_overall_SU_R_free_Cruickshank_DPI   ? 
_refine.pdbx_overall_SU_R_free_Blow_DPI          ? 
_refine.pdbx_overall_SU_R_Blow_DPI               ? 
_refine.pdbx_TLS_residual_ADP_flag               ? 
_refine.pdbx_diffrn_id                           1 
_refine.overall_SU_B                             ? 
_refine.overall_SU_ML                            0.6441 
_refine.overall_SU_R_Cruickshank_DPI             ? 
_refine.overall_SU_R_free                        ? 
_refine.overall_FOM_free_R_set                   ? 
_refine.overall_FOM_work_R_set                   ? 
_refine.pdbx_average_fsc_overall                 ? 
_refine.pdbx_average_fsc_work                    ? 
_refine.pdbx_average_fsc_free                    ? 
# 
_refine_hist.pdbx_refine_id                   'X-RAY DIFFRACTION' 
_refine_hist.cycle_id                         LAST 
_refine_hist.details                          ? 
_refine_hist.d_res_high                       6.53 
_refine_hist.d_res_low                        32.32 
_refine_hist.number_atoms_solvent             0 
_refine_hist.number_atoms_total               1511 
_refine_hist.number_reflns_all                ? 
_refine_hist.number_reflns_obs                ? 
_refine_hist.number_reflns_R_free             ? 
_refine_hist.number_reflns_R_work             ? 
_refine_hist.R_factor_all                     ? 
_refine_hist.R_factor_obs                     ? 
_refine_hist.R_factor_R_free                  ? 
_refine_hist.R_factor_R_work                  ? 
_refine_hist.pdbx_number_residues_total       ? 
_refine_hist.pdbx_B_iso_mean_ligand           ? 
_refine_hist.pdbx_B_iso_mean_solvent          ? 
_refine_hist.pdbx_number_atoms_protein        0 
_refine_hist.pdbx_number_atoms_nucleic_acid   1511 
_refine_hist.pdbx_number_atoms_ligand         0 
_refine_hist.pdbx_number_atoms_lipid          ? 
_refine_hist.pdbx_number_atoms_carb           ? 
_refine_hist.pdbx_pseudo_atom_details         ? 
# 
loop_
_refine_ls_restr.pdbx_refine_id 
_refine_ls_restr.criterion 
_refine_ls_restr.dev_ideal 
_refine_ls_restr.dev_ideal_target 
_refine_ls_restr.number 
_refine_ls_restr.rejects 
_refine_ls_restr.type 
_refine_ls_restr.weight 
_refine_ls_restr.pdbx_restraint_function 
'X-RAY DIFFRACTION' ? 0.0165  ? 1691 ? f_bond_d           ? ? 
'X-RAY DIFFRACTION' ? 1.5373  ? 2599 ? f_angle_d          ? ? 
'X-RAY DIFFRACTION' ? 0.0914  ? 294  ? f_chiral_restr     ? ? 
'X-RAY DIFFRACTION' ? 0.0072  ? 74   ? f_plane_restr      ? ? 
'X-RAY DIFFRACTION' ? 36.6408 ? 723  ? f_dihedral_angle_d ? ? 
# 
_refine_ls_shell.pdbx_refine_id                   'X-RAY DIFFRACTION' 
_refine_ls_shell.d_res_high                       6.53 
_refine_ls_shell.d_res_low                        32.32 
_refine_ls_shell.number_reflns_all                ? 
_refine_ls_shell.number_reflns_obs                ? 
_refine_ls_shell.number_reflns_R_free             164 
_refine_ls_shell.number_reflns_R_work             1440 
_refine_ls_shell.percent_reflns_obs               99.63 
_refine_ls_shell.percent_reflns_R_free            ? 
_refine_ls_shell.R_factor_all                     ? 
_refine_ls_shell.R_factor_obs                     ? 
_refine_ls_shell.R_factor_R_free_error            ? 
_refine_ls_shell.R_factor_R_work                  0.1664 
_refine_ls_shell.redundancy_reflns_all            ? 
_refine_ls_shell.redundancy_reflns_obs            ? 
_refine_ls_shell.wR_factor_all                    ? 
_refine_ls_shell.wR_factor_obs                    ? 
_refine_ls_shell.wR_factor_R_free                 ? 
_refine_ls_shell.wR_factor_R_work                 ? 
_refine_ls_shell.pdbx_R_complete                  ? 
_refine_ls_shell.pdbx_total_number_of_bins_used   ? 
_refine_ls_shell.pdbx_phase_error                 ? 
_refine_ls_shell.pdbx_fsc_work                    ? 
_refine_ls_shell.pdbx_fsc_free                    ? 
_refine_ls_shell.R_factor_R_free                  0.2184 
# 
_struct.entry_id                     9DG0 
_struct.title                        'T-junction triangle 7-6' 
_struct.pdbx_model_details           ? 
_struct.pdbx_formula_weight          ? 
_struct.pdbx_formula_weight_method   ? 
_struct.pdbx_model_type_details      ? 
_struct.pdbx_CASP_flag               N 
# 
_struct_keywords.entry_id        9DG0 
_struct_keywords.text            'Structure of DNA tensegrity triangle with T junctions, Design T-7-6, DNA' 
_struct_keywords.pdbx_keywords   DNA 
# 
loop_
_struct_asym.id 
_struct_asym.pdbx_blank_PDB_chainid_flag 
_struct_asym.pdbx_modified 
_struct_asym.entity_id 
_struct_asym.details 
A N N 1 ? 
B N N 2 ? 
C N N 3 ? 
D N N 4 ? 
# 
loop_
_struct_ref.id 
_struct_ref.db_name 
_struct_ref.db_code 
_struct_ref.pdbx_db_accession 
_struct_ref.pdbx_db_isoform 
_struct_ref.entity_id 
_struct_ref.pdbx_seq_one_letter_code 
_struct_ref.pdbx_align_begin 
1 PDB 9DG0 9DG0 ? 1 ? 1 
2 PDB 9DG0 9DG0 ? 2 ? 1 
3 PDB 9DG0 9DG0 ? 3 ? 1 
4 PDB 9DG0 9DG0 ? 4 ? 1 
# 
loop_
_struct_ref_seq.align_id 
_struct_ref_seq.ref_id 
_struct_ref_seq.pdbx_PDB_id_code 
_struct_ref_seq.pdbx_strand_id 
_struct_ref_seq.seq_align_beg 
_struct_ref_seq.pdbx_seq_align_beg_ins_code 
_struct_ref_seq.seq_align_end 
_struct_ref_seq.pdbx_seq_align_end_ins_code 
_struct_ref_seq.pdbx_db_accession 
_struct_ref_seq.db_align_beg 
_struct_ref_seq.pdbx_db_align_beg_ins_code 
_struct_ref_seq.db_align_end 
_struct_ref_seq.pdbx_db_align_end_ins_code 
_struct_ref_seq.pdbx_auth_seq_align_beg 
_struct_ref_seq.pdbx_auth_seq_align_end 
1 1 9DG0 A 1 ? 15 ? 9DG0 1 ? 15 ? 1 15 
2 2 9DG0 B 1 ? 6  ? 9DG0 9 ? 14 ? 9 14 
3 3 9DG0 C 1 ? 49 ? 9DG0 1 ? 49 ? 1 49 
4 4 9DG0 E 1 ? 8  ? 9DG0 1 ? 8  ? 1 8  
# 
_pdbx_struct_assembly.id                   1 
_pdbx_struct_assembly.details              author_defined_assembly 
_pdbx_struct_assembly.method_details       ? 
_pdbx_struct_assembly.oligomeric_details   dodecameric 
_pdbx_struct_assembly.oligomeric_count     12 
# 
loop_
_pdbx_struct_assembly_gen.assembly_id 
_pdbx_struct_assembly_gen.oper_expression 
_pdbx_struct_assembly_gen.asym_id_list 
1 1 A,B,C,D 
1 2 A,B,C,D 
1 3 A,B,C,D 
# 
_pdbx_struct_assembly_auth_evidence.id                     1 
_pdbx_struct_assembly_auth_evidence.assembly_id            1 
_pdbx_struct_assembly_auth_evidence.experimental_support   'native gel electrophoresis' 
_pdbx_struct_assembly_auth_evidence.details                ? 
# 
loop_
_pdbx_struct_oper_list.id 
_pdbx_struct_oper_list.type 
_pdbx_struct_oper_list.name 
_pdbx_struct_oper_list.symmetry_operation 
_pdbx_struct_oper_list.matrix[1][1] 
_pdbx_struct_oper_list.matrix[1][2] 
_pdbx_struct_oper_list.matrix[1][3] 
_pdbx_struct_oper_list.vector[1] 
_pdbx_struct_oper_list.matrix[2][1] 
_pdbx_struct_oper_list.matrix[2][2] 
_pdbx_struct_oper_list.matrix[2][3] 
_pdbx_struct_oper_list.vector[2] 
_pdbx_struct_oper_list.matrix[3][1] 
_pdbx_struct_oper_list.matrix[3][2] 
_pdbx_struct_oper_list.matrix[3][3] 
_pdbx_struct_oper_list.vector[3] 
1 'identity operation'         1_555 x,y,z     1.0000000000 0.0000000000 0.0000000000  0.0000000000   0.0000000000 1.0000000000 0.0000000000  0.0000000000   0.0000000000  0.0000000000  1.0000000000  0.0000000000  
2 'crystal symmetry operation' 2_555 -y,x-y,z  0.4234627758 0.6557480684 0.6250389975  -16.0829093908 0.7918177835 0.0672797405 -0.6070403894 17.1367430044  -0.4401180243 0.7519760019  -0.4907425163 26.4835958320 
3 'crystal symmetry operation' 3_555 -x+y,-x,z 0.4234627758 0.7918177835 -0.4401180243 4.8972434669   0.6557480684 0.0672797405 0.7519760019  -10.5216473647 0.6250389975  -0.6070403894 -0.4907425163 33.4517671674 
# 
loop_
_struct_conn.id 
_struct_conn.conn_type_id 
_struct_conn.pdbx_leaving_atom_flag 
_struct_conn.pdbx_PDB_id 
_struct_conn.ptnr1_label_asym_id 
_struct_conn.ptnr1_label_comp_id 
_struct_conn.ptnr1_label_seq_id 
_struct_conn.ptnr1_label_atom_id 
_struct_conn.pdbx_ptnr1_label_alt_id 
_struct_conn.pdbx_ptnr1_PDB_ins_code 
_struct_conn.pdbx_ptnr1_standard_comp_id 
_struct_conn.ptnr1_symmetry 
_struct_conn.ptnr2_label_asym_id 
_struct_conn.ptnr2_label_comp_id 
_struct_conn.ptnr2_label_seq_id 
_struct_conn.ptnr2_label_atom_id 
_struct_conn.pdbx_ptnr2_label_alt_id 
_struct_conn.pdbx_ptnr2_PDB_ins_code 
_struct_conn.ptnr1_auth_asym_id 
_struct_conn.ptnr1_auth_comp_id 
_struct_conn.ptnr1_auth_seq_id 
_struct_conn.ptnr2_auth_asym_id 
_struct_conn.ptnr2_auth_comp_id 
_struct_conn.ptnr2_auth_seq_id 
_struct_conn.ptnr2_symmetry 
_struct_conn.pdbx_ptnr3_label_atom_id 
_struct_conn.pdbx_ptnr3_label_seq_id 
_struct_conn.pdbx_ptnr3_label_comp_id 
_struct_conn.pdbx_ptnr3_label_asym_id 
_struct_conn.pdbx_ptnr3_label_alt_id 
_struct_conn.pdbx_ptnr3_PDB_ins_code 
_struct_conn.details 
_struct_conn.pdbx_dist_value 
_struct_conn.pdbx_value_order 
_struct_conn.pdbx_role 
hydrog1  hydrog ? ? A DG 3  O6 ? ? ? 1_555 B DG 5  N1 ? ? A DG 3  B DG 13 1_555 ? ? ? ? ? ? 'DG-DG MISPAIR' ? ? ? 
hydrog2  hydrog ? ? A DG 3  N1 ? ? ? 1_555 B DC 6  O2 ? ? A DG 3  B DC 14 1_555 ? ? ? ? ? ? 'DG-DC PAIR'    ? ? ? 
hydrog3  hydrog ? ? A DC 4  O2 ? ? ? 1_555 B DG 5  N1 ? ? A DC 4  B DG 13 1_555 ? ? ? ? ? ? 'DC-DG PAIR'    ? ? ? 
hydrog4  hydrog ? ? A DA 5  N1 ? ? ? 1_555 B DT 4  N3 ? ? A DA 5  B DT 12 1_555 ? ? ? ? ? ? WATSON-CRICK    ? ? ? 
hydrog5  hydrog ? ? A DA 5  N6 ? ? ? 1_555 B DT 4  O4 ? ? A DA 5  B DT 12 1_555 ? ? ? ? ? ? WATSON-CRICK    ? ? ? 
hydrog6  hydrog ? ? A DG 6  N1 ? ? ? 1_555 B DC 3  N3 ? ? A DG 6  B DC 11 1_555 ? ? ? ? ? ? WATSON-CRICK    ? ? ? 
hydrog7  hydrog ? ? A DG 6  N2 ? ? ? 1_555 B DC 3  O2 ? ? A DG 6  B DC 11 1_555 ? ? ? ? ? ? WATSON-CRICK    ? ? ? 
hydrog8  hydrog ? ? A DG 6  O6 ? ? ? 1_555 B DC 3  N4 ? ? A DG 6  B DC 11 1_555 ? ? ? ? ? ? WATSON-CRICK    ? ? ? 
hydrog9  hydrog ? ? A DC 7  O2 ? ? ? 1_555 B DG 2  N2 ? ? A DC 7  B DG 10 1_555 ? ? ? ? ? ? 'DC-DG PAIR'    ? ? ? 
hydrog10 hydrog ? ? C DC 13 N3 ? ? ? 1_555 C DG 43 N1 ? ? C DC 13 C DG 43 1_555 ? ? ? ? ? ? WATSON-CRICK    ? ? ? 
hydrog11 hydrog ? ? C DC 13 N4 ? ? ? 1_555 C DG 43 O6 ? ? C DC 13 C DG 43 1_555 ? ? ? ? ? ? WATSON-CRICK    ? ? ? 
hydrog12 hydrog ? ? C DC 13 O2 ? ? ? 1_555 C DG 43 N2 ? ? C DC 13 C DG 43 1_555 ? ? ? ? ? ? WATSON-CRICK    ? ? ? 
hydrog13 hydrog ? ? C DC 14 O2 ? ? ? 1_555 C DG 43 N2 ? ? C DC 14 C DG 43 1_555 ? ? ? ? ? ? 'DC-DG PAIR'    ? ? ? 
hydrog14 hydrog ? ? C DG 15 N1 ? ? ? 1_555 C DC 41 N3 ? ? C DG 15 C DC 41 1_555 ? ? ? ? ? ? WATSON-CRICK    ? ? ? 
hydrog15 hydrog ? ? C DG 15 N2 ? ? ? 1_555 C DC 41 O2 ? ? C DG 15 C DC 41 1_555 ? ? ? ? ? ? WATSON-CRICK    ? ? ? 
hydrog16 hydrog ? ? C DG 15 O6 ? ? ? 1_555 C DC 41 N4 ? ? C DG 15 C DC 41 1_555 ? ? ? ? ? ? WATSON-CRICK    ? ? ? 
hydrog17 hydrog ? ? C DG 16 N2 ? ? ? 1_555 C DC 40 N3 ? ? C DG 16 C DC 40 1_555 ? ? ? ? ? ? 'DG-DC PAIR'    ? ? ? 
hydrog18 hydrog ? ? C DC 17 O2 ? ? ? 1_555 C DG 39 N2 ? ? C DC 17 C DG 39 1_555 ? ? ? ? ? ? 'DC-DG PAIR'    ? ? ? 
hydrog19 hydrog ? ? C DC 18 N4 ? ? ? 1_555 C DG 32 O6 ? ? C DC 18 C DG 32 1_555 ? ? ? ? ? ? 'DC-DG PAIR'    ? ? ? 
hydrog20 hydrog ? ? C DC 19 N3 ? ? ? 1_555 C DG 32 N1 ? ? C DC 19 C DG 32 1_555 ? ? ? ? ? ? WATSON-CRICK    ? ? ? 
hydrog21 hydrog ? ? C DC 19 N4 ? ? ? 1_555 C DG 32 O6 ? ? C DC 19 C DG 32 1_555 ? ? ? ? ? ? WATSON-CRICK    ? ? ? 
hydrog22 hydrog ? ? C DC 19 O2 ? ? ? 1_555 C DG 32 N2 ? ? C DC 19 C DG 32 1_555 ? ? ? ? ? ? WATSON-CRICK    ? ? ? 
hydrog23 hydrog ? ? C DG 20 N1 ? ? ? 1_555 C DC 31 N3 ? ? C DG 20 C DC 31 1_555 ? ? ? ? ? ? WATSON-CRICK    ? ? ? 
hydrog24 hydrog ? ? C DG 20 N2 ? ? ? 1_555 C DC 31 O2 ? ? C DG 20 C DC 31 1_555 ? ? ? ? ? ? WATSON-CRICK    ? ? ? 
hydrog25 hydrog ? ? C DG 20 O6 ? ? ? 1_555 C DC 31 N4 ? ? C DG 20 C DC 31 1_555 ? ? ? ? ? ? WATSON-CRICK    ? ? ? 
hydrog26 hydrog ? ? C DC 21 N3 ? ? ? 1_555 C DG 30 N1 ? ? C DC 21 C DG 30 1_555 ? ? ? ? ? ? WATSON-CRICK    ? ? ? 
hydrog27 hydrog ? ? C DC 21 N4 ? ? ? 1_555 C DG 30 O6 ? ? C DC 21 C DG 30 1_555 ? ? ? ? ? ? WATSON-CRICK    ? ? ? 
hydrog28 hydrog ? ? C DC 21 O2 ? ? ? 1_555 C DG 30 N2 ? ? C DC 21 C DG 30 1_555 ? ? ? ? ? ? WATSON-CRICK    ? ? ? 
hydrog29 hydrog ? ? C DG 22 N1 ? ? ? 1_555 C DC 29 N3 ? ? C DG 22 C DC 29 1_555 ? ? ? ? ? ? WATSON-CRICK    ? ? ? 
hydrog30 hydrog ? ? C DG 22 N2 ? ? ? 1_555 C DC 29 O2 ? ? C DG 22 C DC 29 1_555 ? ? ? ? ? ? WATSON-CRICK    ? ? ? 
hydrog31 hydrog ? ? C DG 22 O6 ? ? ? 1_555 C DC 29 N4 ? ? C DG 22 C DC 29 1_555 ? ? ? ? ? ? WATSON-CRICK    ? ? ? 
hydrog32 hydrog ? ? C DG 23 N1 ? ? ? 1_555 C DC 28 O2 ? ? C DG 23 C DC 28 1_555 ? ? ? ? ? ? 'DG-DC PAIR'    ? ? ? 
hydrog33 hydrog ? ? C DA 44 N1 ? ? ? 1_555 D DT 8  N3 ? ? C DA 44 E DT 8  1_555 ? ? ? ? ? ? WATSON-CRICK    ? ? ? 
hydrog34 hydrog ? ? C DA 44 N6 ? ? ? 1_555 D DT 8  O4 ? ? C DA 44 E DT 8  1_555 ? ? ? ? ? ? WATSON-CRICK    ? ? ? 
hydrog35 hydrog ? ? C DC 45 N3 ? ? ? 1_555 D DG 7  N1 ? ? C DC 45 E DG 7  1_555 ? ? ? ? ? ? WATSON-CRICK    ? ? ? 
hydrog36 hydrog ? ? C DC 45 N4 ? ? ? 1_555 D DG 7  O6 ? ? C DC 45 E DG 7  1_555 ? ? ? ? ? ? WATSON-CRICK    ? ? ? 
hydrog37 hydrog ? ? C DC 45 O2 ? ? ? 1_555 D DG 7  N2 ? ? C DC 45 E DG 7  1_555 ? ? ? ? ? ? WATSON-CRICK    ? ? ? 
hydrog38 hydrog ? ? C DA 46 N1 ? ? ? 1_555 D DT 6  N3 ? ? C DA 46 E DT 6  1_555 ? ? ? ? ? ? 'DA-DT PAIR'    ? ? ? 
hydrog39 hydrog ? ? C DG 47 N1 ? ? ? 1_555 D DC 5  N3 ? ? C DG 47 E DC 5  1_555 ? ? ? ? ? ? WATSON-CRICK    ? ? ? 
hydrog40 hydrog ? ? C DG 47 N2 ? ? ? 1_555 D DC 5  O2 ? ? C DG 47 E DC 5  1_555 ? ? ? ? ? ? WATSON-CRICK    ? ? ? 
hydrog41 hydrog ? ? C DG 47 O6 ? ? ? 1_555 D DC 5  N4 ? ? C DG 47 E DC 5  1_555 ? ? ? ? ? ? WATSON-CRICK    ? ? ? 
hydrog42 hydrog ? ? C DC 48 O2 ? ? ? 1_555 D DG 4  N2 ? ? C DC 48 E DG 4  1_555 ? ? ? ? ? ? 'DC-DG PAIR'    ? ? ? 
hydrog43 hydrog ? ? C DG 49 N1 ? ? ? 1_555 D DC 3  O2 ? ? C DG 49 E DC 3  1_555 ? ? ? ? ? ? 'DG-DC PAIR'    ? ? ? 
# 
_struct_conn_type.id          hydrog 
_struct_conn_type.criteria    ? 
_struct_conn_type.reference   ? 
# 
_pdbx_entry_details.entry_id                   9DG0 
_pdbx_entry_details.compound_details           ? 
_pdbx_entry_details.source_details             ? 
_pdbx_entry_details.nonpolymer_details         ? 
_pdbx_entry_details.sequence_details           ? 
_pdbx_entry_details.has_ligand_of_interest     ? 
_pdbx_entry_details.has_protein_modification   N 
# 
_pdbx_validate_close_contact.id               1 
_pdbx_validate_close_contact.PDB_model_num    1 
_pdbx_validate_close_contact.auth_atom_id_1   O6 
_pdbx_validate_close_contact.auth_asym_id_1   C 
_pdbx_validate_close_contact.auth_comp_id_1   DG 
_pdbx_validate_close_contact.auth_seq_id_1    49 
_pdbx_validate_close_contact.PDB_ins_code_1   ? 
_pdbx_validate_close_contact.label_alt_id_1   ? 
_pdbx_validate_close_contact.auth_atom_id_2   N3 
_pdbx_validate_close_contact.auth_asym_id_2   E 
_pdbx_validate_close_contact.auth_comp_id_2   DC 
_pdbx_validate_close_contact.auth_seq_id_2    3 
_pdbx_validate_close_contact.PDB_ins_code_2   ? 
_pdbx_validate_close_contact.label_alt_id_2   ? 
_pdbx_validate_close_contact.dist             2.13 
# 
_pdbx_validate_symm_contact.id                1 
_pdbx_validate_symm_contact.PDB_model_num     1 
_pdbx_validate_symm_contact.auth_atom_id_1    N2 
_pdbx_validate_symm_contact.auth_asym_id_1    A 
_pdbx_validate_symm_contact.auth_comp_id_1    DG 
_pdbx_validate_symm_contact.auth_seq_id_1     10 
_pdbx_validate_symm_contact.PDB_ins_code_1    ? 
_pdbx_validate_symm_contact.label_alt_id_1    ? 
_pdbx_validate_symm_contact.site_symmetry_1   1_555 
_pdbx_validate_symm_contact.auth_atom_id_2    O2 
_pdbx_validate_symm_contact.auth_asym_id_2    C 
_pdbx_validate_symm_contact.auth_comp_id_2    DC 
_pdbx_validate_symm_contact.auth_seq_id_2     11 
_pdbx_validate_symm_contact.PDB_ins_code_2    ? 
_pdbx_validate_symm_contact.label_alt_id_2    ? 
_pdbx_validate_symm_contact.site_symmetry_2   3_555 
_pdbx_validate_symm_contact.dist              2.09 
# 
loop_
_pdbx_validate_rmsd_bond.id 
_pdbx_validate_rmsd_bond.PDB_model_num 
_pdbx_validate_rmsd_bond.auth_atom_id_1 
_pdbx_validate_rmsd_bond.auth_asym_id_1 
_pdbx_validate_rmsd_bond.auth_comp_id_1 
_pdbx_validate_rmsd_bond.auth_seq_id_1 
_pdbx_validate_rmsd_bond.PDB_ins_code_1 
_pdbx_validate_rmsd_bond.label_alt_id_1 
_pdbx_validate_rmsd_bond.auth_atom_id_2 
_pdbx_validate_rmsd_bond.auth_asym_id_2 
_pdbx_validate_rmsd_bond.auth_comp_id_2 
_pdbx_validate_rmsd_bond.auth_seq_id_2 
_pdbx_validate_rmsd_bond.PDB_ins_code_2 
_pdbx_validate_rmsd_bond.label_alt_id_2 
_pdbx_validate_rmsd_bond.bond_value 
_pdbx_validate_rmsd_bond.bond_target_value 
_pdbx_validate_rmsd_bond.bond_deviation 
_pdbx_validate_rmsd_bond.bond_standard_deviation 
_pdbx_validate_rmsd_bond.linker_flag 
1  1 "O3'" A DC 1  ? ? "C3'" A DC 1  ? ? 1.516 1.435 0.081  0.013 N 
2  1 "C1'" A DC 1  ? ? N1    A DC 1  ? ? 1.599 1.488 0.111  0.013 N 
3  1 "C5'" A DA 5  ? ? "C4'" A DA 5  ? ? 1.558 1.512 0.046  0.007 N 
4  1 "C1'" A DT 9  ? ? N1    A DT 9  ? ? 1.567 1.488 0.079  0.013 N 
5  1 "O3'" A DA 11 ? ? "C3'" A DA 11 ? ? 1.382 1.419 -0.037 0.006 N 
6  1 N9    A DA 12 ? ? C4    A DA 12 ? ? 1.337 1.374 -0.037 0.006 N 
7  1 "O3'" B DG 10 ? ? "C3'" B DG 10 ? ? 1.375 1.419 -0.044 0.006 N 
8  1 "O3'" C DC 3  ? ? "C3'" C DC 3  ? ? 1.537 1.435 0.102  0.013 N 
9  1 "O3'" C DT 7  ? ? "C3'" C DT 7  ? ? 1.363 1.419 -0.056 0.006 N 
10 1 "O3'" C DT 34 ? ? "C3'" C DT 34 ? ? 1.371 1.419 -0.048 0.006 N 
11 1 "O3'" C DC 45 ? ? "C3'" C DC 45 ? ? 1.379 1.419 -0.040 0.006 N 
12 1 "O3'" C DA 46 ? ? "C3'" C DA 46 ? ? 1.381 1.419 -0.038 0.006 N 
13 1 "O3'" C DC 48 ? ? "C3'" C DC 48 ? ? 1.357 1.419 -0.062 0.006 N 
14 1 "O3'" E DC 3  ? ? "C3'" E DC 3  ? ? 1.365 1.419 -0.054 0.006 N 
15 1 "C1'" E DT 6  ? ? N1    E DT 6  ? ? 1.376 1.468 -0.092 0.014 N 
16 1 N9    E DG 7  ? ? C4    E DG 7  ? ? 1.325 1.375 -0.050 0.008 N 
17 1 "C1'" E DT 8  ? ? N1    E DT 8  ? ? 1.379 1.468 -0.089 0.014 N 
# 
loop_
_pdbx_validate_rmsd_angle.id 
_pdbx_validate_rmsd_angle.PDB_model_num 
_pdbx_validate_rmsd_angle.auth_atom_id_1 
_pdbx_validate_rmsd_angle.auth_asym_id_1 
_pdbx_validate_rmsd_angle.auth_comp_id_1 
_pdbx_validate_rmsd_angle.auth_seq_id_1 
_pdbx_validate_rmsd_angle.PDB_ins_code_1 
_pdbx_validate_rmsd_angle.label_alt_id_1 
_pdbx_validate_rmsd_angle.auth_atom_id_2 
_pdbx_validate_rmsd_angle.auth_asym_id_2 
_pdbx_validate_rmsd_angle.auth_comp_id_2 
_pdbx_validate_rmsd_angle.auth_seq_id_2 
_pdbx_validate_rmsd_angle.PDB_ins_code_2 
_pdbx_validate_rmsd_angle.label_alt_id_2 
_pdbx_validate_rmsd_angle.auth_atom_id_3 
_pdbx_validate_rmsd_angle.auth_asym_id_3 
_pdbx_validate_rmsd_angle.auth_comp_id_3 
_pdbx_validate_rmsd_angle.auth_seq_id_3 
_pdbx_validate_rmsd_angle.PDB_ins_code_3 
_pdbx_validate_rmsd_angle.label_alt_id_3 
_pdbx_validate_rmsd_angle.angle_value 
_pdbx_validate_rmsd_angle.angle_target_value 
_pdbx_validate_rmsd_angle.angle_deviation 
_pdbx_validate_rmsd_angle.angle_standard_deviation 
_pdbx_validate_rmsd_angle.linker_flag 
1  1 "O4'" A DC 1  ? ? "C1'" A DC 1  ? ? N1    A DC 1  ? ? 111.31 108.30 3.01  0.30 N 
2  1 "O5'" A DC 8  ? ? P     A DC 8  ? ? OP1   A DC 8  ? ? 99.46  105.70 -6.24 0.90 N 
3  1 "O4'" A DC 8  ? ? "C1'" A DC 8  ? ? N1    A DC 8  ? ? 110.80 108.30 2.50  0.30 N 
4  1 "O4'" A DT 9  ? ? "C1'" A DT 9  ? ? N1    A DT 9  ? ? 111.29 108.30 2.99  0.30 N 
5  1 "O4'" A DT 13 ? ? "C1'" A DT 13 ? ? N1    A DT 13 ? ? 110.63 108.30 2.33  0.30 N 
6  1 "O4'" B DG 13 ? ? "C1'" B DG 13 ? ? N9    B DG 13 ? ? 111.67 108.30 3.37  0.30 N 
7  1 "O4'" B DC 14 ? ? "C1'" B DC 14 ? ? N1    B DC 14 ? ? 112.08 108.30 3.78  0.30 N 
8  1 "O4'" C DG 2  ? ? "C1'" C DG 2  ? ? N9    C DG 2  ? ? 110.22 108.30 1.92  0.30 N 
9  1 "O5'" C DA 5  ? ? P     C DA 5  ? ? OP1   C DA 5  ? ? 98.64  105.70 -7.06 0.90 N 
10 1 "O5'" C DG 6  ? ? P     C DG 6  ? ? OP2   C DG 6  ? ? 99.00  105.70 -6.70 0.90 N 
11 1 "O4'" C DG 6  ? ? "C1'" C DG 6  ? ? N9    C DG 6  ? ? 110.89 108.30 2.59  0.30 N 
12 1 "C3'" C DT 7  ? ? "C2'" C DT 7  ? ? "C1'" C DT 7  ? ? 97.54  102.40 -4.86 0.80 N 
13 1 "O4'" C DT 7  ? ? "C1'" C DT 7  ? ? N1    C DT 7  ? ? 111.59 108.30 3.29  0.30 N 
14 1 "O4'" C DT 9  ? ? "C1'" C DT 9  ? ? N1    C DT 9  ? ? 111.05 108.30 2.75  0.30 N 
15 1 "O4'" C DT 10 ? ? "C1'" C DT 10 ? ? N1    C DT 10 ? ? 110.11 108.30 1.81  0.30 N 
16 1 "O4'" C DC 14 ? ? "C1'" C DC 14 ? ? N1    C DC 14 ? ? 110.78 108.30 2.48  0.30 N 
17 1 "O4'" C DG 32 ? ? "C1'" C DG 32 ? ? N9    C DG 32 ? ? 111.28 108.30 2.98  0.30 N 
18 1 "O4'" C DG 33 ? ? "C1'" C DG 33 ? ? N9    C DG 33 ? ? 110.21 108.30 1.91  0.30 N 
19 1 "O4'" C DA 44 ? ? "C1'" C DA 44 ? ? N9    C DA 44 ? ? 111.93 108.30 3.63  0.30 N 
20 1 "C3'" C DG 47 ? ? "C2'" C DG 47 ? ? "C1'" C DG 47 ? ? 95.46  102.40 -6.94 0.80 N 
21 1 "O4'" C DG 47 ? ? "C1'" C DG 47 ? ? N9    C DG 47 ? ? 111.78 108.30 3.48  0.30 N 
22 1 "O4'" E DG 2  ? ? "C1'" E DG 2  ? ? N9    E DG 2  ? ? 110.64 108.30 2.34  0.30 N 
23 1 "C3'" E DT 6  ? ? "C2'" E DT 6  ? ? "C1'" E DT 6  ? ? 97.48  102.40 -4.92 0.80 N 
# 
loop_
_space_group_symop.id 
_space_group_symop.operation_xyz 
1 x,y,z                 
2 -y,x-y,z              
3 -x+y,-x,z             
4 x+1/3,y+2/3,z+2/3     
5 -y+1/3,x-y+2/3,z+2/3  
6 -x+y+1/3,-x+2/3,z+2/3 
7 x+2/3,y+1/3,z+1/3     
8 -y+2/3,x-y+1/3,z+1/3  
9 -x+y+2/3,-x+1/3,z+1/3 
# 
loop_
_pdbx_unobs_or_zero_occ_residues.id 
_pdbx_unobs_or_zero_occ_residues.PDB_model_num 
_pdbx_unobs_or_zero_occ_residues.polymer_flag 
_pdbx_unobs_or_zero_occ_residues.occupancy_flag 
_pdbx_unobs_or_zero_occ_residues.auth_asym_id 
_pdbx_unobs_or_zero_occ_residues.auth_comp_id 
_pdbx_unobs_or_zero_occ_residues.auth_seq_id 
_pdbx_unobs_or_zero_occ_residues.PDB_ins_code 
_pdbx_unobs_or_zero_occ_residues.label_asym_id 
_pdbx_unobs_or_zero_occ_residues.label_comp_id 
_pdbx_unobs_or_zero_occ_residues.label_seq_id 
1 1 Y 1 C DT 24 ? C DT 24 
2 1 Y 1 C DT 25 ? C DT 25 
3 1 Y 1 C DT 26 ? C DT 26 
4 1 Y 1 C DT 27 ? C DT 27 
# 
loop_
_chem_comp_atom.comp_id 
_chem_comp_atom.atom_id 
_chem_comp_atom.type_symbol 
_chem_comp_atom.pdbx_aromatic_flag 
_chem_comp_atom.pdbx_stereo_config 
_chem_comp_atom.pdbx_ordinal 
DA OP3    O N N 1   
DA P      P N N 2   
DA OP1    O N N 3   
DA OP2    O N N 4   
DA "O5'"  O N N 5   
DA "C5'"  C N N 6   
DA "C4'"  C N R 7   
DA "O4'"  O N N 8   
DA "C3'"  C N S 9   
DA "O3'"  O N N 10  
DA "C2'"  C N N 11  
DA "C1'"  C N R 12  
DA N9     N Y N 13  
DA C8     C Y N 14  
DA N7     N Y N 15  
DA C5     C Y N 16  
DA C6     C Y N 17  
DA N6     N N N 18  
DA N1     N Y N 19  
DA C2     C Y N 20  
DA N3     N Y N 21  
DA C4     C Y N 22  
DA HOP3   H N N 23  
DA HOP2   H N N 24  
DA "H5'"  H N N 25  
DA "H5''" H N N 26  
DA "H4'"  H N N 27  
DA "H3'"  H N N 28  
DA "HO3'" H N N 29  
DA "H2'"  H N N 30  
DA "H2''" H N N 31  
DA "H1'"  H N N 32  
DA H8     H N N 33  
DA H61    H N N 34  
DA H62    H N N 35  
DA H2     H N N 36  
DC OP3    O N N 37  
DC P      P N N 38  
DC OP1    O N N 39  
DC OP2    O N N 40  
DC "O5'"  O N N 41  
DC "C5'"  C N N 42  
DC "C4'"  C N R 43  
DC "O4'"  O N N 44  
DC "C3'"  C N S 45  
DC "O3'"  O N N 46  
DC "C2'"  C N N 47  
DC "C1'"  C N R 48  
DC N1     N N N 49  
DC C2     C N N 50  
DC O2     O N N 51  
DC N3     N N N 52  
DC C4     C N N 53  
DC N4     N N N 54  
DC C5     C N N 55  
DC C6     C N N 56  
DC HOP3   H N N 57  
DC HOP2   H N N 58  
DC "H5'"  H N N 59  
DC "H5''" H N N 60  
DC "H4'"  H N N 61  
DC "H3'"  H N N 62  
DC "HO3'" H N N 63  
DC "H2'"  H N N 64  
DC "H2''" H N N 65  
DC "H1'"  H N N 66  
DC H41    H N N 67  
DC H42    H N N 68  
DC H5     H N N 69  
DC H6     H N N 70  
DG OP3    O N N 71  
DG P      P N N 72  
DG OP1    O N N 73  
DG OP2    O N N 74  
DG "O5'"  O N N 75  
DG "C5'"  C N N 76  
DG "C4'"  C N R 77  
DG "O4'"  O N N 78  
DG "C3'"  C N S 79  
DG "O3'"  O N N 80  
DG "C2'"  C N N 81  
DG "C1'"  C N R 82  
DG N9     N Y N 83  
DG C8     C Y N 84  
DG N7     N Y N 85  
DG C5     C Y N 86  
DG C6     C N N 87  
DG O6     O N N 88  
DG N1     N N N 89  
DG C2     C N N 90  
DG N2     N N N 91  
DG N3     N N N 92  
DG C4     C Y N 93  
DG HOP3   H N N 94  
DG HOP2   H N N 95  
DG "H5'"  H N N 96  
DG "H5''" H N N 97  
DG "H4'"  H N N 98  
DG "H3'"  H N N 99  
DG "HO3'" H N N 100 
DG "H2'"  H N N 101 
DG "H2''" H N N 102 
DG "H1'"  H N N 103 
DG H8     H N N 104 
DG H1     H N N 105 
DG H21    H N N 106 
DG H22    H N N 107 
DT OP3    O N N 108 
DT P      P N N 109 
DT OP1    O N N 110 
DT OP2    O N N 111 
DT "O5'"  O N N 112 
DT "C5'"  C N N 113 
DT "C4'"  C N R 114 
DT "O4'"  O N N 115 
DT "C3'"  C N S 116 
DT "O3'"  O N N 117 
DT "C2'"  C N N 118 
DT "C1'"  C N R 119 
DT N1     N N N 120 
DT C2     C N N 121 
DT O2     O N N 122 
DT N3     N N N 123 
DT C4     C N N 124 
DT O4     O N N 125 
DT C5     C N N 126 
DT C7     C N N 127 
DT C6     C N N 128 
DT HOP3   H N N 129 
DT HOP2   H N N 130 
DT "H5'"  H N N 131 
DT "H5''" H N N 132 
DT "H4'"  H N N 133 
DT "H3'"  H N N 134 
DT "HO3'" H N N 135 
DT "H2'"  H N N 136 
DT "H2''" H N N 137 
DT "H1'"  H N N 138 
DT H3     H N N 139 
DT H71    H N N 140 
DT H72    H N N 141 
DT H73    H N N 142 
DT H6     H N N 143 
# 
loop_
_chem_comp_bond.comp_id 
_chem_comp_bond.atom_id_1 
_chem_comp_bond.atom_id_2 
_chem_comp_bond.value_order 
_chem_comp_bond.pdbx_aromatic_flag 
_chem_comp_bond.pdbx_stereo_config 
_chem_comp_bond.pdbx_ordinal 
DA OP3   P      sing N N 1   
DA OP3   HOP3   sing N N 2   
DA P     OP1    doub N N 3   
DA P     OP2    sing N N 4   
DA P     "O5'"  sing N N 5   
DA OP2   HOP2   sing N N 6   
DA "O5'" "C5'"  sing N N 7   
DA "C5'" "C4'"  sing N N 8   
DA "C5'" "H5'"  sing N N 9   
DA "C5'" "H5''" sing N N 10  
DA "C4'" "O4'"  sing N N 11  
DA "C4'" "C3'"  sing N N 12  
DA "C4'" "H4'"  sing N N 13  
DA "O4'" "C1'"  sing N N 14  
DA "C3'" "O3'"  sing N N 15  
DA "C3'" "C2'"  sing N N 16  
DA "C3'" "H3'"  sing N N 17  
DA "O3'" "HO3'" sing N N 18  
DA "C2'" "C1'"  sing N N 19  
DA "C2'" "H2'"  sing N N 20  
DA "C2'" "H2''" sing N N 21  
DA "C1'" N9     sing N N 22  
DA "C1'" "H1'"  sing N N 23  
DA N9    C8     sing Y N 24  
DA N9    C4     sing Y N 25  
DA C8    N7     doub Y N 26  
DA C8    H8     sing N N 27  
DA N7    C5     sing Y N 28  
DA C5    C6     sing Y N 29  
DA C5    C4     doub Y N 30  
DA C6    N6     sing N N 31  
DA C6    N1     doub Y N 32  
DA N6    H61    sing N N 33  
DA N6    H62    sing N N 34  
DA N1    C2     sing Y N 35  
DA C2    N3     doub Y N 36  
DA C2    H2     sing N N 37  
DA N3    C4     sing Y N 38  
DC OP3   P      sing N N 39  
DC OP3   HOP3   sing N N 40  
DC P     OP1    doub N N 41  
DC P     OP2    sing N N 42  
DC P     "O5'"  sing N N 43  
DC OP2   HOP2   sing N N 44  
DC "O5'" "C5'"  sing N N 45  
DC "C5'" "C4'"  sing N N 46  
DC "C5'" "H5'"  sing N N 47  
DC "C5'" "H5''" sing N N 48  
DC "C4'" "O4'"  sing N N 49  
DC "C4'" "C3'"  sing N N 50  
DC "C4'" "H4'"  sing N N 51  
DC "O4'" "C1'"  sing N N 52  
DC "C3'" "O3'"  sing N N 53  
DC "C3'" "C2'"  sing N N 54  
DC "C3'" "H3'"  sing N N 55  
DC "O3'" "HO3'" sing N N 56  
DC "C2'" "C1'"  sing N N 57  
DC "C2'" "H2'"  sing N N 58  
DC "C2'" "H2''" sing N N 59  
DC "C1'" N1     sing N N 60  
DC "C1'" "H1'"  sing N N 61  
DC N1    C2     sing N N 62  
DC N1    C6     sing N N 63  
DC C2    O2     doub N N 64  
DC C2    N3     sing N N 65  
DC N3    C4     doub N N 66  
DC C4    N4     sing N N 67  
DC C4    C5     sing N N 68  
DC N4    H41    sing N N 69  
DC N4    H42    sing N N 70  
DC C5    C6     doub N N 71  
DC C5    H5     sing N N 72  
DC C6    H6     sing N N 73  
DG OP3   P      sing N N 74  
DG OP3   HOP3   sing N N 75  
DG P     OP1    doub N N 76  
DG P     OP2    sing N N 77  
DG P     "O5'"  sing N N 78  
DG OP2   HOP2   sing N N 79  
DG "O5'" "C5'"  sing N N 80  
DG "C5'" "C4'"  sing N N 81  
DG "C5'" "H5'"  sing N N 82  
DG "C5'" "H5''" sing N N 83  
DG "C4'" "O4'"  sing N N 84  
DG "C4'" "C3'"  sing N N 85  
DG "C4'" "H4'"  sing N N 86  
DG "O4'" "C1'"  sing N N 87  
DG "C3'" "O3'"  sing N N 88  
DG "C3'" "C2'"  sing N N 89  
DG "C3'" "H3'"  sing N N 90  
DG "O3'" "HO3'" sing N N 91  
DG "C2'" "C1'"  sing N N 92  
DG "C2'" "H2'"  sing N N 93  
DG "C2'" "H2''" sing N N 94  
DG "C1'" N9     sing N N 95  
DG "C1'" "H1'"  sing N N 96  
DG N9    C8     sing Y N 97  
DG N9    C4     sing Y N 98  
DG C8    N7     doub Y N 99  
DG C8    H8     sing N N 100 
DG N7    C5     sing Y N 101 
DG C5    C6     sing N N 102 
DG C5    C4     doub Y N 103 
DG C6    O6     doub N N 104 
DG C6    N1     sing N N 105 
DG N1    C2     sing N N 106 
DG N1    H1     sing N N 107 
DG C2    N2     sing N N 108 
DG C2    N3     doub N N 109 
DG N2    H21    sing N N 110 
DG N2    H22    sing N N 111 
DG N3    C4     sing N N 112 
DT OP3   P      sing N N 113 
DT OP3   HOP3   sing N N 114 
DT P     OP1    doub N N 115 
DT P     OP2    sing N N 116 
DT P     "O5'"  sing N N 117 
DT OP2   HOP2   sing N N 118 
DT "O5'" "C5'"  sing N N 119 
DT "C5'" "C4'"  sing N N 120 
DT "C5'" "H5'"  sing N N 121 
DT "C5'" "H5''" sing N N 122 
DT "C4'" "O4'"  sing N N 123 
DT "C4'" "C3'"  sing N N 124 
DT "C4'" "H4'"  sing N N 125 
DT "O4'" "C1'"  sing N N 126 
DT "C3'" "O3'"  sing N N 127 
DT "C3'" "C2'"  sing N N 128 
DT "C3'" "H3'"  sing N N 129 
DT "O3'" "HO3'" sing N N 130 
DT "C2'" "C1'"  sing N N 131 
DT "C2'" "H2'"  sing N N 132 
DT "C2'" "H2''" sing N N 133 
DT "C1'" N1     sing N N 134 
DT "C1'" "H1'"  sing N N 135 
DT N1    C2     sing N N 136 
DT N1    C6     sing N N 137 
DT C2    O2     doub N N 138 
DT C2    N3     sing N N 139 
DT N3    C4     sing N N 140 
DT N3    H3     sing N N 141 
DT C4    O4     doub N N 142 
DT C4    C5     sing N N 143 
DT C5    C7     sing N N 144 
DT C5    C6     doub N N 145 
DT C7    H71    sing N N 146 
DT C7    H72    sing N N 147 
DT C7    H73    sing N N 148 
DT C6    H6     sing N N 149 
# 
loop_
_ndb_struct_conf_na.entry_id 
_ndb_struct_conf_na.feature 
9DG0 'double helix'        
9DG0 'a-form double helix' 
9DG0 'b-form double helix' 
# 
loop_
_ndb_struct_na_base_pair.model_number 
_ndb_struct_na_base_pair.i_label_asym_id 
_ndb_struct_na_base_pair.i_label_comp_id 
_ndb_struct_na_base_pair.i_label_seq_id 
_ndb_struct_na_base_pair.i_symmetry 
_ndb_struct_na_base_pair.j_label_asym_id 
_ndb_struct_na_base_pair.j_label_comp_id 
_ndb_struct_na_base_pair.j_label_seq_id 
_ndb_struct_na_base_pair.j_symmetry 
_ndb_struct_na_base_pair.shear 
_ndb_struct_na_base_pair.stretch 
_ndb_struct_na_base_pair.stagger 
_ndb_struct_na_base_pair.buckle 
_ndb_struct_na_base_pair.propeller 
_ndb_struct_na_base_pair.opening 
_ndb_struct_na_base_pair.pair_number 
_ndb_struct_na_base_pair.pair_name 
_ndb_struct_na_base_pair.i_auth_asym_id 
_ndb_struct_na_base_pair.i_auth_seq_id 
_ndb_struct_na_base_pair.i_PDB_ins_code 
_ndb_struct_na_base_pair.j_auth_asym_id 
_ndb_struct_na_base_pair.j_auth_seq_id 
_ndb_struct_na_base_pair.j_PDB_ins_code 
_ndb_struct_na_base_pair.hbond_type_28 
_ndb_struct_na_base_pair.hbond_type_12 
1 A DG 3  1_555 B DC 6  1_555 -2.022 0.196  -1.541 -28.188 2.030   -2.201  1  A_DG3:DC14_B  A 3  ? B 14 ? ?  ? 
1 A DC 4  1_555 B DG 5  1_555 2.065  0.077  -0.280 31.256  -6.209  12.035  2  A_DC4:DG13_B  A 4  ? B 13 ? ?  1 
1 A DA 5  1_555 B DT 4  1_555 -1.380 -0.897 -0.801 2.308   -13.269 -3.288  3  A_DA5:DT12_B  A 5  ? B 12 ? 20 1 
1 A DG 6  1_555 B DC 3  1_555 -0.005 -0.082 0.759  3.474   -6.467  9.801   4  A_DG6:DC11_B  A 6  ? B 11 ? 19 1 
1 A DC 7  1_555 B DG 2  1_555 1.509  -0.498 2.086  -17.598 -6.899  20.493  5  A_DC7:DG10_B  A 7  ? B 10 ? ?  1 
1 C DG 39 1_555 C DC 17 1_555 -0.274 0.894  0.430  -0.442  -14.154 18.717  6  C_DG39:DC17_C C 39 ? C 17 ? ?  1 
1 C DC 40 1_555 C DG 16 1_555 -2.550 -0.095 1.003  3.334   -26.736 -4.873  7  C_DC40:DG16_C C 40 ? C 16 ? ?  1 
1 C DC 41 1_555 C DG 15 1_555 0.463  -0.257 1.076  5.741   -19.607 -14.005 8  C_DC41:DG15_C C 41 ? C 15 ? 19 1 
1 C DG 43 1_555 C DC 13 1_555 0.361  -0.493 -0.808 3.193   -4.817  -8.859  9  C_DG43:DC13_C C 43 ? C 13 ? 19 1 
1 C DA 44 1_555 D DT 8  1_555 1.172  -0.188 -0.700 5.179   -9.686  5.874   10 C_DA44:DT8_E  C 44 ? E 8  ? 20 1 
1 C DC 45 1_555 D DG 7  1_555 1.281  -0.207 -0.965 20.872  -8.927  4.479   11 C_DC45:DG7_E  C 45 ? E 7  ? 19 1 
1 C DA 46 1_555 D DT 6  1_555 0.677  0.594  1.636  19.644  -14.904 14.644  12 C_DA46:DT6_E  C 46 ? E 6  ? ?  ? 
1 C DG 47 1_555 D DC 5  1_555 -1.982 -0.533 0.550  3.524   -19.340 8.287   13 C_DG47:DC5_E  C 47 ? E 5  ? 19 1 
1 C DC 48 1_555 D DG 4  1_555 0.268  0.449  1.959  -7.708  -17.284 21.036  14 C_DC48:DG4_E  C 48 ? E 4  ? ?  1 
1 C DG 49 1_555 D DC 3  1_555 -2.717 -1.443 -0.915 -8.795  -31.849 -6.499  15 C_DG49:DC3_E  C 49 ? E 3  ? ?  1 
1 C DC 19 1_555 C DG 32 1_555 1.683  -0.794 0.289  11.658  -20.255 -9.115  16 C_DC19:DG32_C C 19 ? C 32 ? 19 1 
1 C DG 20 1_555 C DC 31 1_555 -2.271 -1.013 -0.996 -2.613  -9.261  3.955   17 C_DG20:DC31_C C 20 ? C 31 ? 19 1 
1 C DC 21 1_555 C DG 30 1_555 1.949  -0.785 -1.334 26.025  -11.471 6.829   18 C_DC21:DG30_C C 21 ? C 30 ? 19 1 
1 C DG 22 1_555 C DC 29 1_555 -1.454 -0.640 0.139  16.822  -2.675  7.523   19 C_DG22:DC29_C C 22 ? C 29 ? 19 1 
1 C DG 23 1_555 C DC 28 1_555 -2.917 -0.775 1.147  -57.082 -21.699 -4.052  20 C_DG23:DC28_C C 23 ? C 28 ? ?  ? 
# 
loop_
_ndb_struct_na_base_pair_step.model_number 
_ndb_struct_na_base_pair_step.i_label_asym_id_1 
_ndb_struct_na_base_pair_step.i_label_comp_id_1 
_ndb_struct_na_base_pair_step.i_label_seq_id_1 
_ndb_struct_na_base_pair_step.i_symmetry_1 
_ndb_struct_na_base_pair_step.j_label_asym_id_1 
_ndb_struct_na_base_pair_step.j_label_comp_id_1 
_ndb_struct_na_base_pair_step.j_label_seq_id_1 
_ndb_struct_na_base_pair_step.j_symmetry_1 
_ndb_struct_na_base_pair_step.i_label_asym_id_2 
_ndb_struct_na_base_pair_step.i_label_comp_id_2 
_ndb_struct_na_base_pair_step.i_label_seq_id_2 
_ndb_struct_na_base_pair_step.i_symmetry_2 
_ndb_struct_na_base_pair_step.j_label_asym_id_2 
_ndb_struct_na_base_pair_step.j_label_comp_id_2 
_ndb_struct_na_base_pair_step.j_label_seq_id_2 
_ndb_struct_na_base_pair_step.j_symmetry_2 
_ndb_struct_na_base_pair_step.shift 
_ndb_struct_na_base_pair_step.slide 
_ndb_struct_na_base_pair_step.rise 
_ndb_struct_na_base_pair_step.tilt 
_ndb_struct_na_base_pair_step.roll 
_ndb_struct_na_base_pair_step.twist 
_ndb_struct_na_base_pair_step.x_displacement 
_ndb_struct_na_base_pair_step.y_displacement 
_ndb_struct_na_base_pair_step.helical_rise 
_ndb_struct_na_base_pair_step.inclination 
_ndb_struct_na_base_pair_step.tip 
_ndb_struct_na_base_pair_step.helical_twist 
_ndb_struct_na_base_pair_step.step_number 
_ndb_struct_na_base_pair_step.step_name 
_ndb_struct_na_base_pair_step.i_auth_asym_id_1 
_ndb_struct_na_base_pair_step.i_auth_seq_id_1 
_ndb_struct_na_base_pair_step.i_PDB_ins_code_1 
_ndb_struct_na_base_pair_step.j_auth_asym_id_1 
_ndb_struct_na_base_pair_step.j_auth_seq_id_1 
_ndb_struct_na_base_pair_step.j_PDB_ins_code_1 
_ndb_struct_na_base_pair_step.i_auth_asym_id_2 
_ndb_struct_na_base_pair_step.i_auth_seq_id_2 
_ndb_struct_na_base_pair_step.i_PDB_ins_code_2 
_ndb_struct_na_base_pair_step.j_auth_asym_id_2 
_ndb_struct_na_base_pair_step.j_auth_seq_id_2 
_ndb_struct_na_base_pair_step.j_PDB_ins_code_2 
1 A DG 3  1_555 B DC 6  1_555 A DC 4  1_555 B DG 5  1_555 0.832  1.162  1.444 -10.297 9.396   47.962 1.070  -1.325 1.438 11.284  
12.366  49.832 1  AA_DG3DC4:DG13DC14_BB   A 3  ? B 14 ? A 4  ? B 13 ? 
1 A DC 4  1_555 B DG 5  1_555 A DA 5  1_555 B DT 4  1_555 -2.004 -0.443 3.377 -7.092  6.651   20.996 -3.683 2.252  3.553 17.117  
18.252  23.115 2  AA_DC4DA5:DT12DG13_BB   A 4  ? B 13 ? A 5  ? B 12 ? 
1 A DA 5  1_555 B DT 4  1_555 A DG 6  1_555 B DC 3  1_555 0.987  -1.134 3.324 -9.644  -7.520  47.331 -0.790 -1.942 3.211 -9.189  
11.784  48.797 3  AA_DA5DG6:DC11DT12_BB   A 5  ? B 12 ? A 6  ? B 11 ? 
1 A DG 6  1_555 B DC 3  1_555 A DC 7  1_555 B DG 2  1_555 -0.297 -0.167 4.171 -6.664  -14.399 49.357 1.070  -0.244 4.074 -16.749 
7.752   51.692 4  AA_DG6DC7:DG10DC11_BB   A 6  ? B 11 ? A 7  ? B 10 ? 
1 C DG 39 1_555 C DC 17 1_555 C DC 40 1_555 C DG 16 1_555 -0.744 -1.214 2.927 -6.101  -8.338  27.330 -0.640 0.182  3.238 -16.899 
12.365  29.183 5  CC_DG39DC40:DG16DC17_CC C 39 ? C 17 ? C 40 ? C 16 ? 
1 C DC 40 1_555 C DG 16 1_555 C DC 41 1_555 C DG 15 1_555 0.026  -1.500 3.273 1.373   5.505   43.613 -2.510 0.092  3.070 7.373   
-1.839  43.963 6  CC_DC40DC41:DG15DG16_CC C 40 ? C 16 ? C 41 ? C 15 ? 
1 C DC 41 1_555 C DG 15 1_555 C DG 43 1_555 C DC 13 1_555 -0.278 -0.632 6.829 10.973  -17.625 78.364 0.484  0.820  6.752 -13.727 
-8.546  80.638 7  CC_DC41DG43:DC13DG15_CC C 41 ? C 15 ? C 43 ? C 13 ? 
1 C DG 43 1_555 C DC 13 1_555 C DA 44 1_555 D DT 8  1_555 -1.053 -0.778 3.044 -4.192  4.647   25.240 -2.926 1.261  2.987 10.431  
9.410   25.992 8  CC_DG43DA44:DT8DC13_EC  C 43 ? C 13 ? C 44 ? E 8  ? 
1 C DA 44 1_555 D DT 8  1_555 C DC 45 1_555 D DG 7  1_555 -0.068 -0.890 2.888 8.652   4.482   34.019 -2.038 1.216  2.657 7.473   
-14.425 35.347 9  CC_DA44DC45:DG7DT8_EE   C 44 ? E 8  ? C 45 ? E 7  ? 
1 C DC 45 1_555 D DG 7  1_555 C DA 46 1_555 D DT 6  1_555 1.508  1.464  3.313 -5.168  5.033   37.071 1.606  -3.007 3.245 7.825   
8.035   37.742 10 CC_DC45DA46:DT6DG7_EE   C 45 ? E 7  ? C 46 ? E 6  ? 
1 C DA 46 1_555 D DT 6  1_555 C DG 47 1_555 D DC 5  1_555 -0.261 -0.805 3.970 -1.271  -11.348 20.567 2.930  0.091  3.880 -29.069 
3.255   23.495 11 CC_DA46DG47:DC5DT6_EE   C 46 ? E 6  ? C 47 ? E 5  ? 
1 C DG 47 1_555 D DC 5  1_555 C DC 48 1_555 D DG 4  1_555 0.755  0.510  3.768 -7.764  -17.218 56.951 1.480  -1.194 3.382 -17.532 
7.906   59.752 12 CC_DG47DC48:DG4DC5_EE   C 47 ? E 5  ? C 48 ? E 4  ? 
1 C DC 48 1_555 D DG 4  1_555 C DG 49 1_555 D DC 3  1_555 -1.226 -1.728 2.742 3.902   18.472  24.377 -5.589 2.804  1.008 37.395  
-7.898  30.746 13 CC_DC48DG49:DC3DG4_EE   C 48 ? E 4  ? C 49 ? E 3  ? 
1 C DC 19 1_555 C DG 32 1_555 C DG 20 1_555 C DC 31 1_555 0.833  -0.214 3.490 4.197   7.025   13.829 -6.308 0.330  3.131 26.371  
-15.755 16.058 14 CC_DC19DG20:DC31DG32_CC C 19 ? C 32 ? C 20 ? C 31 ? 
1 C DG 20 1_555 C DC 31 1_555 C DC 21 1_555 C DG 30 1_555 0.860  1.313  2.528 7.755   2.125   51.886 1.373  -0.567 2.670 2.412   
-8.803  52.463 15 CC_DG20DC21:DG30DC31_CC C 20 ? C 31 ? C 21 ? C 30 ? 
1 C DC 21 1_555 C DG 30 1_555 C DG 22 1_555 C DC 29 1_555 0.266  0.343  3.741 -8.111  7.899   22.284 -1.919 -3.401 3.366 18.945  
19.455  24.963 16 CC_DC21DG22:DC29DG30_CC C 21 ? C 30 ? C 22 ? C 29 ? 
1 C DG 22 1_555 C DC 29 1_555 C DG 23 1_555 C DC 28 1_555 -0.519 0.000  6.967 -9.614  7.146   37.543 -1.828 -1.688 6.782 10.773  
14.493  39.342 17 CC_DG22DG23:DC28DC29_CC C 22 ? C 29 ? C 23 ? C 28 ? 
# 
_pdbx_audit_support.funding_organization   'National Science Foundation (NSF, United States)' 
_pdbx_audit_support.country                'United States' 
_pdbx_audit_support.grant_number           'CCF 2107393' 
_pdbx_audit_support.ordinal                1 
# 
_pdbx_initial_refinement_model.id               1 
_pdbx_initial_refinement_model.entity_id_list   ? 
_pdbx_initial_refinement_model.type             'in silico model' 
_pdbx_initial_refinement_model.source_name      Other 
_pdbx_initial_refinement_model.accession_code   ? 
_pdbx_initial_refinement_model.details          'B DNA duplex with 31 base pairs' 
# 
_space_group.name_H-M_alt     'R 3 :H' 
_space_group.name_Hall        'R 3' 
_space_group.IT_number        146 
_space_group.crystal_system   trigonal 
_space_group.id               1 
# 
_atom_sites.entry_id                    9DG0 
_atom_sites.Cartn_transf_matrix[1][1]   ? 
_atom_sites.Cartn_transf_matrix[1][2]   ? 
_atom_sites.Cartn_transf_matrix[1][3]   ? 
_atom_sites.Cartn_transf_matrix[2][1]   ? 
_atom_sites.Cartn_transf_matrix[2][2]   ? 
_atom_sites.Cartn_transf_matrix[2][3]   ? 
_atom_sites.Cartn_transf_matrix[3][1]   ? 
_atom_sites.Cartn_transf_matrix[3][2]   ? 
_atom_sites.Cartn_transf_matrix[3][3]   ? 
_atom_sites.Cartn_transf_vector[1]      ? 
_atom_sites.Cartn_transf_vector[2]      ? 
_atom_sites.Cartn_transf_vector[3]      ? 
_atom_sites.Cartn_transform_axes        ? 
_atom_sites.fract_transf_matrix[1][1]   0.00006802 
_atom_sites.fract_transf_matrix[1][2]   -0.00096029 
_atom_sites.fract_transf_matrix[1][3]   0.00683790 
_atom_sites.fract_transf_matrix[2][1]   0.00374076 
_atom_sites.fract_transf_matrix[2][2]   -0.00512158 
_atom_sites.fract_transf_matrix[2][3]   0.00273042 
_atom_sites.fract_transf_matrix[3][1]   0.00979373 
_atom_sites.fract_transf_matrix[3][2]   0.00767604 
_atom_sites.fract_transf_matrix[3][3]   0.00098058 
_atom_sites.fract_transf_vector[1]      -0.134240 
_atom_sites.fract_transf_vector[2]      -0.029309 
_atom_sites.fract_transf_vector[3]      0.121952 
_atom_sites.solution_primary            ? 
_atom_sites.solution_secondary          ? 
_atom_sites.solution_hydrogens          ? 
_atom_sites.special_details             ? 
# 
loop_
_atom_type.symbol 
_atom_type.scat_dispersion_real 
_atom_type.scat_dispersion_imag 
_atom_type.scat_Cromer_Mann_a1 
_atom_type.scat_Cromer_Mann_a2 
_atom_type.scat_Cromer_Mann_a3 
_atom_type.scat_Cromer_Mann_a4 
_atom_type.scat_Cromer_Mann_b1 
_atom_type.scat_Cromer_Mann_b2 
_atom_type.scat_Cromer_Mann_b3 
_atom_type.scat_Cromer_Mann_b4 
_atom_type.scat_Cromer_Mann_c 
_atom_type.scat_source 
_atom_type.scat_dispersion_source 
C ? ? 5.96793  ? ? ? 14.89577 ? ? ? 0.0 
;1-Gaussian fit: Grosse-Kunstleve RW, Sauter NK, Adams PD: Newsletter of the IUCr Commission on Crystallographic Computing 2004, 3, 22-31.
;
? 
N ? ? 6.96715  ? ? ? 11.43723 ? ? ? 0.0 
;1-Gaussian fit: Grosse-Kunstleve RW, Sauter NK, Adams PD: Newsletter of the IUCr Commission on Crystallographic Computing 2004, 3, 22-31.
;
? 
O ? ? 7.96527  ? ? ? 9.05267  ? ? ? 0.0 
;1-Gaussian fit: Grosse-Kunstleve RW, Sauter NK, Adams PD: Newsletter of the IUCr Commission on Crystallographic Computing 2004, 3, 22-31.
;
? 
P ? ? 14.90797 ? ? ? 11.91318 ? ? ? 0.0 
;1-Gaussian fit: Grosse-Kunstleve RW, Sauter NK, Adams PD: Newsletter of the IUCr Commission on Crystallographic Computing 2004, 3, 22-31.
;
? 
# 
loop_
_atom_site.group_PDB 
_atom_site.id 
_atom_site.type_symbol 
_atom_site.label_atom_id 
_atom_site.label_alt_id 
_atom_site.label_comp_id 
_atom_site.label_asym_id 
_atom_site.label_entity_id 
_atom_site.label_seq_id 
_atom_site.pdbx_PDB_ins_code 
_atom_site.Cartn_x 
_atom_site.Cartn_y 
_atom_site.Cartn_z 
_atom_site.occupancy 
_atom_site.B_iso_or_equiv 
_atom_site.pdbx_formal_charge 
_atom_site.auth_seq_id 
_atom_site.auth_comp_id 
_atom_site.auth_asym_id 
_atom_site.auth_atom_id 
_atom_site.pdbx_PDB_model_num 
ATOM 1    O "O5'" . DC A 1 1  ? 15.45481  -46.33422 25.60029  1.000 228.11000 ?  1  DC A "O5'" 1 
ATOM 2    C "C5'" . DC A 1 1  ? 15.30576  -47.59735 24.96664  1.000 233.46000 ?  1  DC A "C5'" 1 
ATOM 3    C "C4'" . DC A 1 1  ? 16.65241  -48.15639 24.53965  1.000 241.96000 ?  1  DC A "C4'" 1 
ATOM 4    O "O4'" . DC A 1 1  ? 16.43463  -49.33066 23.68983  1.000 251.17000 ?  1  DC A "O4'" 1 
ATOM 5    C "C3'" . DC A 1 1  ? 17.54412  -47.18119 23.71611  1.000 238.68000 ?  1  DC A "C3'" 1 
ATOM 6    O "O3'" . DC A 1 1  ? 18.84801  -46.87101 24.42545  1.000 241.59000 ?  1  DC A "O3'" 1 
ATOM 7    C "C2'" . DC A 1 1  ? 17.74180  -47.93206 22.36068  1.000 251.05000 ?  1  DC A "C2'" 1 
ATOM 8    C "C1'" . DC A 1 1  ? 17.50242  -49.39372 22.77512  1.000 251.09000 ?  1  DC A "C1'" 1 
ATOM 9    N N1    . DC A 1 1  ? 17.22445  -50.47561 21.63104  1.000 256.18000 ?  1  DC A N1    1 
ATOM 10   C C2    . DC A 1 1  ? 18.18285  -50.70875 20.60594  1.000 261.24000 ?  1  DC A C2    1 
ATOM 11   O O2    . DC A 1 1  ? 19.21632  -50.02413 20.56776  1.000 266.53000 ?  1  DC A O2    1 
ATOM 12   N N3    . DC A 1 1  ? 17.93510  -51.67390 19.66476  1.000 266.94000 ?  1  DC A N3    1 
ATOM 13   C C4    . DC A 1 1  ? 16.81302  -52.40427 19.72447  1.000 264.19000 ?  1  DC A C4    1 
ATOM 14   N N4    . DC A 1 1  ? 16.61360  -53.34068 18.77540  1.000 264.59000 ?  1  DC A N4    1 
ATOM 15   C C5    . DC A 1 1  ? 15.84670  -52.20639 20.76286  1.000 260.44000 ?  1  DC A C5    1 
ATOM 16   C C6    . DC A 1 1  ? 16.09320  -51.25539 21.68704  1.000 252.20000 ?  1  DC A C6    1 
ATOM 17   P P     . DA A 1 2  ? 19.39030  -45.35659 24.68452  1.000 228.07000 ?  2  DA A P     1 
ATOM 18   O OP1   . DA A 1 2  ? 20.54233  -45.45553 25.60476  1.000 218.22000 ?  2  DA A OP1   1 
ATOM 19   O OP2   . DA A 1 2  ? 18.24874  -44.49256 25.08451  1.000 228.57000 -1 2  DA A OP2   1 
ATOM 20   O "O5'" . DA A 1 2  ? 20.03175  -44.90995 23.28089  1.000 223.77000 ?  2  DA A "O5'" 1 
ATOM 21   C "C5'" . DA A 1 2  ? 21.45802  -44.69047 23.16614  1.000 215.91000 ?  2  DA A "C5'" 1 
ATOM 22   C "C4'" . DA A 1 2  ? 21.78768  -44.09499 21.81490  1.000 223.55000 ?  2  DA A "C4'" 1 
ATOM 23   O "O4'" . DA A 1 2  ? 21.22861  -44.92664 20.75365  1.000 226.32000 ?  2  DA A "O4'" 1 
ATOM 24   C "C3'" . DA A 1 2  ? 21.18611  -42.71017 21.59357  1.000 225.76000 ?  2  DA A "C3'" 1 
ATOM 25   O "O3'" . DA A 1 2  ? 21.95032  -41.97360 20.68048  1.000 227.91000 ?  2  DA A "O3'" 1 
ATOM 26   C "C2'" . DA A 1 2  ? 19.86811  -43.05900 20.95006  1.000 232.18000 ?  2  DA A "C2'" 1 
ATOM 27   C "C1'" . DA A 1 2  ? 20.32315  -44.14849 20.00906  1.000 231.05000 ?  2  DA A "C1'" 1 
ATOM 28   N N9    . DA A 1 2  ? 19.23184  -44.97324 19.60489  1.000 238.55000 ?  2  DA A N9    1 
ATOM 29   C C8    . DA A 1 2  ? 18.01497  -44.99999 20.18761  1.000 245.44000 ?  2  DA A C8    1 
ATOM 30   N N7    . DA A 1 2  ? 17.19568  -45.84042 19.64798  1.000 251.24000 ?  2  DA A N7    1 
ATOM 31   C C5    . DA A 1 2  ? 17.93127  -46.40530 18.64211  1.000 268.00000 ?  2  DA A C5    1 
ATOM 32   C C6    . DA A 1 2  ? 17.61576  -47.37400 17.71685  1.000 289.28000 ?  2  DA A C6    1 
ATOM 33   N N6    . DA A 1 2  ? 16.41999  -47.95143 17.67101  1.000 303.06000 ?  2  DA A N6    1 
ATOM 34   N N1    . DA A 1 2  ? 18.56783  -47.73513 16.84012  1.000 306.71000 ?  2  DA A N1    1 
ATOM 35   C C2    . DA A 1 2  ? 19.76038  -47.13985 16.90587  1.000 282.44000 ?  2  DA A C2    1 
ATOM 36   N N3    . DA A 1 2  ? 20.17333  -46.20720 17.75138  1.000 257.62000 ?  2  DA A N3    1 
ATOM 37   C C4    . DA A 1 2  ? 19.20050  -45.89685 18.61005  1.000 252.51000 ?  2  DA A C4    1 
ATOM 38   P P     . DG A 1 3  ? 23.44648  -41.47366 21.00556  1.000 228.37000 ?  3  DG A P     1 
ATOM 39   O OP1   . DG A 1 3  ? 23.91632  -42.03233 22.29966  1.000 221.16000 ?  3  DG A OP1   1 
ATOM 40   O OP2   . DG A 1 3  ? 23.58409  -40.00679 20.90381  1.000 232.03000 -1 3  DG A OP2   1 
ATOM 41   O "O5'" . DG A 1 3  ? 24.20257  -42.03845 19.71774  1.000 231.17000 ?  3  DG A "O5'" 1 
ATOM 42   C "C5'" . DG A 1 3  ? 23.68487  -43.22182 19.09882  1.000 233.98000 ?  3  DG A "C5'" 1 
ATOM 43   C "C4'" . DG A 1 3  ? 23.74875  -43.16448 17.59606  1.000 234.48000 ?  3  DG A "C4'" 1 
ATOM 44   O "O4'" . DG A 1 3  ? 22.59606  -43.86729 17.07988  1.000 235.30000 ?  3  DG A "O4'" 1 
ATOM 45   C "C3'" . DG A 1 3  ? 23.66337  -41.76345 16.98875  1.000 232.14000 ?  3  DG A "C3'" 1 
ATOM 46   O "O3'" . DG A 1 3  ? 24.35455  -41.73565 15.73295  1.000 231.32000 ?  3  DG A "O3'" 1 
ATOM 47   C "C2'" . DG A 1 3  ? 22.17413  -41.63817 16.77093  1.000 238.78000 ?  3  DG A "C2'" 1 
ATOM 48   C "C1'" . DG A 1 3  ? 21.93060  -43.01158 16.20548  1.000 241.13000 ?  3  DG A "C1'" 1 
ATOM 49   N N9    . DG A 1 3  ? 20.55523  -43.40239 16.16129  1.000 250.76000 ?  3  DG A N9    1 
ATOM 50   C C8    . DG A 1 3  ? 19.64849  -43.33150 17.17152  1.000 250.64000 ?  3  DG A C8    1 
ATOM 51   N N7    . DG A 1 3  ? 18.48063  -43.78499 16.85221  1.000 260.83000 ?  3  DG A N7    1 
ATOM 52   C C5    . DG A 1 3  ? 18.62787  -44.16905 15.53251  1.000 272.98000 ?  3  DG A C5    1 
ATOM 53   C C6    . DG A 1 3  ? 17.68600  -44.69185 14.63886  1.000 290.16000 ?  3  DG A C6    1 
ATOM 54   O O6    . DG A 1 3  ? 16.50964  -44.97815 14.85783  1.000 302.10000 ?  3  DG A O6    1 
ATOM 55   N N1    . DG A 1 3  ? 18.24167  -44.93401 13.38216  1.000 299.96000 ?  3  DG A N1    1 
ATOM 56   C C2    . DG A 1 3  ? 19.54312  -44.67363 13.03161  1.000 286.54000 ?  3  DG A C2    1 
ATOM 57   N N2    . DG A 1 3  ? 19.89053  -44.97035 11.77058  1.000 303.46000 ?  3  DG A N2    1 
ATOM 58   N N3    . DG A 1 3  ? 20.43695  -44.16644 13.86157  1.000 268.23000 ?  3  DG A N3    1 
ATOM 59   C C4    . DG A 1 3  ? 19.90407  -43.93873 15.09287  1.000 265.90000 ?  3  DG A C4    1 
ATOM 60   P P     . DC A 1 4  ? 24.84324  -40.33992 15.10076  1.000 232.64000 ?  4  DC A P     1 
ATOM 61   O OP1   . DC A 1 4  ? 26.29567  -40.45236 14.90245  1.000 233.67000 ?  4  DC A OP1   1 
ATOM 62   O OP2   . DC A 1 4  ? 24.32093  -39.23173 15.92222  1.000 235.75000 -1 4  DC A OP2   1 
ATOM 63   O "O5'" . DC A 1 4  ? 24.12060  -40.26614 13.68086  1.000 241.09000 ?  4  DC A "O5'" 1 
ATOM 64   C "C5'" . DC A 1 4  ? 23.99576  -41.42626 12.87823  1.000 240.27000 ?  4  DC A "C5'" 1 
ATOM 65   C "C4'" . DC A 1 4  ? 23.00733  -41.16679 11.76756  1.000 250.95000 ?  4  DC A "C4'" 1 
ATOM 66   O "O4'" . DC A 1 4  ? 21.68453  -41.59361 12.19309  1.000 258.98000 ?  4  DC A "O4'" 1 
ATOM 67   C "C3'" . DC A 1 4  ? 22.87688  -39.69633 11.37858  1.000 247.40000 ?  4  DC A "C3'" 1 
ATOM 68   O "O3'" . DC A 1 4  ? 22.60318  -39.60262 9.99124   1.000 254.41000 ?  4  DC A "O3'" 1 
ATOM 69   C "C2'" . DC A 1 4  ? 21.68262  -39.23320 12.22088  1.000 252.24000 ?  4  DC A "C2'" 1 
ATOM 70   C "C1'" . DC A 1 4  ? 20.81116  -40.48477 12.22956  1.000 261.11000 ?  4  DC A "C1'" 1 
ATOM 71   N N1    . DC A 1 4  ? 19.90246  -40.60422 13.42992  1.000 268.93000 ?  4  DC A N1    1 
ATOM 72   C C2    . DC A 1 4  ? 18.77053  -41.43455 13.36284  1.000 273.62000 ?  4  DC A C2    1 
ATOM 73   O O2    . DC A 1 4  ? 18.54120  -42.05832 12.30823  1.000 273.29000 ?  4  DC A O2    1 
ATOM 74   N N3    . DC A 1 4  ? 17.95986  -41.52933 14.45695  1.000 278.00000 ?  4  DC A N3    1 
ATOM 75   C C4    . DC A 1 4  ? 18.25591  -40.83876 15.57173  1.000 274.45000 ?  4  DC A C4    1 
ATOM 76   N N4    . DC A 1 4  ? 17.44211  -40.95821 16.62182  1.000 272.10000 ?  4  DC A N4    1 
ATOM 77   C C5    . DC A 1 4  ? 19.39896  -39.98836 15.65075  1.000 267.59000 ?  4  DC A C5    1 
ATOM 78   C C6    . DC A 1 4  ? 20.18452  -39.89909 14.57078  1.000 264.55000 ?  4  DC A C6    1 
ATOM 79   P P     . DA A 1 5  ? 23.55329  -38.76783 8.99550   1.000 248.98000 ?  5  DA A P     1 
ATOM 80   O OP1   . DA A 1 5  ? 24.91927  -39.34894 9.01661   1.000 240.37000 ?  5  DA A OP1   1 
ATOM 81   O OP2   . DA A 1 5  ? 23.43663  -37.37084 9.45726   1.000 246.77000 -1 5  DA A OP2   1 
ATOM 82   O "O5'" . DA A 1 5  ? 22.80097  -38.93028 7.55255   1.000 254.71000 ?  5  DA A "O5'" 1 
ATOM 83   C "C5'" . DA A 1 5  ? 22.61638  -40.26043 6.94890   1.000 259.90000 ?  5  DA A "C5'" 1 
ATOM 84   C "C4'" . DA A 1 5  ? 21.15548  -40.59717 6.52375   1.000 269.38000 ?  5  DA A "C4'" 1 
ATOM 85   O "O4'" . DA A 1 5  ? 20.33922  -41.01577 7.66581   1.000 268.25000 ?  5  DA A "O4'" 1 
ATOM 86   C "C3'" . DA A 1 5  ? 20.33193  -39.50816 5.78862   1.000 275.33000 ?  5  DA A "C3'" 1 
ATOM 87   O "O3'" . DA A 1 5  ? 19.70640  -40.05600 4.60083   1.000 284.09000 ?  5  DA A "O3'" 1 
ATOM 88   C "C2'" . DA A 1 5  ? 19.26354  -39.16581 6.80757   1.000 273.97000 ?  5  DA A "C2'" 1 
ATOM 89   C "C1'" . DA A 1 5  ? 19.04057  -40.51642 7.45593   1.000 269.68000 ?  5  DA A "C1'" 1 
ATOM 90   N N9    . DA A 1 5  ? 18.39181  -40.37048 8.71700   1.000 266.35000 ?  5  DA A N9    1 
ATOM 91   C C8    . DA A 1 5  ? 18.94566  -39.88117 9.84163   1.000 266.86000 ?  5  DA A C8    1 
ATOM 92   N N7    . DA A 1 5  ? 18.13055  -39.80524 10.84118  1.000 269.85000 ?  5  DA A N7    1 
ATOM 93   C C5    . DA A 1 5  ? 16.95580  -40.26330 10.32413  1.000 269.64000 ?  5  DA A C5    1 
ATOM 94   C C6    . DA A 1 5  ? 15.71761  -40.41658 10.89238  1.000 274.38000 ?  5  DA A C6    1 
ATOM 95   N N6    . DA A 1 5  ? 15.48076  -40.11929 12.16886  1.000 274.76000 ?  5  DA A N6    1 
ATOM 96   N N1    . DA A 1 5  ? 14.72961  -40.88821 10.11168  1.000 274.55000 ?  5  DA A N1    1 
ATOM 97   C C2    . DA A 1 5  ? 15.00136  -41.17755 8.83230   1.000 273.14000 ?  5  DA A C2    1 
ATOM 98   N N3    . DA A 1 5  ? 16.15198  -41.07569 8.18809   1.000 268.08000 ?  5  DA A N3    1 
ATOM 99   C C4    . DA A 1 5  ? 17.09297  -40.60380 9.00354   1.000 265.69000 ?  5  DA A C4    1 
ATOM 100  P P     . DG A 1 6  ? 18.59335  -39.21965 3.76852   1.000 299.46000 ?  6  DG A P     1 
ATOM 101  O OP1   . DG A 1 6  ? 18.62483  -39.75090 2.38970   1.000 297.89000 ?  6  DG A OP1   1 
ATOM 102  O OP2   . DG A 1 6  ? 18.77309  -37.77169 4.02412   1.000 289.94000 -1 6  DG A OP2   1 
ATOM 103  O "O5'" . DG A 1 6  ? 17.15500  -39.66284 4.33470   1.000 281.38000 ?  6  DG A "O5'" 1 
ATOM 104  C "C5'" . DG A 1 6  ? 15.98253  -39.46062 3.48327   1.000 279.78000 ?  6  DG A "C5'" 1 
ATOM 105  C "C4'" . DG A 1 6  ? 14.68062  -39.59238 4.25930   1.000 278.16000 ?  6  DG A "C4'" 1 
ATOM 106  O "O4'" . DG A 1 6  ? 14.96157  -39.46713 5.68600   1.000 276.76000 ?  6  DG A "O4'" 1 
ATOM 107  C "C3'" . DG A 1 6  ? 13.61272  -38.52440 3.94091   1.000 278.98000 ?  6  DG A "C3'" 1 
ATOM 108  O "O3'" . DG A 1 6  ? 12.26217  -39.10173 3.94908   1.000 277.83000 ?  6  DG A "O3'" 1 
ATOM 109  C "C2'" . DG A 1 6  ? 13.80352  -37.53793 5.08778   1.000 284.23000 ?  6  DG A "C2'" 1 
ATOM 110  C "C1'" . DG A 1 6  ? 14.10815  -38.49071 6.23402   1.000 276.78000 ?  6  DG A "C1'" 1 
ATOM 111  N N9    . DG A 1 6  ? 14.75499  -37.87165 7.39903   1.000 273.81000 ?  6  DG A N9    1 
ATOM 112  C C8    . DG A 1 6  ? 16.08414  -37.53672 7.54623   1.000 273.82000 ?  6  DG A C8    1 
ATOM 113  N N7    . DG A 1 6  ? 16.36374  -37.00922 8.71036   1.000 269.11000 ?  6  DG A N7    1 
ATOM 114  C C5    . DG A 1 6  ? 15.14690  -37.00306 9.38177   1.000 266.48000 ?  6  DG A C5    1 
ATOM 115  C C6    . DG A 1 6  ? 14.82694  -36.55054 10.68562  1.000 262.23000 ?  6  DG A C6    1 
ATOM 116  O O6    . DG A 1 6  ? 15.59343  -36.04306 11.53480  1.000 259.14000 ?  6  DG A O6    1 
ATOM 117  N N1    . DG A 1 6  ? 13.45808  -36.73091 10.97282  1.000 259.21000 ?  6  DG A N1    1 
ATOM 118  C C2    . DG A 1 6  ? 12.52444  -37.27936 10.09821  1.000 261.81000 ?  6  DG A C2    1 
ATOM 119  N N2    . DG A 1 6  ? 11.25065  -37.37574 10.54171  1.000 261.18000 ?  6  DG A N2    1 
ATOM 120  N N3    . DG A 1 6  ? 12.82442  -37.70362 8.87675   1.000 266.74000 ?  6  DG A N3    1 
ATOM 121  C C4    . DG A 1 6  ? 14.14664  -37.53685 8.58805   1.000 269.10000 ?  6  DG A C4    1 
ATOM 122  P P     . DC A 1 7  ? 10.99669  -38.30322 3.32600   1.000 275.06000 ?  7  DC A P     1 
ATOM 123  O OP1   . DC A 1 7  ? 10.17257  -39.28948 2.58513   1.000 270.08000 ?  7  DC A OP1   1 
ATOM 124  O OP2   . DC A 1 7  ? 11.56960  -37.14788 2.60997   1.000 275.76000 -1 7  DC A OP2   1 
ATOM 125  O "O5'" . DC A 1 7  ? 10.14539  -37.75378 4.60015   1.000 258.54000 ?  7  DC A "O5'" 1 
ATOM 126  C "C5'" . DC A 1 7  ? 9.36423   -38.67983 5.39855   1.000 249.83000 ?  7  DC A "C5'" 1 
ATOM 127  C "C4'" . DC A 1 7  ? 8.53829   -37.99578 6.49800   1.000 234.55000 ?  7  DC A "C4'" 1 
ATOM 128  O "O4'" . DC A 1 7  ? 9.39994   -37.37578 7.48085   1.000 238.82000 ?  7  DC A "O4'" 1 
ATOM 129  C "C3'" . DC A 1 7  ? 7.56462   -36.91777 6.03381   1.000 220.03000 ?  7  DC A "C3'" 1 
ATOM 130  O "O3'" . DC A 1 7  ? 6.32543   -37.00470 6.75927   1.000 213.39000 ?  7  DC A "O3'" 1 
ATOM 131  C "C2'" . DC A 1 7  ? 8.29321   -35.63544 6.35611   1.000 221.25000 ?  7  DC A "C2'" 1 
ATOM 132  C "C1'" . DC A 1 7  ? 9.12016   -36.00535 7.56872   1.000 227.56000 ?  7  DC A "C1'" 1 
ATOM 133  N N1    . DC A 1 7  ? 10.36185  -35.32180 7.52723   1.000 237.69000 ?  7  DC A N1    1 
ATOM 134  C C2    . DC A 1 7  ? 10.62540  -34.35722 8.46832   1.000 235.72000 ?  7  DC A C2    1 
ATOM 135  O O2    . DC A 1 7  ? 9.79806   -34.15867 9.35761   1.000 239.97000 ?  7  DC A O2    1 
ATOM 136  N N3    . DC A 1 7  ? 11.79322  -33.68565 8.40276   1.000 246.89000 ?  7  DC A N3    1 
ATOM 137  C C4    . DC A 1 7  ? 12.65788  -33.94968 7.42372   1.000 250.42000 ?  7  DC A C4    1 
ATOM 138  N N4    . DC A 1 7  ? 13.80033  -33.26755 7.40248   1.000 254.06000 ?  7  DC A N4    1 
ATOM 139  C C5    . DC A 1 7  ? 12.38594  -34.92108 6.42613   1.000 251.27000 ?  7  DC A C5    1 
ATOM 140  C C6    . DC A 1 7  ? 11.23016  -35.57283 6.50947   1.000 247.16000 ?  7  DC A C6    1 
ATOM 141  P P     . DC A 1 8  ? 4.99072   -36.30307 6.17703   1.000 193.70000 ?  8  DC A P     1 
ATOM 142  O OP1   . DC A 1 8  ? 3.74464   -37.12934 6.16085   1.000 189.92000 ?  8  DC A OP1   1 
ATOM 143  O OP2   . DC A 1 8  ? 5.44769   -35.65298 4.94123   1.000 205.02000 -1 8  DC A OP2   1 
ATOM 144  O "O5'" . DC A 1 8  ? 4.61283   -35.29042 7.30719   1.000 199.73000 ?  8  DC A "O5'" 1 
ATOM 145  C "C5'" . DC A 1 8  ? 3.95150   -35.79400 8.37336   1.000 200.35000 ?  8  DC A "C5'" 1 
ATOM 146  C "C4'" . DC A 1 8  ? 4.41190   -35.13211 9.63712   1.000 209.58000 ?  8  DC A "C4'" 1 
ATOM 147  O "O4'" . DC A 1 8  ? 5.85348   -34.86466 9.66084   1.000 214.42000 ?  8  DC A "O4'" 1 
ATOM 148  C "C3'" . DC A 1 8  ? 3.82922   -33.78359 9.86575   1.000 213.05000 ?  8  DC A "C3'" 1 
ATOM 149  O "O3'" . DC A 1 8  ? 2.42937   -33.92419 10.14850  1.000 218.20000 ?  8  DC A "O3'" 1 
ATOM 150  C "C2'" . DC A 1 8  ? 4.66785   -33.37327 11.08453  1.000 215.20000 ?  8  DC A "C2'" 1 
ATOM 151  C "C1'" . DC A 1 8  ? 6.08109   -33.86491 10.67374  1.000 218.49000 ?  8  DC A "C1'" 1 
ATOM 152  N N1    . DC A 1 8  ? 6.95099   -32.71738 10.12451  1.000 216.94000 ?  8  DC A N1    1 
ATOM 153  C C2    . DC A 1 8  ? 7.29515   -31.61542 10.95857  1.000 213.41000 ?  8  DC A C2    1 
ATOM 154  O O2    . DC A 1 8  ? 6.94572   -31.61139 12.14688  1.000 212.91000 ?  8  DC A O2    1 
ATOM 155  N N3    . DC A 1 8  ? 8.02099   -30.58967 10.43617  1.000 212.24000 ?  8  DC A N3    1 
ATOM 156  C C4    . DC A 1 8  ? 8.39022   -30.61947 9.16029   1.000 215.48000 ?  8  DC A C4    1 
ATOM 157  N N4    . DC A 1 8  ? 9.10634   -29.58980 8.69368   1.000 213.37000 ?  8  DC A N4    1 
ATOM 158  C C5    . DC A 1 8  ? 8.04672   -31.71120 8.30155   1.000 219.43000 ?  8  DC A C5    1 
ATOM 159  C C6    . DC A 1 8  ? 7.32276   -32.71880 8.81483   1.000 219.75000 ?  8  DC A C6    1 
ATOM 160  P P     . DT A 1 9  ? 1.46445   -32.63990 10.25389  1.000 225.53000 ?  9  DT A P     1 
ATOM 161  O OP1   . DT A 1 9  ? 0.08449   -33.20713 10.16519  1.000 226.94000 ?  9  DT A OP1   1 
ATOM 162  O OP2   . DT A 1 9  ? 1.96479   -31.62292 9.27494   1.000 218.65000 -1 9  DT A OP2   1 
ATOM 163  O "O5'" . DT A 1 9  ? 1.74297   -32.10593 11.76349  1.000 222.17000 ?  9  DT A "O5'" 1 
ATOM 164  C "C5'" . DT A 1 9  ? 1.05613   -30.97662 12.32662  1.000 222.67000 ?  9  DT A "C5'" 1 
ATOM 165  C "C4'" . DT A 1 9  ? 1.91787   -30.30158 13.40149  1.000 218.61000 ?  9  DT A "C4'" 1 
ATOM 166  O "O4'" . DT A 1 9  ? 3.32845   -30.65815 13.21235  1.000 211.49000 ?  9  DT A "O4'" 1 
ATOM 167  C "C3'" . DT A 1 9  ? 1.90983   -28.78267 13.33700  1.000 218.36000 ?  9  DT A "C3'" 1 
ATOM 168  O "O3'" . DT A 1 9  ? 0.77485   -28.21913 14.01278  1.000 222.29000 ?  9  DT A "O3'" 1 
ATOM 169  C "C2'" . DT A 1 9  ? 3.26155   -28.42574 13.96189  1.000 214.50000 ?  9  DT A "C2'" 1 
ATOM 170  C "C1'" . DT A 1 9  ? 4.13927   -29.48012 13.29620  1.000 210.83000 ?  9  DT A "C1'" 1 
ATOM 171  N N1    . DT A 1 9  ? 4.66533   -29.04986 11.88458  1.000 207.71000 ?  9  DT A N1    1 
ATOM 172  C C2    . DT A 1 9  ? 5.99334   -28.71487 11.74927  1.000 205.31000 ?  9  DT A C2    1 
ATOM 173  O O2    . DT A 1 9  ? 6.79272   -28.77171 12.66782  1.000 205.58000 ?  9  DT A O2    1 
ATOM 174  N N3    . DT A 1 9  ? 6.36321   -28.32450 10.48282  1.000 201.34000 ?  9  DT A N3    1 
ATOM 175  C C4    . DT A 1 9  ? 5.55565   -28.21760 9.35652   1.000 197.95000 ?  9  DT A C4    1 
ATOM 176  O O4    . DT A 1 9  ? 5.98734   -27.85616 8.27097   1.000 192.10000 ?  9  DT A O4    1 
ATOM 177  C C5    . DT A 1 9  ? 4.17268   -28.55795 9.54968   1.000 200.88000 ?  9  DT A C5    1 
ATOM 178  C C7    . DT A 1 9  ? 3.20708   -28.47502 8.38937   1.000 188.10000 ?  9  DT A C7    1 
ATOM 179  C C6    . DT A 1 9  ? 3.79277   -28.95145 10.78641  1.000 207.76000 ?  9  DT A C6    1 
ATOM 180  P P     . DG A 1 10 ? -0.09148  -27.08139 13.25571  1.000 221.42000 ?  10 DG A P     1 
ATOM 181  O OP1   . DG A 1 10 ? -1.53951  -27.39908 13.31360  1.000 218.69000 ?  10 DG A OP1   1 
ATOM 182  O OP2   . DG A 1 10 ? 0.54302   -26.94034 11.91060  1.000 219.97000 -1 10 DG A OP2   1 
ATOM 183  O "O5'" . DG A 1 10 ? 0.20491   -25.72669 14.09122  1.000 214.30000 ?  10 DG A "O5'" 1 
ATOM 184  C "C5'" . DG A 1 10 ? 0.37510   -25.73059 15.53822  1.000 209.25000 ?  10 DG A "C5'" 1 
ATOM 185  C "C4'" . DG A 1 10 ? 1.64625   -24.96637 15.92545  1.000 206.13000 ?  10 DG A "C4'" 1 
ATOM 186  O "O4'" . DG A 1 10 ? 2.75871   -25.34894 15.04553  1.000 213.27000 ?  10 DG A "O4'" 1 
ATOM 187  C "C3'" . DG A 1 10 ? 1.56838   -23.44186 15.83632  1.000 195.17000 ?  10 DG A "C3'" 1 
ATOM 188  O "O3'" . DG A 1 10 ? 2.33481   -22.89010 16.90860  1.000 188.83000 ?  10 DG A "O3'" 1 
ATOM 189  C "C2'" . DG A 1 10 ? 2.19322   -23.14648 14.46647  1.000 194.75000 ?  10 DG A "C2'" 1 
ATOM 190  C "C1'" . DG A 1 10 ? 3.28731   -24.19427 14.38400  1.000 205.06000 ?  10 DG A "C1'" 1 
ATOM 191  N N9    . DG A 1 10 ? 3.70751   -24.55077 13.00277  1.000 208.60000 ?  10 DG A N9    1 
ATOM 192  C C8    . DG A 1 10 ? 2.93287   -25.10449 12.00601  1.000 207.50000 ?  10 DG A C8    1 
ATOM 193  N N7    . DG A 1 10 ? 3.58470   -25.33368 10.89303  1.000 207.76000 ?  10 DG A N7    1 
ATOM 194  C C5    . DG A 1 10 ? 4.87577   -24.90419 11.16486  1.000 208.62000 ?  10 DG A C5    1 
ATOM 195  C C6    . DG A 1 10 ? 6.03045   -24.89919 10.34285  1.000 211.31000 ?  10 DG A C6    1 
ATOM 196  O O6    . DG A 1 10 ? 6.14243   -25.28688 9.16788   1.000 212.81000 ?  10 DG A O6    1 
ATOM 197  N N1    . DG A 1 10 ? 7.13839   -24.37204 11.01432  1.000 216.21000 ?  10 DG A N1    1 
ATOM 198  C C2    . DG A 1 10 ? 7.12768   -23.90758 12.31365  1.000 215.62000 ?  10 DG A C2    1 
ATOM 199  N N2    . DG A 1 10 ? 8.29076   -23.43505 12.79307  1.000 222.25000 ?  10 DG A N2    1 
ATOM 200  N N3    . DG A 1 10 ? 6.05555   -23.91129 13.09028  1.000 212.73000 ?  10 DG A N3    1 
ATOM 201  C C4    . DG A 1 10 ? 4.96918   -24.41694 12.45674  1.000 209.57000 ?  10 DG A C4    1 
ATOM 202  P P     . DA A 1 11 ? 2.48944   -21.30418 17.11515  1.000 170.73000 ?  11 DA A P     1 
ATOM 203  O OP1   . DA A 1 11 ? 3.03615   -21.05236 18.47275  1.000 175.27000 ?  11 DA A OP1   1 
ATOM 204  O OP2   . DA A 1 11 ? 1.23291   -20.65842 16.71185  1.000 171.79000 -1 11 DA A OP2   1 
ATOM 205  O "O5'" . DA A 1 11 ? 3.64852   -20.90774 16.11328  1.000 169.60000 ?  11 DA A "O5'" 1 
ATOM 206  C "C5'" . DA A 1 11 ? 4.89957   -20.60888 16.64018  1.000 167.32000 ?  11 DA A "C5'" 1 
ATOM 207  C "C4'" . DA A 1 11 ? 5.68038   -19.73879 15.69309  1.000 164.77000 ?  11 DA A "C4'" 1 
ATOM 208  O "O4'" . DA A 1 11 ? 5.71336   -20.34956 14.38091  1.000 173.76000 ?  11 DA A "O4'" 1 
ATOM 209  C "C3'" . DA A 1 11 ? 5.09375   -18.35864 15.48789  1.000 162.06000 ?  11 DA A "C3'" 1 
ATOM 210  O "O3'" . DA A 1 11 ? 6.10744   -17.47823 15.16116  1.000 159.77000 ?  11 DA A "O3'" 1 
ATOM 211  C "C2'" . DA A 1 11 ? 4.16991   -18.58508 14.32232  1.000 169.26000 ?  11 DA A "C2'" 1 
ATOM 212  C "C1'" . DA A 1 11 ? 5.00259   -19.53977 13.49097  1.000 177.06000 ?  11 DA A "C1'" 1 
ATOM 213  N N9    . DA A 1 11 ? 4.21273   -20.35971 12.63458  1.000 183.72000 ?  11 DA A N9    1 
ATOM 214  C C8    . DA A 1 11 ? 2.94081   -20.73687 12.82598  1.000 182.87000 ?  11 DA A C8    1 
ATOM 215  N N7    . DA A 1 11 ? 2.45918   -21.47644 11.86469  1.000 187.95000 ?  11 DA A N7    1 
ATOM 216  C C5    . DA A 1 11 ? 3.49375   -21.55638 10.96919  1.000 196.57000 ?  11 DA A C5    1 
ATOM 217  C C6    . DA A 1 11 ? 3.63144   -22.18960 9.72326   1.000 207.15000 ?  11 DA A C6    1 
ATOM 218  N N6    . DA A 1 11 ? 2.66382   -22.90493 9.12627   1.000 207.22000 ?  11 DA A N6    1 
ATOM 219  N N1    . DA A 1 11 ? 4.81928   -22.05868 9.10459   1.000 218.34000 ?  11 DA A N1    1 
ATOM 220  C C2    . DA A 1 11 ? 5.78262   -21.34273 9.70108   1.000 220.54000 ?  11 DA A C2    1 
ATOM 221  N N3    . DA A 1 11 ? 5.75645   -20.70936 10.86230  1.000 206.75000 ?  11 DA A N3    1 
ATOM 222  C C4    . DA A 1 11 ? 4.57657   -20.85898 11.44539  1.000 196.13000 ?  11 DA A C4    1 
ATOM 223  P P     . DA A 1 12 ? 7.09732   -16.97151 16.31376  1.000 137.55000 ?  12 DA A P     1 
ATOM 224  O OP1   . DA A 1 12 ? 8.32571   -17.79141 16.13817  1.000 160.52000 ?  12 DA A OP1   1 
ATOM 225  O OP2   . DA A 1 12 ? 6.35205   -16.98102 17.60976  1.000 153.44000 -1 12 DA A OP2   1 
ATOM 226  O "O5'" . DA A 1 12 ? 7.41237   -15.45010 15.92406  1.000 159.80000 ?  12 DA A "O5'" 1 
ATOM 227  C "C5'" . DA A 1 12 ? 8.75958   -15.00363 15.85615  1.000 165.63000 ?  12 DA A "C5'" 1 
ATOM 228  C "C4'" . DA A 1 12 ? 9.31508   -15.18099 14.45338  1.000 174.70000 ?  12 DA A "C4'" 1 
ATOM 229  O "O4'" . DA A 1 12 ? 8.54945   -16.19021 13.75824  1.000 173.19000 ?  12 DA A "O4'" 1 
ATOM 230  C "C3'" . DA A 1 12 ? 9.28091   -13.92544 13.56367  1.000 183.16000 ?  12 DA A "C3'" 1 
ATOM 231  O "O3'" . DA A 1 12 ? 10.60493  -13.60534 13.07168  1.000 191.21000 ?  12 DA A "O3'" 1 
ATOM 232  C "C2'" . DA A 1 12 ? 8.34054   -14.31263 12.42923  1.000 194.44000 ?  12 DA A "C2'" 1 
ATOM 233  C "C1'" . DA A 1 12 ? 8.45106   -15.82202 12.42621  1.000 190.06000 ?  12 DA A "C1'" 1 
ATOM 234  N N9    . DA A 1 12 ? 7.28287   -16.44077 11.89867  1.000 198.55000 ?  12 DA A N9    1 
ATOM 235  C C8    . DA A 1 12 ? 6.09316   -16.59279 12.51095  1.000 194.54000 ?  12 DA A C8    1 
ATOM 236  N N7    . DA A 1 12 ? 5.19473   -17.16642 11.77019  1.000 203.39000 ?  12 DA A N7    1 
ATOM 237  C C5    . DA A 1 12 ? 5.85561   -17.42058 10.60852  1.000 213.94000 ?  12 DA A C5    1 
ATOM 238  C C6    . DA A 1 12 ? 5.45204   -18.00952 9.41736   1.000 230.16000 ?  12 DA A C6    1 
ATOM 239  N N6    . DA A 1 12 ? 4.21914   -18.49001 9.21256   1.000 233.15000 ?  12 DA A N6    1 
ATOM 240  N N1    . DA A 1 12 ? 6.35889   -18.06864 8.42884   1.000 246.15000 ?  12 DA A N1    1 
ATOM 241  C C2    . DA A 1 12 ? 7.58595   -17.58581 8.64852   1.000 242.13000 ?  12 DA A C2    1 
ATOM 242  N N3    . DA A 1 12 ? 8.06580   -17.00063 9.72811   1.000 228.40000 ?  12 DA A N3    1 
ATOM 243  C C4    . DA A 1 12 ? 7.14179   -16.95151 10.67130  1.000 213.70000 ?  12 DA A C4    1 
ATOM 244  P P     . DT A 1 13 ? 10.83770  -12.31076 12.14239  1.000 192.55000 ?  13 DT A P     1 
ATOM 245  O OP1   . DT A 1 13 ? 12.26141  -11.99304 11.88403  1.000 190.58000 ?  13 DT A OP1   1 
ATOM 246  O OP2   . DT A 1 13 ? 9.90868   -11.28479 12.61697  1.000 196.22000 -1 13 DT A OP2   1 
ATOM 247  O "O5'" . DT A 1 13 ? 10.29712  -12.78325 10.76673  1.000 213.63000 ?  13 DT A "O5'" 1 
ATOM 248  C "C5'" . DT A 1 13 ? 11.15761  -13.37694 9.89579   1.000 227.60000 ?  13 DT A "C5'" 1 
ATOM 249  C "C4'" . DT A 1 13 ? 10.52652  -13.33585 8.56381   1.000 247.50000 ?  13 DT A "C4'" 1 
ATOM 250  O "O4'" . DT A 1 13 ? 9.38127   -14.22559 8.56569   1.000 246.84000 ?  13 DT A "O4'" 1 
ATOM 251  C "C3'" . DT A 1 13 ? 9.97791   -11.94953 8.21731   1.000 257.81000 ?  13 DT A "C3'" 1 
ATOM 252  O "O3'" . DT A 1 13 ? 10.20111  -11.67663 6.87607   1.000 270.54000 ?  13 DT A "O3'" 1 
ATOM 253  C "C2'" . DT A 1 13 ? 8.50537   -12.10591 8.49502   1.000 259.11000 ?  13 DT A "C2'" 1 
ATOM 254  C "C1'" . DT A 1 13 ? 8.32163   -13.51988 8.01374   1.000 256.09000 ?  13 DT A "C1'" 1 
ATOM 255  N N1    . DT A 1 13 ? 7.08113   -14.08501 8.41428   1.000 249.32000 ?  13 DT A N1    1 
ATOM 256  C C2    . DT A 1 13 ? 6.45665   -14.91691 7.55792   1.000 262.42000 ?  13 DT A C2    1 
ATOM 257  O O2    . DT A 1 13 ? 6.93499   -15.23509 6.49504   1.000 274.74000 ?  13 DT A O2    1 
ATOM 258  N N3    . DT A 1 13 ? 5.25901   -15.39206 7.99628   1.000 257.61000 ?  13 DT A N3    1 
ATOM 259  C C4    . DT A 1 13 ? 4.62787   -15.08344 9.18554   1.000 245.53000 ?  13 DT A C4    1 
ATOM 260  O O4    . DT A 1 13 ? 3.54919   -15.56652 9.50137   1.000 238.09000 ?  13 DT A O4    1 
ATOM 261  C C5    . DT A 1 13 ? 5.34829   -14.18729 10.04465  1.000 235.55000 ?  13 DT A C5    1 
ATOM 262  C C7    . DT A 1 13 ? 4.76779   -13.78109 11.36826  1.000 225.57000 ?  13 DT A C7    1 
ATOM 263  C C6    . DT A 1 13 ? 6.52766   -13.72735 9.61571   1.000 238.88000 ?  13 DT A C6    1 
ATOM 264  P P     . DA A 1 14 ? 11.62870  -11.10744 6.41017   1.000 272.44000 ?  14 DA A P     1 
ATOM 265  O OP1   . DA A 1 14 ? 12.49452  -10.81300 7.58029   1.000 255.20000 ?  14 DA A OP1   1 
ATOM 266  O OP2   . DA A 1 14 ? 11.38259  -10.02791 5.44911   1.000 299.45000 -1 14 DA A OP2   1 
ATOM 267  O "O5'" . DA A 1 14 ? 12.19980  -12.29730 5.52612   1.000 295.39000 ?  14 DA A "O5'" 1 
ATOM 268  C "C5'" . DA A 1 14 ? 11.47728  -13.52843 5.43891   1.000 297.00000 ?  14 DA A "C5'" 1 
ATOM 269  C "C4'" . DA A 1 14 ? 10.77796  -13.65109 4.11537   1.000 324.95000 ?  14 DA A "C4'" 1 
ATOM 270  O "O4'" . DA A 1 14 ? 9.35755   -13.89337 4.33065   1.000 317.79000 ?  14 DA A "O4'" 1 
ATOM 271  C "C3'" . DA A 1 14 ? 10.83727  -12.39383 3.27669   1.000 365.61000 ?  14 DA A "C3'" 1 
ATOM 272  O "O3'" . DA A 1 14 ? 10.73466  -12.74146 1.92959   1.000 419.49000 ?  14 DA A "O3'" 1 
ATOM 273  C "C2'" . DA A 1 14 ? 9.58632   -11.68186 3.73811   1.000 353.99000 ?  14 DA A "C2'" 1 
ATOM 274  C "C1'" . DA A 1 14 ? 8.63571   -12.84230 3.72768   1.000 343.73000 ?  14 DA A "C1'" 1 
ATOM 275  N N9    . DA A 1 14 ? 7.45417   -12.59029 4.49770   1.000 329.21000 ?  14 DA A N9    1 
ATOM 276  C C8    . DA A 1 14 ? 7.37511   -11.86155 5.62425   1.000 314.93000 ?  14 DA A C8    1 
ATOM 277  N N7    . DA A 1 14 ? 6.17812   -11.80281 6.13466   1.000 317.77000 ?  14 DA A N7    1 
ATOM 278  C C5    . DA A 1 14 ? 5.40727   -12.50733 5.23511   1.000 341.78000 ?  14 DA A C5    1 
ATOM 279  C C6    . DA A 1 14 ? 4.03170   -12.79982 5.18255   1.000 349.46000 ?  14 DA A C6    1 
ATOM 280  N N6    . DA A 1 14 ? 3.15192   -12.39151 6.10303   1.000 343.78000 ?  14 DA A N6    1 
ATOM 281  N N1    . DA A 1 14 ? 3.59143   -13.53366 4.14244   1.000 355.48000 ?  14 DA A N1    1 
ATOM 282  C C2    . DA A 1 14 ? 4.47008   -13.92899 3.21993   1.000 361.36000 ?  14 DA A C2    1 
ATOM 283  N N3    . DA A 1 14 ? 5.78008   -13.72257 3.17245   1.000 365.51000 ?  14 DA A N3    1 
ATOM 284  C C4    . DA A 1 14 ? 6.18461   -12.99567 4.21598   1.000 350.87000 ?  14 DA A C4    1 
ATOM 285  P P     . DC A 1 15 ? 10.93846  -11.62927 0.79206   1.000 478.49000 ?  15 DC A P     1 
ATOM 286  O OP1   . DC A 1 15 ? 12.30651  -11.78816 0.25604   1.000 478.49000 ?  15 DC A OP1   1 
ATOM 287  O OP2   . DC A 1 15 ? 10.53006  -10.31453 1.33519   1.000 478.49000 -1 15 DC A OP2   1 
ATOM 288  O "O5'" . DC A 1 15 ? 9.85491   -12.02181 -0.32450  1.000 478.49000 ?  15 DC A "O5'" 1 
ATOM 289  C "C5'" . DC A 1 15 ? 9.62131   -13.39953 -0.67764  1.000 478.49000 ?  15 DC A "C5'" 1 
ATOM 290  C "C4'" . DC A 1 15 ? 8.18181   -13.60104 -1.14772  1.000 486.29000 ?  15 DC A "C4'" 1 
ATOM 291  O "O4'" . DC A 1 15 ? 7.28413   -13.41053 -0.03098  1.000 478.49000 ?  15 DC A "O4'" 1 
ATOM 292  C "C3'" . DC A 1 15 ? 7.71380   -12.62035 -2.21931  1.000 488.33000 ?  15 DC A "C3'" 1 
ATOM 293  O "O3'" . DC A 1 15 ? 7.91218   -13.18379 -3.52711  1.000 489.49000 ?  15 DC A "O3'" 1 
ATOM 294  C "C2'" . DC A 1 15 ? 6.21800   -12.40593 -1.91561  1.000 487.42000 ?  15 DC A "C2'" 1 
ATOM 295  C "C1'" . DC A 1 15 ? 6.03030   -12.94452 -0.48743  1.000 478.49000 ?  15 DC A "C1'" 1 
ATOM 296  N N1    . DC A 1 15 ? 5.52018   -11.91920 0.49046   1.000 478.49000 ?  15 DC A N1    1 
ATOM 297  C C2    . DC A 1 15 ? 4.14089   -11.70224 0.62401   1.000 478.49000 ?  15 DC A C2    1 
ATOM 298  O O2    . DC A 1 15 ? 3.35338   -12.35197 -0.07306  1.000 478.49000 ?  15 DC A O2    1 
ATOM 299  N N3    . DC A 1 15 ? 3.70836   -10.77934 1.51666   1.000 478.49000 ?  15 DC A N3    1 
ATOM 300  C C4    . DC A 1 15 ? 4.58697   -10.10108 2.25497   1.000 478.49000 ?  15 DC A C4    1 
ATOM 301  N N4    . DC A 1 15 ? 4.11152   -9.19939  3.11680   1.000 478.49000 ?  15 DC A N4    1 
ATOM 302  C C5    . DC A 1 15 ? 5.99042   -10.30656 2.13473   1.000 478.49000 ?  15 DC A C5    1 
ATOM 303  C C6    . DC A 1 15 ? 6.40893   -11.21786 1.25263   1.000 478.49000 ?  15 DC A C6    1 
ATOM 304  P P     . DG B 2 1  ? 14.77624  -30.45564 17.88308  1.000 214.75000 ?  9  DG B P     1 
ATOM 305  O OP1   . DG B 2 1  ? 15.34844  -31.10618 19.08779  1.000 213.88000 ?  9  DG B OP1   1 
ATOM 306  O OP2   . DG B 2 1  ? 15.07055  -30.88604 16.50050  1.000 217.50000 -1 9  DG B OP2   1 
ATOM 307  O "O5'" . DG B 2 1  ? 15.18403  -28.91856 17.86414  1.000 210.21000 ?  9  DG B "O5'" 1 
ATOM 308  C "C5'" . DG B 2 1  ? 15.25662  -28.25966 16.65106  1.000 210.00000 ?  9  DG B "C5'" 1 
ATOM 309  C "C4'" . DG B 2 1  ? 14.07311  -27.36970 16.51213  1.000 220.01000 ?  9  DG B "C4'" 1 
ATOM 310  O "O4'" . DG B 2 1  ? 13.95255  -27.01761 15.12636  1.000 220.77000 ?  9  DG B "O4'" 1 
ATOM 311  C "C3'" . DG B 2 1  ? 12.76955  -28.05263 16.91435  1.000 223.08000 ?  9  DG B "C3'" 1 
ATOM 312  O "O3'" . DG B 2 1  ? 12.36512  -27.64882 18.27242  1.000 224.07000 ?  9  DG B "O3'" 1 
ATOM 313  C "C2'" . DG B 2 1  ? 11.75247  -27.65664 15.83751  1.000 222.52000 ?  9  DG B "C2'" 1 
ATOM 314  C "C1'" . DG B 2 1  ? 12.61212  -27.10991 14.69647  1.000 223.05000 ?  9  DG B "C1'" 1 
ATOM 315  N N9    . DG B 2 1  ? 12.59276  -27.87236 13.46184  1.000 222.09000 ?  9  DG B N9    1 
ATOM 316  C C8    . DG B 2 1  ? 13.51071  -27.75540 12.44850  1.000 217.35000 ?  9  DG B C8    1 
ATOM 317  N N7    . DG B 2 1  ? 13.29091  -28.55031 11.46040  1.000 217.35000 ?  9  DG B N7    1 
ATOM 318  C C5    . DG B 2 1  ? 12.14273  -29.24898 11.83256  1.000 222.14000 ?  9  DG B C5    1 
ATOM 319  C C6    . DG B 2 1  ? 11.43430  -30.24546 11.14013  1.000 224.38000 ?  9  DG B C6    1 
ATOM 320  O O6    . DG B 2 1  ? 11.69108  -30.72247 10.02958  1.000 227.12000 ?  9  DG B O6    1 
ATOM 321  N N1    . DG B 2 1  ? 10.32241  -30.70230 11.85484  1.000 222.21000 ?  9  DG B N1    1 
ATOM 322  C C2    . DG B 2 1  ? 9.93355   -30.25254 13.08708  1.000 218.19000 ?  9  DG B C2    1 
ATOM 323  N N2    . DG B 2 1  ? 8.82671   -30.82429 13.61054  1.000 218.36000 ?  9  DG B N2    1 
ATOM 324  N N3    . DG B 2 1  ? 10.58493  -29.30726 13.75561  1.000 220.88000 ?  9  DG B N3    1 
ATOM 325  C C4    . DG B 2 1  ? 11.68735  -28.84726 13.06202  1.000 222.58000 ?  9  DG B C4    1 
ATOM 326  P P     . DG B 2 2  ? 12.21266  -28.73337 19.47297  1.000 219.34000 ?  10 DG B P     1 
ATOM 327  O OP1   . DG B 2 2  ? 11.26003  -28.16194 20.45351  1.000 230.12000 ?  10 DG B OP1   1 
ATOM 328  O OP2   . DG B 2 2  ? 13.51987  -29.14571 20.02884  1.000 219.10000 -1 10 DG B OP2   1 
ATOM 329  O "O5'" . DG B 2 2  ? 11.43658  -29.95749 18.78011  1.000 213.29000 ?  10 DG B "O5'" 1 
ATOM 330  C "C5'" . DG B 2 2  ? 10.13277  -29.69851 18.19171  1.000 218.84000 ?  10 DG B "C5'" 1 
ATOM 331  C "C4'" . DG B 2 2  ? 9.46228   -30.94517 17.63844  1.000 211.82000 ?  10 DG B "C4'" 1 
ATOM 332  O "O4'" . DG B 2 2  ? 9.89265   -31.19127 16.27408  1.000 211.14000 ?  10 DG B "O4'" 1 
ATOM 333  C "C3'" . DG B 2 2  ? 9.73205   -32.23183 18.40821  1.000 203.78000 ?  10 DG B "C3'" 1 
ATOM 334  O "O3'" . DG B 2 2  ? 8.60649   -33.02042 18.38384  1.000 192.90000 ?  10 DG B "O3'" 1 
ATOM 335  C "C2'" . DG B 2 2  ? 10.82145  -32.87221 17.58919  1.000 207.01000 ?  10 DG B "C2'" 1 
ATOM 336  C "C1'" . DG B 2 2  ? 10.34169  -32.51420 16.19312  1.000 211.56000 ?  10 DG B "C1'" 1 
ATOM 337  N N9    . DG B 2 2  ? 11.38218  -32.59821 15.19925  1.000 217.93000 ?  10 DG B N9    1 
ATOM 338  C C8    . DG B 2 2  ? 12.68356  -32.16898 15.31472  1.000 222.56000 ?  10 DG B C8    1 
ATOM 339  N N7    . DG B 2 2  ? 13.40097  -32.40078 14.25597  1.000 228.38000 ?  10 DG B N7    1 
ATOM 340  C C5    . DG B 2 2  ? 12.51199  -33.02211 13.39286  1.000 228.65000 ?  10 DG B C5    1 
ATOM 341  C C6    . DG B 2 2  ? 12.71572  -33.50239 12.10416  1.000 234.62000 ?  10 DG B C6    1 
ATOM 342  O O6    . DG B 2 2  ? 13.75888  -33.47579 11.43115  1.000 244.12000 ?  10 DG B O6    1 
ATOM 343  N N1    . DG B 2 2  ? 11.53957  -34.06478 11.58168  1.000 243.54000 ?  10 DG B N1    1 
ATOM 344  C C2    . DG B 2 2  ? 10.32753  -34.13404 12.24655  1.000 235.81000 ?  10 DG B C2    1 
ATOM 345  N N2    . DG B 2 2  ? 9.31150   -34.71776 11.59441  1.000 226.21000 ?  10 DG B N2    1 
ATOM 346  N N3    . DG B 2 2  ? 10.14125  -33.68777 13.46586  1.000 223.24000 ?  10 DG B N3    1 
ATOM 347  C C4    . DG B 2 2  ? 11.27128  -33.14620 13.97634  1.000 222.43000 ?  10 DG B C4    1 
ATOM 348  P P     . DC B 2 3  ? 8.58771   -34.34732 19.25569  1.000 176.71000 ?  11 DC B P     1 
ATOM 349  O OP1   . DC B 2 3  ? 7.19459   -34.47019 19.71267  1.000 181.38000 ?  11 DC B OP1   1 
ATOM 350  O OP2   . DC B 2 3  ? 9.69406   -34.23707 20.25711  1.000 178.07000 -1 11 DC B OP2   1 
ATOM 351  O "O5'" . DC B 2 3  ? 8.71715   -35.50189 18.17013  1.000 192.06000 ?  11 DC B "O5'" 1 
ATOM 352  C "C5'" . DC B 2 3  ? 7.57691   -36.29934 17.92817  1.000 190.99000 ?  11 DC B "C5'" 1 
ATOM 353  C "C4'" . DC B 2 3  ? 7.18168   -36.28744 16.47467  1.000 194.26000 ?  11 DC B "C4'" 1 
ATOM 354  O "O4'" . DC B 2 3  ? 8.18308   -35.57613 15.69874  1.000 201.37000 ?  11 DC B "O4'" 1 
ATOM 355  C "C3'" . DC B 2 3  ? 7.11179   -37.67878 15.89994  1.000 200.10000 ?  11 DC B "C3'" 1 
ATOM 356  O "O3'" . DC B 2 3  ? 6.02973   -37.84354 15.04756  1.000 202.68000 ?  11 DC B "O3'" 1 
ATOM 357  C "C2'" . DC B 2 3  ? 8.42297   -37.83183 15.16585  1.000 209.88000 ?  11 DC B "C2'" 1 
ATOM 358  C "C1'" . DC B 2 3  ? 8.72642   -36.43470 14.71980  1.000 211.18000 ?  11 DC B "C1'" 1 
ATOM 359  N N1    . DC B 2 3  ? 10.14250  -36.26733 14.68131  1.000 218.39000 ?  11 DC B N1    1 
ATOM 360  C C2    . DC B 2 3  ? 10.83309  -36.70946 13.55691  1.000 228.76000 ?  11 DC B C2    1 
ATOM 361  O O2    . DC B 2 3  ? 10.19166  -37.12633 12.58467  1.000 228.57000 ?  11 DC B O2    1 
ATOM 362  N N3    . DC B 2 3  ? 12.17372  -36.59176 13.52963  1.000 235.65000 ?  11 DC B N3    1 
ATOM 363  C C4    . DC B 2 3  ? 12.82003  -36.12518 14.59566  1.000 233.52000 ?  11 DC B C4    1 
ATOM 364  N N4    . DC B 2 3  ? 14.15212  -36.03576 14.52708  1.000 241.56000 ?  11 DC B N4    1 
ATOM 365  C C5    . DC B 2 3  ? 12.13035  -35.72958 15.78251  1.000 228.45000 ?  11 DC B C5    1 
ATOM 366  C C6    . DC B 2 3  ? 10.80200  -35.84428 15.78881  1.000 215.82000 ?  11 DC B C6    1 
ATOM 367  P P     . DT B 2 4  ? 5.93503   -39.23651 14.24976  1.000 196.46000 ?  12 DT B P     1 
ATOM 368  O OP1   . DT B 2 4  ? 4.57565   -39.64414 13.83108  1.000 201.09000 ?  12 DT B OP1   1 
ATOM 369  O OP2   . DT B 2 4  ? 6.53345   -40.23285 15.13732  1.000 200.03000 -1 12 DT B OP2   1 
ATOM 370  O "O5'" . DT B 2 4  ? 6.92919   -38.99086 13.02551  1.000 213.31000 ?  12 DT B "O5'" 1 
ATOM 371  C "C5'" . DT B 2 4  ? 6.46818   -39.10004 11.73041  1.000 223.07000 ?  12 DT B "C5'" 1 
ATOM 372  C "C4'" . DT B 2 4  ? 7.35265   -40.03364 10.94298  1.000 224.89000 ?  12 DT B "C4'" 1 
ATOM 373  O "O4'" . DT B 2 4  ? 8.68053   -39.51265 10.99347  1.000 222.20000 ?  12 DT B "O4'" 1 
ATOM 374  C "C3'" . DT B 2 4  ? 7.44038   -41.47578 11.47400  1.000 233.99000 ?  12 DT B "C3'" 1 
ATOM 375  O "O3'" . DT B 2 4  ? 6.64499   -42.36837 10.69354  1.000 234.66000 ?  12 DT B "O3'" 1 
ATOM 376  C "C2'" . DT B 2 4  ? 8.88548   -41.84153 11.29166  1.000 242.06000 ?  12 DT B "C2'" 1 
ATOM 377  C "C1'" . DT B 2 4  ? 9.58308   -40.56406 10.87749  1.000 239.07000 ?  12 DT B "C1'" 1 
ATOM 378  N N1    . DT B 2 4  ? 10.65480  -40.30951 11.75086  1.000 246.97000 ?  12 DT B N1    1 
ATOM 379  C C2    . DT B 2 4  ? 11.89272  -40.15493 11.23058  1.000 255.69000 ?  12 DT B C2    1 
ATOM 380  O O2    . DT B 2 4  ? 12.11468  -40.18843 10.03411  1.000 258.00000 ?  12 DT B O2    1 
ATOM 381  N N3    . DT B 2 4  ? 12.87272  -39.94398 12.15838  1.000 266.42000 ?  12 DT B N3    1 
ATOM 382  C C4    . DT B 2 4  ? 12.72799  -39.88808 13.53620  1.000 257.47000 ?  12 DT B C4    1 
ATOM 383  O O4    . DT B 2 4  ? 13.67976  -39.69240 14.29534  1.000 265.09000 ?  12 DT B O4    1 
ATOM 384  C C5    . DT B 2 4  ? 11.38231  -40.07204 14.01608  1.000 247.06000 ?  12 DT B C5    1 
ATOM 385  C C7    . DT B 2 4  ? 11.09594  -40.03604 15.48948  1.000 243.70000 ?  12 DT B C7    1 
ATOM 386  C C6    . DT B 2 4  ? 10.41926  -40.27276 13.10713  1.000 243.87000 ?  12 DT B C6    1 
ATOM 387  P P     . DG B 2 5  ? 6.73632   -43.96120 10.92328  1.000 238.57000 ?  13 DG B P     1 
ATOM 388  O OP1   . DG B 2 5  ? 5.64519   -44.62864 10.19320  1.000 242.56000 ?  13 DG B OP1   1 
ATOM 389  O OP2   . DG B 2 5  ? 6.89418   -44.17663 12.36860  1.000 246.63000 -1 13 DG B OP2   1 
ATOM 390  O "O5'" . DG B 2 5  ? 8.10110   -44.41128 10.23489  1.000 250.65000 ?  13 DG B "O5'" 1 
ATOM 391  C "C5'" . DG B 2 5  ? 8.15200   -44.72804 8.85486   1.000 258.93000 ?  13 DG B "C5'" 1 
ATOM 392  C "C4'" . DG B 2 5  ? 9.59191   -44.74095 8.42012   1.000 266.71000 ?  13 DG B "C4'" 1 
ATOM 393  O "O4'" . DG B 2 5  ? 10.26916  -43.61438 9.05117   1.000 266.57000 ?  13 DG B "O4'" 1 
ATOM 394  C "C3'" . DG B 2 5  ? 10.39038  -45.94832 8.89050   1.000 294.78000 ?  13 DG B "C3'" 1 
ATOM 395  O "O3'" . DG B 2 5  ? 10.15482  -47.12501 8.02109   1.000 300.55000 ?  13 DG B "O3'" 1 
ATOM 396  C "C2'" . DG B 2 5  ? 11.82087  -45.40546 8.78617   1.000 302.26000 ?  13 DG B "C2'" 1 
ATOM 397  C "C1'" . DG B 2 5  ? 11.65450  -43.92469 9.18821   1.000 285.55000 ?  13 DG B "C1'" 1 
ATOM 398  N N9    . DG B 2 5  ? 12.15283  -43.61958 10.55561  1.000 280.46000 ?  13 DG B N9    1 
ATOM 399  C C8    . DG B 2 5  ? 11.41971  -43.47267 11.71032  1.000 270.95000 ?  13 DG B C8    1 
ATOM 400  N N7    . DG B 2 5  ? 12.14360  -43.22248 12.76725  1.000 275.94000 ?  13 DG B N7    1 
ATOM 401  C C5    . DG B 2 5  ? 13.45026  -43.21377 12.29360  1.000 286.84000 ?  13 DG B C5    1 
ATOM 402  C C6    . DG B 2 5  ? 14.67043  -43.01510 12.98596  1.000 289.06000 ?  13 DG B C6    1 
ATOM 403  O O6    . DG B 2 5  ? 14.83173  -42.78317 14.18818  1.000 291.56000 ?  13 DG B O6    1 
ATOM 404  N N1    . DG B 2 5  ? 15.78099  -43.09907 12.13629  1.000 287.43000 ?  13 DG B N1    1 
ATOM 405  C C2    . DG B 2 5  ? 15.72177  -43.35716 10.78810  1.000 287.30000 ?  13 DG B C2    1 
ATOM 406  N N2    . DG B 2 5  ? 16.90243  -43.39265 10.13037  1.000 285.61000 ?  13 DG B N2    1 
ATOM 407  N N3    . DG B 2 5  ? 14.57645  -43.55469 10.12520  1.000 288.89000 ?  13 DG B N3    1 
ATOM 408  C C4    . DG B 2 5  ? 13.48199  -43.46441 10.93992  1.000 286.70000 ?  13 DG B C4    1 
ATOM 409  P P     . DC B 2 6  ? 10.76375  -48.57900 8.39369   1.000 299.81000 ?  14 DC B P     1 
ATOM 410  O OP1   . DC B 2 6  ? 10.25124  -49.64681 7.50534   1.000 298.77000 ?  14 DC B OP1   1 
ATOM 411  O OP2   . DC B 2 6  ? 10.61304  -48.73546 9.85217   1.000 309.61000 -1 14 DC B OP2   1 
ATOM 412  O "O5'" . DC B 2 6  ? 12.30252  -48.41938 8.05285   1.000 304.41000 ?  14 DC B "O5'" 1 
ATOM 413  C "C5'" . DC B 2 6  ? 12.84906  -49.05114 6.93111   1.000 299.81000 ?  14 DC B "C5'" 1 
ATOM 414  C "C4'" . DC B 2 6  ? 14.30635  -49.27623 7.18072   1.000 303.31000 ?  14 DC B "C4'" 1 
ATOM 415  O "O4'" . DC B 2 6  ? 14.82986  -48.11275 7.86661   1.000 314.48000 ?  14 DC B "O4'" 1 
ATOM 416  C "C3'" . DC B 2 6  ? 14.57541  -50.48244 8.05400   1.000 309.09000 ?  14 DC B "C3'" 1 
ATOM 417  O "O3'" . DC B 2 6  ? 15.28040  -51.43630 7.30948   1.000 306.62000 ?  14 DC B "O3'" 1 
ATOM 418  C "C2'" . DC B 2 6  ? 15.39563  -49.97073 9.24392   1.000 336.23000 ?  14 DC B "C2'" 1 
ATOM 419  C "C1'" . DC B 2 6  ? 15.35250  -48.44975 9.13135   1.000 326.71000 ?  14 DC B "C1'" 1 
ATOM 420  N N1    . DC B 2 6  ? 14.60474  -47.72019 10.28727  1.000 326.81000 ?  14 DC B N1    1 
ATOM 421  C C2    . DC B 2 6  ? 15.22450  -46.64242 10.94715  1.000 328.89000 ?  14 DC B C2    1 
ATOM 422  O O2    . DC B 2 6  ? 16.34202  -46.27223 10.56230  1.000 330.56000 ?  14 DC B O2    1 
ATOM 423  N N3    . DC B 2 6  ? 14.57376  -46.02666 11.98842  1.000 320.86000 ?  14 DC B N3    1 
ATOM 424  C C4    . DC B 2 6  ? 13.36280  -46.45282 12.37179  1.000 318.17000 ?  14 DC B C4    1 
ATOM 425  N N4    . DC B 2 6  ? 12.75352  -45.82469 13.39546  1.000 311.57000 ?  14 DC B N4    1 
ATOM 426  C C5    . DC B 2 6  ? 12.72681  -47.54997 11.72013  1.000 323.18000 ?  14 DC B C5    1 
ATOM 427  C C6    . DC B 2 6  ? 13.38383  -48.15768 10.70802  1.000 321.42000 ?  14 DC B C6    1 
ATOM 428  P P     . DT C 3 1  ? -11.91315 22.14690  26.29440  1.000 348.37000 ?  1  DT C P     1 
ATOM 429  O OP1   . DT C 3 1  ? -11.32257 22.50823  24.97870  1.000 340.49000 ?  1  DT C OP1   1 
ATOM 430  O OP2   . DT C 3 1  ? -13.37402 21.91260  26.44610  1.000 338.47000 -1 1  DT C OP2   1 
ATOM 431  O "O5'" . DT C 3 1  ? -11.10068 20.90903  26.92926  1.000 326.31000 ?  1  DT C "O5'" 1 
ATOM 432  C "C5'" . DT C 3 1  ? -9.93574  21.16143  27.73525  1.000 323.55000 ?  1  DT C "C5'" 1 
ATOM 433  C "C4'" . DT C 3 1  ? -9.21955  19.87012  28.09389  1.000 312.00000 ?  1  DT C "C4'" 1 
ATOM 434  O "O4'" . DT C 3 1  ? -9.85118  19.25773  29.24933  1.000 314.46000 ?  1  DT C "O4'" 1 
ATOM 435  C "C3'" . DT C 3 1  ? -9.17679  18.82931  26.97907  1.000 305.42000 ?  1  DT C "C3'" 1 
ATOM 436  O "O3'" . DT C 3 1  ? -7.80499  18.48942  26.67292  1.000 296.30000 ?  1  DT C "O3'" 1 
ATOM 437  C "C2'" . DT C 3 1  ? -9.96918  17.61846  27.50906  1.000 305.80000 ?  1  DT C "C2'" 1 
ATOM 438  C "C1'" . DT C 3 1  ? -10.39994 17.99855  28.93109  1.000 310.17000 ?  1  DT C "C1'" 1 
ATOM 439  N N1    . DT C 3 1  ? -11.87807 18.07917  29.10371  1.000 321.38000 ?  1  DT C N1    1 
ATOM 440  C C2    . DT C 3 1  ? -12.63005 16.93086  29.01831  1.000 322.28000 ?  1  DT C C2    1 
ATOM 441  O O2    . DT C 3 1  ? -12.14833 15.82195  28.80866  1.000 319.77000 ?  1  DT C O2    1 
ATOM 442  N N3    . DT C 3 1  ? -13.98070 17.12740  29.18625  1.000 325.73000 ?  1  DT C N3    1 
ATOM 443  C C4    . DT C 3 1  ? -14.63070 18.32996  29.42898  1.000 324.90000 ?  1  DT C C4    1 
ATOM 444  O O4    . DT C 3 1  ? -15.84693 18.40542  29.56937  1.000 326.31000 ?  1  DT C O4    1 
ATOM 445  C C5    . DT C 3 1  ? -13.77901 19.48732  29.50752  1.000 322.51000 ?  1  DT C C5    1 
ATOM 446  C C7    . DT C 3 1  ? -14.37138 20.83916  29.75764  1.000 325.62000 ?  1  DT C C7    1 
ATOM 447  C C6    . DT C 3 1  ? -12.46117 19.30887  29.34535  1.000 322.06000 ?  1  DT C C6    1 
ATOM 448  P P     . DG C 3 2  ? -7.42029  17.76939  25.28078  1.000 285.99000 ?  2  DG C P     1 
ATOM 449  O OP1   . DG C 3 2  ? -5.94076  17.64559  25.20526  1.000 284.40000 ?  2  DG C OP1   1 
ATOM 450  O OP2   . DG C 3 2  ? -8.18282  18.46434  24.22351  1.000 290.95000 -1 2  DG C OP2   1 
ATOM 451  O "O5'" . DG C 3 2  ? -8.06465  16.30188  25.39121  1.000 289.09000 ?  2  DG C "O5'" 1 
ATOM 452  C "C5'" . DG C 3 2  ? -7.68394  15.26631  24.48797  1.000 289.17000 ?  2  DG C "C5'" 1 
ATOM 453  C "C4'" . DG C 3 2  ? -8.68439  14.11899  24.53766  1.000 292.43000 ?  2  DG C "C4'" 1 
ATOM 454  O "O4'" . DG C 3 2  ? -9.85744  14.51439  25.31928  1.000 291.31000 ?  2  DG C "O4'" 1 
ATOM 455  C "C3'" . DG C 3 2  ? -9.23803  13.71947  23.17326  1.000 294.24000 ?  2  DG C "C3'" 1 
ATOM 456  O "O3'" . DG C 3 2  ? -9.63663  12.31466  23.15764  1.000 299.32000 ?  2  DG C "O3'" 1 
ATOM 457  C "C2'" . DG C 3 2  ? -10.44291 14.63065  23.08477  1.000 296.33000 ?  2  DG C "C2'" 1 
ATOM 458  C "C1'" . DG C 3 2  ? -10.98188 14.44299  24.47962  1.000 296.34000 ?  2  DG C "C1'" 1 
ATOM 459  N N9    . DG C 3 2  ? -11.95530 15.43654  24.86413  1.000 302.45000 ?  2  DG C N9    1 
ATOM 460  C C8    . DG C 3 2  ? -11.91143 16.79320  24.66415  1.000 305.15000 ?  2  DG C C8    1 
ATOM 461  N N7    . DG C 3 2  ? -12.96592 17.41285  25.12165  1.000 313.01000 ?  2  DG C N7    1 
ATOM 462  C C5    . DG C 3 2  ? -13.73995 16.39201  25.65282  1.000 315.33000 ?  2  DG C C5    1 
ATOM 463  C C6    . DG C 3 2  ? -14.99636 16.43021  26.28336  1.000 323.25000 ?  2  DG C C6    1 
ATOM 464  O O6    . DG C 3 2  ? -15.71470 17.41123  26.51975  1.000 323.78000 ?  2  DG C O6    1 
ATOM 465  N N1    . DG C 3 2  ? -15.40926 15.15454  26.65373  1.000 331.18000 ?  2  DG C N1    1 
ATOM 466  C C2    . DG C 3 2  ? -14.69055 13.99738  26.43907  1.000 328.17000 ?  2  DG C C2    1 
ATOM 467  N N2    . DG C 3 2  ? -15.23933 12.85946  26.86008  1.000 336.60000 ?  2  DG C N2    1 
ATOM 468  N N3    . DG C 3 2  ? -13.52608 13.95636  25.85437  1.000 312.71000 ?  2  DG C N3    1 
ATOM 469  C C4    . DG C 3 2  ? -13.11659 15.17895  25.49063  1.000 309.69000 ?  2  DG C C4    1 
ATOM 470  P P     . DC C 3 3  ? -9.20268  11.33967  21.93437  1.000 305.85000 ?  3  DC C P     1 
ATOM 471  O OP1   . DC C 3 3  ? -8.96112  9.95974   22.40567  1.000 303.55000 ?  3  DC C OP1   1 
ATOM 472  O OP2   . DC C 3 3  ? -8.09338  12.01381  21.20481  1.000 300.33000 -1 3  DC C OP2   1 
ATOM 473  O "O5'" . DC C 3 3  ? -10.53938 11.18208  21.05948  1.000 305.80000 ?  3  DC C "O5'" 1 
ATOM 474  C "C5'" . DC C 3 3  ? -11.50015 12.21491  21.03373  1.000 306.22000 ?  3  DC C "C5'" 1 
ATOM 475  C "C4'" . DC C 3 3  ? -12.70192 11.85181  21.86318  1.000 306.23000 ?  3  DC C "C4'" 1 
ATOM 476  O "O4'" . DC C 3 3  ? -13.07261 12.96413  22.71140  1.000 304.40000 ?  3  DC C "O4'" 1 
ATOM 477  C "C3'" . DC C 3 3  ? -13.91842 11.59689  21.02998  1.000 314.05000 ?  3  DC C "C3'" 1 
ATOM 478  O "O3'" . DC C 3 3  ? -13.94951 10.18367  20.42701  1.000 313.65000 ?  3  DC C "O3'" 1 
ATOM 479  C "C2'" . DC C 3 3  ? -15.07720 11.95142  21.97890  1.000 324.21000 ?  3  DC C "C2'" 1 
ATOM 480  C "C1'" . DC C 3 3  ? -14.43431 12.85714  23.03803  1.000 312.44000 ?  3  DC C "C1'" 1 
ATOM 481  N N1    . DC C 3 3  ? -15.03202 14.25140  23.13427  1.000 317.72000 ?  3  DC C N1    1 
ATOM 482  C C2    . DC C 3 3  ? -16.26284 14.43127  23.76930  1.000 339.71000 ?  3  DC C C2    1 
ATOM 483  O O2    . DC C 3 3  ? -16.84112 13.45128  24.23306  1.000 350.16000 ?  3  DC C O2    1 
ATOM 484  N N3    . DC C 3 3  ? -16.78666 15.67436  23.86278  1.000 340.52000 ?  3  DC C N3    1 
ATOM 485  C C4    . DC C 3 3  ? -16.13648 16.70995  23.35309  1.000 331.47000 ?  3  DC C C4    1 
ATOM 486  N N4    . DC C 3 3  ? -16.70210 17.91199  23.47308  1.000 349.44000 ?  3  DC C N4    1 
ATOM 487  C C5    . DC C 3 3  ? -14.87575 16.55939  22.69867  1.000 318.06000 ?  3  DC C C5    1 
ATOM 488  C C6    . DC C 3 3  ? -14.36576 15.32297  22.61399  1.000 315.33000 ?  3  DC C C6    1 
ATOM 489  P P     . DG C 3 4  ? -13.28569 8.83672   21.07068  1.000 302.53000 ?  4  DG C P     1 
ATOM 490  O OP1   . DG C 3 4  ? -12.64711 9.04064   22.39206  1.000 297.84000 -1 4  DG C OP1   1 
ATOM 491  O OP2   . DG C 3 4  ? -12.49577 8.11072   20.03462  1.000 280.98000 ?  4  DG C OP2   1 
ATOM 492  O "O5'" . DG C 3 4  ? -14.60492 8.02720   21.44145  1.000 320.62000 ?  4  DG C "O5'" 1 
ATOM 493  C "C5'" . DG C 3 4  ? -15.66414 8.79876   22.06086  1.000 328.15000 ?  4  DG C "C5'" 1 
ATOM 494  C "C4'" . DG C 3 4  ? -16.94173 8.03195   22.31721  1.000 345.45000 ?  4  DG C "C4'" 1 
ATOM 495  O "O4'" . DG C 3 4  ? -17.87668 8.90457   23.03021  1.000 359.73000 ?  4  DG C "O4'" 1 
ATOM 496  C "C3'" . DG C 3 4  ? -17.65641 7.57341   21.05987  1.000 328.67000 ?  4  DG C "C3'" 1 
ATOM 497  O "O3'" . DG C 3 4  ? -17.50574 6.11520   20.81064  1.000 325.18000 ?  4  DG C "O3'" 1 
ATOM 498  C "C2'" . DG C 3 4  ? -19.13675 8.03922   21.22486  1.000 335.77000 ?  4  DG C "C2'" 1 
ATOM 499  C "C1'" . DG C 3 4  ? -19.05000 9.16020   22.26523  1.000 350.84000 ?  4  DG C "C1'" 1 
ATOM 500  N N9    . DG C 3 4  ? -18.99130 10.56602  21.77189  1.000 365.28000 ?  4  DG C N9    1 
ATOM 501  C C8    . DG C 3 4  ? -17.89749 11.20014  21.25746  1.000 353.26000 ?  4  DG C C8    1 
ATOM 502  N N7    . DG C 3 4  ? -18.08872 12.45827  20.96480  1.000 359.09000 ?  4  DG C N7    1 
ATOM 503  C C5    . DG C 3 4  ? -19.39199 12.69973  21.35162  1.000 376.00000 ?  4  DG C C5    1 
ATOM 504  C C6    . DG C 3 4  ? -20.15341 13.89289  21.28724  1.000 409.37000 ?  4  DG C C6    1 
ATOM 505  O O6    . DG C 3 4  ? -19.81009 15.00052  20.87058  1.000 415.28000 ?  4  DG C O6    1 
ATOM 506  N N1    . DG C 3 4  ? -21.43290 13.71961  21.78912  1.000 436.33000 ?  4  DG C N1    1 
ATOM 507  C C2    . DG C 3 4  ? -21.92524 12.54265  22.28704  1.000 421.45000 ?  4  DG C C2    1 
ATOM 508  N N2    . DG C 3 4  ? -23.18721 12.58068  22.73231  1.000 452.13000 ?  4  DG C N2    1 
ATOM 509  N N3    . DG C 3 4  ? -21.22507 11.41107  22.36140  1.000 393.64000 ?  4  DG C N3    1 
ATOM 510  C C4    . DG C 3 4  ? -19.96790 11.55751  21.87306  1.000 378.30000 ?  4  DG C C4    1 
ATOM 511  P P     . DA C 3 5  ? -16.85715 5.50961   19.44289  1.000 315.21000 ?  5  DA C P     1 
ATOM 512  O OP1   . DA C 3 5  ? -17.40920 4.14147   19.23929  1.000 299.55000 ?  5  DA C OP1   1 
ATOM 513  O OP2   . DA C 3 5  ? -15.37444 5.71207   19.46491  1.000 310.78000 -1 5  DA C OP2   1 
ATOM 514  O "O5'" . DA C 3 5  ? -17.61149 6.25704   18.23439  1.000 315.11000 ?  5  DA C "O5'" 1 
ATOM 515  C "C5'" . DA C 3 5  ? -17.20789 7.54029   17.74406  1.000 322.41000 ?  5  DA C "C5'" 1 
ATOM 516  C "C4'" . DA C 3 5  ? -18.14300 8.59792   18.29958  1.000 325.41000 ?  5  DA C "C4'" 1 
ATOM 517  O "O4'" . DA C 3 5  ? -17.44250 9.82076   18.61616  1.000 330.74000 ?  5  DA C "O4'" 1 
ATOM 518  C "C3'" . DA C 3 5  ? -19.39277 8.96366   17.52985  1.000 320.21000 ?  5  DA C "C3'" 1 
ATOM 519  O "O3'" . DA C 3 5  ? -20.59345 8.88741   18.43153  1.000 302.90000 ?  5  DA C "O3'" 1 
ATOM 520  C "C2'" . DA C 3 5  ? -19.03584 10.38625  17.09402  1.000 324.12000 ?  5  DA C "C2'" 1 
ATOM 521  C "C1'" . DA C 3 5  ? -18.27464 10.87960  18.28889  1.000 330.76000 ?  5  DA C "C1'" 1 
ATOM 522  N N9    . DA C 3 5  ? -17.42894 12.04335  18.07087  1.000 343.59000 ?  5  DA C N9    1 
ATOM 523  C C8    . DA C 3 5  ? -16.08083 12.04260  17.86276  1.000 343.49000 ?  5  DA C C8    1 
ATOM 524  N N7    . DA C 3 5  ? -15.56598 13.23627  17.72241  1.000 352.54000 ?  5  DA C N7    1 
ATOM 525  C C5    . DA C 3 5  ? -16.64792 14.08175  17.87050  1.000 364.27000 ?  5  DA C C5    1 
ATOM 526  C C6    . DA C 3 5  ? -16.76378 15.48470  17.82612  1.000 393.28000 ?  5  DA C C6    1 
ATOM 527  N N6    . DA C 3 5  ? -15.73040 16.29934  17.61184  1.000 402.98000 ?  5  DA C N6    1 
ATOM 528  N N1    . DA C 3 5  ? -17.98474 16.01648  18.00950  1.000 406.82000 ?  5  DA C N1    1 
ATOM 529  C C2    . DA C 3 5  ? -19.01612 15.19302  18.20953  1.000 393.20000 ?  5  DA C C2    1 
ATOM 530  N N3    . DA C 3 5  ? -19.02913 13.85879  18.28210  1.000 363.77000 ?  5  DA C N3    1 
ATOM 531  C C4    . DA C 3 5  ? -17.80268 13.36265  18.09455  1.000 356.24000 ?  5  DA C C4    1 
ATOM 532  P P     . DG C 3 6  ? -21.51133 7.54087   18.47779  1.000 280.82000 ?  6  DG C P     1 
ATOM 533  O OP1   . DG C 3 6  ? -20.80043 6.35995   18.98725  1.000 282.35000 ?  6  DG C OP1   1 
ATOM 534  O OP2   . DG C 3 6  ? -22.30629 7.43115   17.25770  1.000 290.23000 -1 6  DG C OP2   1 
ATOM 535  O "O5'" . DG C 3 6  ? -22.66364 7.81698   19.49637  1.000 280.61000 ?  6  DG C "O5'" 1 
ATOM 536  C "C5'" . DG C 3 6  ? -23.95991 7.68576   19.04334  1.000 274.90000 ?  6  DG C "C5'" 1 
ATOM 537  C "C4'" . DG C 3 6  ? -24.53751 9.05281   18.83517  1.000 284.20000 ?  6  DG C "C4'" 1 
ATOM 538  O "O4'" . DG C 3 6  ? -23.48217 10.01953  18.52831  1.000 296.84000 ?  6  DG C "O4'" 1 
ATOM 539  C "C3'" . DG C 3 6  ? -25.54698 9.17021   17.69357  1.000 294.98000 ?  6  DG C "C3'" 1 
ATOM 540  O "O3'" . DG C 3 6  ? -26.68387 9.90701   18.14997  1.000 302.62000 ?  6  DG C "O3'" 1 
ATOM 541  C "C2'" . DG C 3 6  ? -24.77014 9.97383   16.65510  1.000 305.01000 ?  6  DG C "C2'" 1 
ATOM 542  C "C1'" . DG C 3 6  ? -24.02748 10.90489  17.57814  1.000 302.32000 ?  6  DG C "C1'" 1 
ATOM 543  N N9    . DG C 3 6  ? -22.97459 11.71181  16.94984  1.000 313.92000 ?  6  DG C N9    1 
ATOM 544  C C8    . DG C 3 6  ? -21.75927 11.28270  16.56114  1.000 314.07000 ?  6  DG C C8    1 
ATOM 545  N N7    . DG C 3 6  ? -21.00445 12.21606  16.04464  1.000 325.62000 ?  6  DG C N7    1 
ATOM 546  C C5    . DG C 3 6  ? -21.77767 13.35075  16.08726  1.000 331.50000 ?  6  DG C C5    1 
ATOM 547  C C6    . DG C 3 6  ? -21.48442 14.67293  15.66283  1.000 354.03000 ?  6  DG C C6    1 
ATOM 548  O O6    . DG C 3 6  ? -20.44853 15.09931  15.14586  1.000 373.66000 ?  6  DG C O6    1 
ATOM 549  N N1    . DG C 3 6  ? -22.55125 15.53519  15.87220  1.000 358.38000 ?  6  DG C N1    1 
ATOM 550  C C2    . DG C 3 6  ? -23.74542 15.17256  16.43095  1.000 346.60000 ?  6  DG C C2    1 
ATOM 551  N N2    . DG C 3 6  ? -24.66070 16.15016  16.55310  1.000 355.02000 ?  6  DG C N2    1 
ATOM 552  N N3    . DG C 3 6  ? -24.03181 13.93095  16.83973  1.000 333.71000 ?  6  DG C N3    1 
ATOM 553  C C4    . DG C 3 6  ? -23.00424 13.07262  16.63375  1.000 326.72000 ?  6  DG C C4    1 
ATOM 554  P P     . DT C 3 7  ? -27.81554 10.41710  17.11737  1.000 319.08000 ?  7  DT C P     1 
ATOM 555  O OP1   . DT C 3 7  ? -29.03525 10.75900  17.89366  1.000 312.19000 ?  7  DT C OP1   1 
ATOM 556  O OP2   . DT C 3 7  ? -27.87005 9.36620   16.08262  1.000 320.67000 -1 7  DT C OP2   1 
ATOM 557  O "O5'" . DT C 3 7  ? -27.24075 11.78330  16.45959  1.000 316.48000 ?  7  DT C "O5'" 1 
ATOM 558  C "C5'" . DT C 3 7  ? -28.08977 12.95417  16.38588  1.000 315.76000 ?  7  DT C "C5'" 1 
ATOM 559  C "C4'" . DT C 3 7  ? -27.56107 14.02746  15.42540  1.000 322.63000 ?  7  DT C "C4'" 1 
ATOM 560  O "O4'" . DT C 3 7  ? -26.10856 13.99515  15.29258  1.000 320.86000 ?  7  DT C "O4'" 1 
ATOM 561  C "C3'" . DT C 3 7  ? -28.08073 13.95419  13.99177  1.000 325.51000 ?  7  DT C "C3'" 1 
ATOM 562  O "O3'" . DT C 3 7  ? -28.25895 15.23448  13.56044  1.000 327.81000 ?  7  DT C "O3'" 1 
ATOM 563  C "C2'" . DT C 3 7  ? -26.88814 13.36976  13.25723  1.000 328.42000 ?  7  DT C "C2'" 1 
ATOM 564  C "C1'" . DT C 3 7  ? -25.82159 14.18844  13.92981  1.000 326.94000 ?  7  DT C "C1'" 1 
ATOM 565  N N1    . DT C 3 7  ? -24.42882 13.78605  13.60175  1.000 327.78000 ?  7  DT C N1    1 
ATOM 566  C C2    . DT C 3 7  ? -23.53202 14.76111  13.22814  1.000 329.26000 ?  7  DT C C2    1 
ATOM 567  O O2    . DT C 3 7  ? -23.80731 15.95123  13.20054  1.000 330.10000 ?  7  DT C O2    1 
ATOM 568  N N3    . DT C 3 7  ? -22.28591 14.29748  12.91969  1.000 329.75000 ?  7  DT C N3    1 
ATOM 569  C C4    . DT C 3 7  ? -21.85641 12.98588  12.92965  1.000 329.31000 ?  7  DT C C4    1 
ATOM 570  O O4    . DT C 3 7  ? -20.71390 12.67238  12.63520  1.000 326.03000 ?  7  DT C O4    1 
ATOM 571  C C5    . DT C 3 7  ? -22.84982 12.01393  13.31088  1.000 325.10000 ?  7  DT C C5    1 
ATOM 572  C C7    . DT C 3 7  ? -22.49830 10.56101  13.35141  1.000 323.76000 ?  7  DT C C7    1 
ATOM 573  C C6    . DT C 3 7  ? -24.07691 12.45226  13.61658  1.000 328.63000 ?  7  DT C C6    1 
ATOM 574  P P     . DA C 3 8  ? -29.71397 15.83568  13.32314  1.000 336.68000 ?  8  DA C P     1 
ATOM 575  O OP1   . DA C 3 8  ? -30.29787 16.07144  14.66878  1.000 327.36000 ?  8  DA C OP1   1 
ATOM 576  O OP2   . DA C 3 8  ? -30.45389 14.92023  12.42814  1.000 336.47000 -1 8  DA C OP2   1 
ATOM 577  O "O5'" . DA C 3 8  ? -29.35780 17.19009  12.51472  1.000 337.39000 ?  8  DA C "O5'" 1 
ATOM 578  C "C5'" . DA C 3 8  ? -28.67495 18.27079  13.19766  1.000 334.53000 ?  8  DA C "C5'" 1 
ATOM 579  C "C4'" . DA C 3 8  ? -27.58127 18.96326  12.35169  1.000 324.94000 ?  8  DA C "C4'" 1 
ATOM 580  O "O4'" . DA C 3 8  ? -26.41814 18.09796  12.20119  1.000 322.59000 ?  8  DA C "O4'" 1 
ATOM 581  C "C3'" . DA C 3 8  ? -27.97102 19.42802  10.93809  1.000 321.90000 ?  8  DA C "C3'" 1 
ATOM 582  O "O3'" . DA C 3 8  ? -27.49038 20.77740  10.70086  1.000 321.95000 ?  8  DA C "O3'" 1 
ATOM 583  C "C2'" . DA C 3 8  ? -27.25147 18.42285  10.05155  1.000 317.56000 ?  8  DA C "C2'" 1 
ATOM 584  C "C1'" . DA C 3 8  ? -25.98857 18.13040  10.86443  1.000 318.70000 ?  8  DA C "C1'" 1 
ATOM 585  N N9    . DA C 3 8  ? -25.38927 16.83243  10.54090  1.000 316.81000 ?  8  DA C N9    1 
ATOM 586  C C8    . DA C 3 8  ? -26.03470 15.62800  10.53752  1.000 323.29000 ?  8  DA C C8    1 
ATOM 587  N N7    . DA C 3 8  ? -25.28013 14.61124  10.19675  1.000 320.18000 ?  8  DA C N7    1 
ATOM 588  C C5    . DA C 3 8  ? -24.04358 15.17351  9.96107   1.000 319.04000 ?  8  DA C C5    1 
ATOM 589  C C6    . DA C 3 8  ? -22.81665 14.60272  9.56706   1.000 308.22000 ?  8  DA C C6    1 
ATOM 590  N N6    . DA C 3 8  ? -22.65881 13.28435  9.34188   1.000 297.20000 ?  8  DA C N6    1 
ATOM 591  N N1    . DA C 3 8  ? -21.76106 15.43809  9.41417   1.000 304.47000 ?  8  DA C N1    1 
ATOM 592  C C2    . DA C 3 8  ? -21.93861 16.75574  9.63741   1.000 312.67000 ?  8  DA C C2    1 
ATOM 593  N N3    . DA C 3 8  ? -23.04814 17.40903  10.02112  1.000 318.98000 ?  8  DA C N3    1 
ATOM 594  C C4    . DA C 3 8  ? -24.07849 16.55074  10.16714  1.000 321.05000 ?  8  DA C C4    1 
ATOM 595  P P     . DT C 3 9  ? -28.25661 21.77932  9.69422   1.000 307.09000 ?  9  DT C P     1 
ATOM 596  O OP1   . DT C 3 9  ? -28.04579 23.17044  10.14664  1.000 303.22000 ?  9  DT C OP1   1 
ATOM 597  O OP2   . DT C 3 9  ? -29.60035 21.25962  9.38737   1.000 312.62000 -1 9  DT C OP2   1 
ATOM 598  O "O5'" . DT C 3 9  ? -27.43846 21.68451  8.34456   1.000 304.96000 ?  9  DT C "O5'" 1 
ATOM 599  C "C5'" . DT C 3 9  ? -26.56456 22.74047  7.99454   1.000 306.02000 ?  9  DT C "C5'" 1 
ATOM 600  C "C4'" . DT C 3 9  ? -25.11234 22.31571  8.15570   1.000 313.12000 ?  9  DT C "C4'" 1 
ATOM 601  O "O4'" . DT C 3 9  ? -25.04367 20.91104  8.51814   1.000 310.38000 ?  9  DT C "O4'" 1 
ATOM 602  C "C3'" . DT C 3 9  ? -24.26658 22.39500  6.89134   1.000 318.36000 ?  9  DT C "C3'" 1 
ATOM 603  O "O3'" . DT C 3 9  ? -23.79766 23.71971  6.65958   1.000 326.73000 ?  9  DT C "O3'" 1 
ATOM 604  C "C2'" . DT C 3 9  ? -23.11057 21.45144  7.21230   1.000 316.18000 ?  9  DT C "C2'" 1 
ATOM 605  C "C1'" . DT C 3 9  ? -23.77105 20.39277  8.10868   1.000 312.01000 ?  9  DT C "C1'" 1 
ATOM 606  N N1    . DT C 3 9  ? -23.92242 18.98173  7.46320   1.000 309.32000 ?  9  DT C N1    1 
ATOM 607  C C2    . DT C 3 9  ? -22.85376 18.40534  6.77827   1.000 302.65000 ?  9  DT C C2    1 
ATOM 608  O O2    . DT C 3 9  ? -21.77184 18.94993  6.61686   1.000 300.39000 ?  9  DT C O2    1 
ATOM 609  N N3    . DT C 3 9  ? -23.10694 17.14684  6.27559   1.000 295.01000 ?  9  DT C N3    1 
ATOM 610  C C4    . DT C 3 9  ? -24.28122 16.41168  6.38754   1.000 294.26000 ?  9  DT C C4    1 
ATOM 611  O O4    . DT C 3 9  ? -24.41138 15.28607  5.90546   1.000 290.36000 ?  9  DT C O4    1 
ATOM 612  C C5    . DT C 3 9  ? -25.34385 17.05740  7.11551   1.000 306.75000 ?  9  DT C C5    1 
ATOM 613  C C7    . DT C 3 9  ? -26.66167 16.35299  7.29351   1.000 308.60000 ?  9  DT C C7    1 
ATOM 614  C C6    . DT C 3 9  ? -25.11653 18.29475  7.60924   1.000 306.70000 ?  9  DT C C6    1 
ATOM 615  P P     . DT C 3 10 ? -23.23277 24.11811  5.20560   1.000 339.22000 ?  10 DT C P     1 
ATOM 616  O OP1   . DT C 3 10 ? -22.82922 25.53501  5.20406   1.000 337.85000 ?  10 DT C OP1   1 
ATOM 617  O OP2   . DT C 3 10 ? -24.14885 23.58203  4.18283   1.000 338.07000 -1 10 DT C OP2   1 
ATOM 618  O "O5'" . DT C 3 10 ? -21.90126 23.29501  5.07111   1.000 336.18000 ?  10 DT C "O5'" 1 
ATOM 619  C "C5'" . DT C 3 10 ? -20.68536 23.92031  5.29640   1.000 335.71000 ?  10 DT C "C5'" 1 
ATOM 620  C "C4'" . DT C 3 10 ? -19.62070 23.09310  4.66655   1.000 331.31000 ?  10 DT C "C4'" 1 
ATOM 621  O "O4'" . DT C 3 10 ? -20.03963 21.70515  4.77150   1.000 331.92000 ?  10 DT C "O4'" 1 
ATOM 622  C "C3'" . DT C 3 10 ? -19.42757 23.36836  3.17149   1.000 323.72000 ?  10 DT C "C3'" 1 
ATOM 623  O "O3'" . DT C 3 10 ? -17.99251 23.30088  2.80171   1.000 317.85000 ?  10 DT C "O3'" 1 
ATOM 624  C "C2'" . DT C 3 10 ? -20.27411 22.28650  2.53535   1.000 322.22000 ?  10 DT C "C2'" 1 
ATOM 625  C "C1'" . DT C 3 10 ? -20.04345 21.14081  3.49871   1.000 325.47000 ?  10 DT C "C1'" 1 
ATOM 626  N N1    . DT C 3 10 ? -21.06308 20.15895  3.40341   1.000 276.30000 ?  10 DT C N1    1 
ATOM 627  C C2    . DT C 3 10 ? -20.70994 18.89300  3.04943   1.000 265.26000 ?  10 DT C C2    1 
ATOM 628  O O2    . DT C 3 10 ? -19.56307 18.55041  2.86425   1.000 261.58000 ?  10 DT C O2    1 
ATOM 629  N N3    . DT C 3 10 ? -21.74410 18.03736  2.91927   1.000 261.55000 ?  10 DT C N3    1 
ATOM 630  C C4    . DT C 3 10 ? -23.07414 18.31939  3.09978   1.000 271.08000 ?  10 DT C C4    1 
ATOM 631  O O4    . DT C 3 10 ? -23.93539 17.47381  2.96478   1.000 267.56000 ?  10 DT C O4    1 
ATOM 632  C C5    . DT C 3 10 ? -23.38292 19.67584  3.44542   1.000 281.99000 ?  10 DT C C5    1 
ATOM 633  C C7    . DT C 3 10 ? -24.80805 20.08802  3.66168   1.000 288.27000 ?  10 DT C C7    1 
ATOM 634  C C6    . DT C 3 10 ? -22.37157 20.53217  3.56786   1.000 283.48000 ?  10 DT C C6    1 
ATOM 635  P P     . DC C 3 11 ? -17.42850 22.50029  1.50741   1.000 276.73000 ?  11 DC C P     1 
ATOM 636  O OP1   . DC C 3 11 ? -15.96808 22.77648  1.37399   1.000 275.99000 ?  11 DC C OP1   1 
ATOM 637  O OP2   . DC C 3 11 ? -18.27072 22.74825  0.32088   1.000 276.55000 -1 11 DC C OP2   1 
ATOM 638  O "O5'" . DC C 3 11 ? -17.68647 20.97467  1.88454   1.000 273.70000 ?  11 DC C "O5'" 1 
ATOM 639  C "C5'" . DC C 3 11 ? -16.64426 20.13488  2.24053   1.000 274.72000 ?  11 DC C "C5'" 1 
ATOM 640  C "C4'" . DC C 3 11 ? -16.41570 19.14084  1.13632   1.000 264.38000 ?  11 DC C "C4'" 1 
ATOM 641  O "O4'" . DC C 3 11 ? -17.60174 18.32581  0.96282   1.000 253.18000 ?  11 DC C "O4'" 1 
ATOM 642  C "C3'" . DC C 3 11 ? -16.14789 19.76758  -0.21652  1.000 257.03000 ?  11 DC C "C3'" 1 
ATOM 643  O "O3'" . DC C 3 11 ? -15.26777 18.95168  -0.93240  1.000 259.23000 ?  11 DC C "O3'" 1 
ATOM 644  C "C2'" . DC C 3 11 ? -17.52955 19.81160  -0.85670  1.000 251.72000 ?  11 DC C "C2'" 1 
ATOM 645  C "C1'" . DC C 3 11 ? -18.13939 18.53139  -0.32391  1.000 244.81000 ?  11 DC C "C1'" 1 
ATOM 646  N N1    . DC C 3 11 ? -19.59843 18.58376  -0.20780  1.000 242.94000 ?  11 DC C N1    1 
ATOM 647  C C2    . DC C 3 11 ? -20.30335 17.40378  -0.33401  1.000 237.48000 ?  11 DC C C2    1 
ATOM 648  O O2    . DC C 3 11 ? -19.67553 16.36575  -0.54441  1.000 231.90000 ?  11 DC C O2    1 
ATOM 649  N N3    . DC C 3 11 ? -21.64615 17.42668  -0.23872  1.000 236.37000 ?  11 DC C N3    1 
ATOM 650  C C4    . DC C 3 11 ? -22.27853 18.57333  -0.01109  1.000 243.38000 ?  11 DC C C4    1 
ATOM 651  N N4    . DC C 3 11 ? -23.60860 18.52844  0.08404   1.000 239.87000 ?  11 DC C N4    1 
ATOM 652  C C5    . DC C 3 11 ? -21.57370 19.81105  0.13221   1.000 249.78000 ?  11 DC C C5    1 
ATOM 653  C C6    . DC C 3 11 ? -20.23879 19.77081  0.02296   1.000 249.40000 ?  11 DC C C6    1 
ATOM 654  P P     . DA C 3 12 ? -13.96947 19.61581  -1.59231  1.000 270.53000 ?  12 DA C P     1 
ATOM 655  O OP1   . DA C 3 12 ? -12.78939 19.58339  -0.69215  1.000 268.75000 ?  12 DA C OP1   1 
ATOM 656  O OP2   . DA C 3 12 ? -14.50858 20.91894  -2.03684  1.000 269.60000 -1 12 DA C OP2   1 
ATOM 657  O "O5'" . DA C 3 12 ? -13.67306 18.68188  -2.86524  1.000 259.45000 ?  12 DA C "O5'" 1 
ATOM 658  C "C5'" . DA C 3 12 ? -13.68732 17.23293  -2.74232  1.000 244.73000 ?  12 DA C "C5'" 1 
ATOM 659  C "C4'" . DA C 3 12 ? -14.58037 16.61349  -3.80867  1.000 238.41000 ?  12 DA C "C4'" 1 
ATOM 660  O "O4'" . DA C 3 12 ? -15.86126 16.25205  -3.24939  1.000 227.25000 ?  12 DA C "O4'" 1 
ATOM 661  C "C3'" . DA C 3 12 ? -14.93459 17.52596  -4.96470  1.000 236.37000 ?  12 DA C "C3'" 1 
ATOM 662  O "O3'" . DA C 3 12 ? -13.87225 17.51324  -5.96595  1.000 229.93000 ?  12 DA C "O3'" 1 
ATOM 663  C "C2'" . DA C 3 12 ? -16.24506 16.90311  -5.49059  1.000 224.99000 ?  12 DA C "C2'" 1 
ATOM 664  C "C1'" . DA C 3 12 ? -16.75327 16.03713  -4.31698  1.000 229.25000 ?  12 DA C "C1'" 1 
ATOM 665  N N9    . DA C 3 12 ? -18.12881 16.35715  -3.88069  1.000 222.30000 ?  12 DA C N9    1 
ATOM 666  C C8    . DA C 3 12 ? -18.62344 17.58419  -3.50532  1.000 225.19000 ?  12 DA C C8    1 
ATOM 667  N N7    . DA C 3 12 ? -19.89578 17.57201  -3.18545  1.000 222.76000 ?  12 DA C N7    1 
ATOM 668  C C5    . DA C 3 12 ? -20.26695 16.25026  -3.36466  1.000 218.91000 ?  12 DA C C5    1 
ATOM 669  C C6    . DA C 3 12 ? -21.49164 15.58387  -3.19098  1.000 215.14000 ?  12 DA C C6    1 
ATOM 670  N N6    . DA C 3 12 ? -22.60039 16.19449  -2.77171  1.000 214.93000 ?  12 DA C N6    1 
ATOM 671  N N1    . DA C 3 12 ? -21.53328 14.25943  -3.45838  1.000 214.62000 ?  12 DA C N1    1 
ATOM 672  C C2    . DA C 3 12 ? -20.41892 13.64807  -3.87667  1.000 214.00000 ?  12 DA C C2    1 
ATOM 673  N N3    . DA C 3 12 ? -19.20474 14.16711  -4.07114  1.000 215.54000 ?  12 DA C N3    1 
ATOM 674  C C4    . DA C 3 12 ? -19.19126 15.48291  -3.77339  1.000 218.90000 ?  12 DA C C4    1 
ATOM 675  P P     . DC C 3 13 ? -13.14756 16.14614  -6.44541  1.000 239.77000 ?  13 DC C P     1 
ATOM 676  O OP1   . DC C 3 13 ? -13.90567 14.84477  -6.21865  1.000 242.39000 ?  13 DC C OP1   1 
ATOM 677  O OP2   . DC C 3 13 ? -11.73610 16.08844  -5.90503  1.000 252.42000 -1 13 DC C OP2   1 
ATOM 678  O "O5'" . DC C 3 13 ? -13.08424 16.25451  -8.03320  1.000 241.34000 ?  13 DC C "O5'" 1 
ATOM 679  C "C5'" . DC C 3 13 ? -13.80184 15.26894  -8.81420  1.000 231.71000 ?  13 DC C "C5'" 1 
ATOM 680  C "C4'" . DC C 3 13 ? -13.02910 14.98939  -10.07719 1.000 241.48000 ?  13 DC C "C4'" 1 
ATOM 681  O "O4'" . DC C 3 13 ? -11.99861 15.98582  -10.26870 1.000 233.72000 ?  13 DC C "O4'" 1 
ATOM 682  C "C3'" . DC C 3 13 ? -12.32499 13.65345  -10.01105 1.000 268.93000 ?  13 DC C "C3'" 1 
ATOM 683  O "O3'" . DC C 3 13 ? -12.37173 12.86749  -11.19876 1.000 287.60000 ?  13 DC C "O3'" 1 
ATOM 684  C "C2'" . DC C 3 13 ? -10.87166 14.01645  -9.75148  1.000 275.00000 ?  13 DC C "C2'" 1 
ATOM 685  C "C1'" . DC C 3 13 ? -10.72149 15.39780  -10.33860 1.000 251.52000 ?  13 DC C "C1'" 1 
ATOM 686  N N1    . DC C 3 13 ? -9.79995  16.20942  -9.52941  1.000 247.32000 ?  13 DC C N1    1 
ATOM 687  C C2    . DC C 3 13 ? -8.48923  16.37543  -9.96643  1.000 254.67000 ?  13 DC C C2    1 
ATOM 688  O O2    . DC C 3 13 ? -8.16795  15.88159  -11.05736 1.000 261.28000 ?  13 DC C O2    1 
ATOM 689  N N3    . DC C 3 13 ? -7.62837  17.07382  -9.18919  1.000 256.26000 ?  13 DC C N3    1 
ATOM 690  C C4    . DC C 3 13 ? -8.03561  17.58573  -8.02155  1.000 253.52000 ?  13 DC C C4    1 
ATOM 691  N N4    . DC C 3 13 ? -7.17266  18.28278  -7.30550  1.000 256.09000 ?  13 DC C N4    1 
ATOM 692  C C5    . DC C 3 13 ? -9.35860  17.39921  -7.55532  1.000 250.16000 ?  13 DC C C5    1 
ATOM 693  C C6    . DC C 3 13 ? -10.19299 16.70133  -8.33270  1.000 245.53000 ?  13 DC C C6    1 
ATOM 694  P P     . DC C 3 14 ? -11.87839 11.33712  -11.14467 1.000 306.18000 ?  14 DC C P     1 
ATOM 695  O OP1   . DC C 3 14 ? -13.11513 10.49749  -11.20543 1.000 319.16000 ?  14 DC C OP1   1 
ATOM 696  O OP2   . DC C 3 14 ? -11.14843 11.17517  -9.87486  1.000 306.27000 -1 14 DC C OP2   1 
ATOM 697  O "O5'" . DC C 3 14 ? -10.81988 11.15986  -12.37799 1.000 314.43000 ?  14 DC C "O5'" 1 
ATOM 698  C "C5'" . DC C 3 14 ? -9.78728  12.14629  -12.67732 1.000 307.64000 ?  14 DC C "C5'" 1 
ATOM 699  C "C4'" . DC C 3 14 ? -8.42333  11.48360  -12.83234 1.000 321.99000 ?  14 DC C "C4'" 1 
ATOM 700  O "O4'" . DC C 3 14 ? -7.53893  12.06885  -11.85614 1.000 316.58000 ?  14 DC C "O4'" 1 
ATOM 701  C "C3'" . DC C 3 14 ? -8.39612  9.97986   -12.52474 1.000 332.92000 ?  14 DC C "C3'" 1 
ATOM 702  O "O3'" . DC C 3 14 ? -7.23537  9.35042   -13.08414 1.000 339.94000 ?  14 DC C "O3'" 1 
ATOM 703  C "C2'" . DC C 3 14 ? -8.32518  9.98324   -11.01464 1.000 330.11000 ?  14 DC C "C2'" 1 
ATOM 704  C "C1'" . DC C 3 14 ? -7.46618  11.21206  -10.71849 1.000 329.21000 ?  14 DC C "C1'" 1 
ATOM 705  N N1    . DC C 3 14 ? -7.94684  11.91888  -9.48962  1.000 317.44000 ?  14 DC C N1    1 
ATOM 706  C C2    . DC C 3 14 ? -7.53468  13.22980  -9.19981  1.000 317.35000 ?  14 DC C C2    1 
ATOM 707  O O2    . DC C 3 14 ? -6.76823  13.82222  -9.98602  1.000 318.21000 ?  14 DC C O2    1 
ATOM 708  N N3    . DC C 3 14 ? -8.00414  13.81715  -8.05821  1.000 311.24000 ?  14 DC C N3    1 
ATOM 709  C C4    . DC C 3 14 ? -8.83335  13.14101  -7.23564  1.000 307.18000 ?  14 DC C C4    1 
ATOM 710  N N4    . DC C 3 14 ? -9.27202  13.76185  -6.12963  1.000 297.25000 ?  14 DC C N4    1 
ATOM 711  C C5    . DC C 3 14 ? -9.24480  11.80522  -7.51473  1.000 312.11000 ?  14 DC C C5    1 
ATOM 712  C C6    . DC C 3 14 ? -8.76250  11.23583  -8.62017  1.000 316.54000 ?  14 DC C C6    1 
ATOM 713  P P     . DG C 3 15 ? -6.87239  7.79551   -12.79944 1.000 349.38000 ?  15 DG C P     1 
ATOM 714  O OP1   . DG C 3 15 ? -7.61903  6.93054   -13.74516 1.000 345.44000 ?  15 DG C OP1   1 
ATOM 715  O OP2   . DG C 3 15 ? -6.88025  7.45941   -11.35776 1.000 349.78000 -1 15 DG C OP2   1 
ATOM 716  O "O5'" . DG C 3 15 ? -5.33718  7.77659   -13.18630 1.000 351.26000 ?  15 DG C "O5'" 1 
ATOM 717  C "C5'" . DG C 3 15 ? -4.86129  8.75509   -14.10940 1.000 351.88000 ?  15 DG C "C5'" 1 
ATOM 718  C "C4'" . DG C 3 15 ? -3.55259  9.39094   -13.65558 1.000 358.19000 ?  15 DG C "C4'" 1 
ATOM 719  O "O4'" . DG C 3 15 ? -3.79298  10.66539  -12.97523 1.000 343.53000 ?  15 DG C "O4'" 1 
ATOM 720  C "C3'" . DG C 3 15 ? -2.71546  8.60701   -12.65274 1.000 361.56000 ?  15 DG C "C3'" 1 
ATOM 721  O "O3'" . DG C 3 15 ? -2.03396  7.48486   -13.26994 1.000 373.77000 ?  15 DG C "O3'" 1 
ATOM 722  C "C2'" . DG C 3 15 ? -1.76748  9.72471   -12.23929 1.000 357.15000 ?  15 DG C "C2'" 1 
ATOM 723  C "C1'" . DG C 3 15 ? -2.79043  10.82479  -11.97193 1.000 346.70000 ?  15 DG C "C1'" 1 
ATOM 724  N N9    . DG C 3 15 ? -3.39713  10.62865  -10.67670 1.000 344.79000 ?  15 DG C N9    1 
ATOM 725  C C8    . DG C 3 15 ? -4.57805  9.99279   -10.40241 1.000 344.41000 ?  15 DG C C8    1 
ATOM 726  N N7    . DG C 3 15 ? -4.84594  9.91500   -9.13349  1.000 344.51000 ?  15 DG C N7    1 
ATOM 727  C C5    . DG C 3 15 ? -3.75629  10.51117  -8.52963  1.000 344.57000 ?  15 DG C C5    1 
ATOM 728  C C6    . DG C 3 15 ? -3.48923  10.72226  -7.17018  1.000 341.63000 ?  15 DG C C6    1 
ATOM 729  O O6    . DG C 3 15 ? -4.19367  10.40427  -6.19626  1.000 338.12000 ?  15 DG C O6    1 
ATOM 730  N N1    . DG C 3 15 ? -2.25899  11.36365  -6.98524  1.000 340.10000 ?  15 DG C N1    1 
ATOM 731  C C2    . DG C 3 15 ? -1.40520  11.74730  -8.00211  1.000 341.81000 ?  15 DG C C2    1 
ATOM 732  N N2    . DG C 3 15 ? -0.26595  12.35617  -7.63570  1.000 338.61000 ?  15 DG C N2    1 
ATOM 733  N N3    . DG C 3 15 ? -1.65971  11.56073  -9.28480  1.000 344.21000 ?  15 DG C N3    1 
ATOM 734  C C4    . DG C 3 15 ? -2.84388  10.93555  -9.47016  1.000 345.20000 ?  15 DG C C4    1 
ATOM 735  P P     . DG C 3 16 ? -1.30088  6.34993   -12.37547 1.000 385.57000 ?  16 DG C P     1 
ATOM 736  O OP1   . DG C 3 16 ? -1.03073  5.23549   -13.31416 1.000 383.25000 ?  16 DG C OP1   1 
ATOM 737  O OP2   . DG C 3 16 ? -2.13711  6.05143   -11.18528 1.000 369.18000 -1 16 DG C OP2   1 
ATOM 738  O "O5'" . DG C 3 16 ? 0.09951   7.05532   -11.98147 1.000 369.05000 ?  16 DG C "O5'" 1 
ATOM 739  C "C5'" . DG C 3 16 ? 0.99561   6.53509   -10.96906 1.000 356.73000 ?  16 DG C "C5'" 1 
ATOM 740  C "C4'" . DG C 3 16 ? 1.90112   7.66478   -10.46933 1.000 348.33000 ?  16 DG C "C4'" 1 
ATOM 741  O "O4'" . DG C 3 16 ? 1.10911   8.86355   -10.26034 1.000 350.78000 ?  16 DG C "O4'" 1 
ATOM 742  C "C3'" . DG C 3 16 ? 2.66191   7.40458   -9.16521  1.000 346.46000 ?  16 DG C "C3'" 1 
ATOM 743  O "O3'" . DG C 3 16 ? 4.06383   7.55619   -9.40304  1.000 344.52000 ?  16 DG C "O3'" 1 
ATOM 744  C "C2'" . DG C 3 16 ? 2.13627   8.47370   -8.17863  1.000 342.03000 ?  16 DG C "C2'" 1 
ATOM 745  C "C1'" . DG C 3 16 ? 0.91899   9.08180   -8.88890  1.000 344.66000 ?  16 DG C "C1'" 1 
ATOM 746  N N9    . DG C 3 16 ? -0.38339  8.51293   -8.48079  1.000 348.11000 ?  16 DG C N9    1 
ATOM 747  C C8    . DG C 3 16 ? -1.31622  7.88680   -9.27652  1.000 349.82000 ?  16 DG C C8    1 
ATOM 748  N N7    . DG C 3 16 ? -2.37833  7.47098   -8.63255  1.000 346.87000 ?  16 DG C N7    1 
ATOM 749  C C5    . DG C 3 16 ? -2.14724  7.86177   -7.32508  1.000 342.48000 ?  16 DG C C5    1 
ATOM 750  C C6    . DG C 3 16 ? -2.95012  7.70095   -6.16383  1.000 341.42000 ?  16 DG C C6    1 
ATOM 751  O O6    . DG C 3 16 ? -4.07703  7.15459   -6.06262  1.000 334.04000 ?  16 DG C O6    1 
ATOM 752  N N1    . DG C 3 16 ? -2.32124  8.25869   -5.03786  1.000 340.39000 ?  16 DG C N1    1 
ATOM 753  C C2    . DG C 3 16 ? -1.07789  8.88820   -5.04285  1.000 337.09000 ?  16 DG C C2    1 
ATOM 754  N N2    . DG C 3 16 ? -0.62536  9.36145   -3.86428  1.000 330.84000 ?  16 DG C N2    1 
ATOM 755  N N3    . DG C 3 16 ? -0.33265  9.03728   -6.12361  1.000 339.04000 ?  16 DG C N3    1 
ATOM 756  C C4    . DG C 3 16 ? -0.91917  8.50944   -7.21915  1.000 343.10000 ?  16 DG C C4    1 
ATOM 757  P P     . DC C 3 17 ? 5.13313   6.64696   -8.62912  1.000 325.39000 ?  17 DC C P     1 
ATOM 758  O OP1   . DC C 3 17 ? 6.48967   7.11745   -9.00502  1.000 328.17000 ?  17 DC C OP1   1 
ATOM 759  O OP2   . DC C 3 17 ? 4.71286   5.25346   -8.84960  1.000 335.82000 -1 17 DC C OP2   1 
ATOM 760  O "O5'" . DC C 3 17 ? 4.90761   7.01324   -7.10368  1.000 323.81000 ?  17 DC C "O5'" 1 
ATOM 761  C "C5'" . DC C 3 17 ? 5.52753   8.16078   -6.58867  1.000 322.31000 ?  17 DC C "C5'" 1 
ATOM 762  C "C4'" . DC C 3 17 ? 5.01586   8.48295   -5.20384  1.000 325.48000 ?  17 DC C "C4'" 1 
ATOM 763  O "O4'" . DC C 3 17 ? 3.57475   8.35490   -5.16929  1.000 323.17000 ?  17 DC C "O4'" 1 
ATOM 764  C "C3'" . DC C 3 17 ? 5.50790   7.55596   -4.10845  1.000 328.48000 ?  17 DC C "C3'" 1 
ATOM 765  O "O3'" . DC C 3 17 ? 5.44735   8.23703   -2.88531  1.000 330.05000 ?  17 DC C "O3'" 1 
ATOM 766  C "C2'" . DC C 3 17 ? 4.45361   6.47985   -4.14744  1.000 325.76000 ?  17 DC C "C2'" 1 
ATOM 767  C "C1'" . DC C 3 17 ? 3.23807   7.37090   -4.22596  1.000 321.23000 ?  17 DC C "C1'" 1 
ATOM 768  N N1    . DC C 3 17 ? 2.06717   6.69973   -4.69070  1.000 323.32000 ?  17 DC C N1    1 
ATOM 769  C C2    . DC C 3 17 ? 0.96856   6.63458   -3.86122  1.000 325.34000 ?  17 DC C C2    1 
ATOM 770  O O2    . DC C 3 17 ? 1.04273   7.15642   -2.73749  1.000 322.76000 ?  17 DC C O2    1 
ATOM 771  N N3    . DC C 3 17 ? -0.14176  5.99064   -4.30294  1.000 329.85000 ?  17 DC C N3    1 
ATOM 772  C C4    . DC C 3 17 ? -0.15589  5.44790   -5.52860  1.000 331.73000 ?  17 DC C C4    1 
ATOM 773  N N4    . DC C 3 17 ? -1.27433  4.83012   -5.93034  1.000 331.32000 ?  17 DC C N4    1 
ATOM 774  C C5    . DC C 3 17 ? 0.97724   5.51718   -6.39047  1.000 331.32000 ?  17 DC C C5    1 
ATOM 775  C C6    . DC C 3 17 ? 2.05818   6.13891   -5.92689  1.000 327.27000 ?  17 DC C C6    1 
ATOM 776  P P     . DC C 3 18 ? 6.76635   8.92523   -2.29691  1.000 336.11000 ?  18 DC C P     1 
ATOM 777  O OP1   . DC C 3 18 ? 6.33840   9.64527   -1.07306  1.000 328.28000 ?  18 DC C OP1   1 
ATOM 778  O OP2   . DC C 3 18 ? 7.40780   9.62345   -3.43687  1.000 338.78000 -1 18 DC C OP2   1 
ATOM 779  O "O5'" . DC C 3 18 ? 7.72959   7.68615   -1.90577  1.000 350.47000 ?  18 DC C "O5'" 1 
ATOM 780  C "C5'" . DC C 3 18 ? 9.00702   7.44786   -2.62097  1.000 355.13000 ?  18 DC C "C5'" 1 
ATOM 781  C "C4'" . DC C 3 18 ? 9.90677   6.45285   -1.85190  1.000 362.18000 ?  18 DC C "C4'" 1 
ATOM 782  O "O4'" . DC C 3 18 ? 9.51198   5.09252   -2.15442  1.000 357.62000 ?  18 DC C "O4'" 1 
ATOM 783  C "C3'" . DC C 3 18 ? 11.41611  6.49192   -2.14506  1.000 367.00000 ?  18 DC C "C3'" 1 
ATOM 784  O "O3'" . DC C 3 18 ? 12.15054  6.01811   -0.98427  1.000 374.63000 ?  18 DC C "O3'" 1 
ATOM 785  C "C2'" . DC C 3 18 ? 11.54069  5.51340   -3.30447  1.000 361.66000 ?  18 DC C "C2'" 1 
ATOM 786  C "C1'" . DC C 3 18 ? 10.51855  4.44924   -2.91688  1.000 355.58000 ?  18 DC C "C1'" 1 
ATOM 787  N N1    . DC C 3 18 ? 9.86423   3.85694   -4.05214  1.000 349.42000 ?  18 DC C N1    1 
ATOM 788  C C2    . DC C 3 18 ? 10.10258  2.52607   -4.35635  1.000 351.94000 ?  18 DC C C2    1 
ATOM 789  O O2    . DC C 3 18 ? 10.87556  1.86711   -3.64906  1.000 352.58000 ?  18 DC C O2    1 
ATOM 790  N N3    . DC C 3 18 ? 9.46643   1.98570   -5.40674  1.000 352.12000 ?  18 DC C N3    1 
ATOM 791  C C4    . DC C 3 18 ? 8.62989   2.72440   -6.13521  1.000 352.75000 ?  18 DC C C4    1 
ATOM 792  N N4    . DC C 3 18 ? 8.03486   2.13674   -7.17142  1.000 356.61000 ?  18 DC C N4    1 
ATOM 793  C C5    . DC C 3 18 ? 8.37578   4.09283   -5.84273  1.000 346.34000 ?  18 DC C C5    1 
ATOM 794  C C6    . DC C 3 18 ? 9.00712   4.61264   -4.79888  1.000 346.21000 ?  18 DC C C6    1 
ATOM 795  P P     . DC C 3 19 ? 13.76155  6.08796   -0.91421  1.000 385.21000 ?  19 DC C P     1 
ATOM 796  O OP1   . DC C 3 19 ? 14.14317  5.98334   0.51894   1.000 380.26000 ?  19 DC C OP1   1 
ATOM 797  O OP2   . DC C 3 19 ? 14.19381  7.26840   -1.69512  1.000 387.11000 -1 19 DC C OP2   1 
ATOM 798  O "O5'" . DC C 3 19 ? 14.25794  4.76652   -1.68433  1.000 377.40000 ?  19 DC C "O5'" 1 
ATOM 799  C "C5'" . DC C 3 19 ? 14.00698  3.48689   -1.11192  1.000 375.88000 ?  19 DC C "C5'" 1 
ATOM 800  C "C4'" . DC C 3 19 ? 14.78900  2.38947   -1.81672  1.000 380.42000 ?  19 DC C "C4'" 1 
ATOM 801  O "O4'" . DC C 3 19 ? 14.11265  2.00506   -3.03377  1.000 379.06000 ?  19 DC C "O4'" 1 
ATOM 802  C "C3'" . DC C 3 19 ? 16.23847  2.71347   -2.19264  1.000 383.33000 ?  19 DC C "C3'" 1 
ATOM 803  O "O3'" . DC C 3 19 ? 17.06749  1.59192   -1.78594  1.000 391.61000 ?  19 DC C "O3'" 1 
ATOM 804  C "C2'" . DC C 3 19 ? 16.17326  2.90700   -3.70664  1.000 380.55000 ?  19 DC C "C2'" 1 
ATOM 805  C "C1'" . DC C 3 19 ? 15.01637  2.00781   -4.10606  1.000 382.26000 ?  19 DC C "C1'" 1 
ATOM 806  N N1    . DC C 3 19 ? 14.31155  2.51565   -5.24400  1.000 375.67000 ?  19 DC C N1    1 
ATOM 807  C C2    . DC C 3 19 ? 13.27360  1.77030   -5.79844  1.000 376.41000 ?  19 DC C C2    1 
ATOM 808  O O2    . DC C 3 19 ? 12.98169  0.66483   -5.31192  1.000 371.69000 ?  19 DC C O2    1 
ATOM 809  N N3    . DC C 3 19 ? 12.63192  2.27001   -6.86404  1.000 374.81000 ?  19 DC C N3    1 
ATOM 810  C C4    . DC C 3 19 ? 12.97756  3.45931   -7.36153  1.000 376.93000 ?  19 DC C C4    1 
ATOM 811  N N4    . DC C 3 19 ? 12.30041  3.91057   -8.41822  1.000 383.74000 ?  19 DC C N4    1 
ATOM 812  C C5    . DC C 3 19 ? 14.03118  4.23736   -6.80047  1.000 377.73000 ?  19 DC C C5    1 
ATOM 813  C C6    . DC C 3 19 ? 14.66396  3.73004   -5.75199  1.000 375.81000 ?  19 DC C C6    1 
ATOM 814  P P     . DG C 3 20 ? 18.55370  1.30257   -2.34316  1.000 400.28000 ?  20 DG C P     1 
ATOM 815  O OP1   . DG C 3 20 ? 19.39467  1.13424   -1.12225  1.000 394.40000 ?  20 DG C OP1   1 
ATOM 816  O OP2   . DG C 3 20 ? 18.97671  2.28147   -3.37995  1.000 391.17000 -1 20 DG C OP2   1 
ATOM 817  O "O5'" . DG C 3 20 ? 18.38066  -0.12734  -3.07006  1.000 404.38000 ?  20 DG C "O5'" 1 
ATOM 818  C "C5'" . DG C 3 20 ? 17.42853  -1.09108  -2.55306  1.000 404.58000 ?  20 DG C "C5'" 1 
ATOM 819  C "C4'" . DG C 3 20 ? 16.97461  -2.10414  -3.61591  1.000 414.10000 ?  20 DG C "C4'" 1 
ATOM 820  O "O4'" . DG C 3 20 ? 15.97928  -1.51243  -4.50923  1.000 405.89000 ?  20 DG C "O4'" 1 
ATOM 821  C "C3'" . DG C 3 20 ? 18.06799  -2.64365  -4.54475  1.000 423.39000 ?  20 DG C "C3'" 1 
ATOM 822  O "O3'" . DG C 3 20 ? 17.77625  -3.99138  -4.89010  1.000 432.25000 ?  20 DG C "O3'" 1 
ATOM 823  C "C2'" . DG C 3 20 ? 17.90070  -1.75121  -5.76108  1.000 423.11000 ?  20 DG C "C2'" 1 
ATOM 824  C "C1'" . DG C 3 20 ? 16.39352  -1.75247  -5.83862  1.000 413.18000 ?  20 DG C "C1'" 1 
ATOM 825  N N9    . DG C 3 20 ? 15.85202  -0.72979  -6.71159  1.000 404.84000 ?  20 DG C N9    1 
ATOM 826  C C8    . DG C 3 20 ? 16.24380  0.58417   -6.79092  1.000 401.20000 ?  20 DG C C8    1 
ATOM 827  N N7    . DG C 3 20 ? 15.57557  1.26981   -7.66909  1.000 396.57000 ?  20 DG C N7    1 
ATOM 828  C C5    . DG C 3 20 ? 14.69081  0.34547   -8.21062  1.000 400.97000 ?  20 DG C C5    1 
ATOM 829  C C6    . DG C 3 20 ? 13.71817  0.51099   -9.20656  1.000 400.25000 ?  20 DG C C6    1 
ATOM 830  O O6    . DG C 3 20 ? 13.44100  1.54039   -9.82166  1.000 403.84000 ?  20 DG C O6    1 
ATOM 831  N N1    . DG C 3 20 ? 13.02939  -0.67565  -9.46642  1.000 396.98000 ?  20 DG C N1    1 
ATOM 832  C C2    . DG C 3 20 ? 13.27211  -1.87779  -8.84097  1.000 398.64000 ?  20 DG C C2    1 
ATOM 833  N N2    . DG C 3 20 ? 12.50670  -2.91691  -9.22025  1.000 388.09000 ?  20 DG C N2    1 
ATOM 834  N N3    . DG C 3 20 ? 14.17633  -2.04045  -7.88701  1.000 401.00000 ?  20 DG C N3    1 
ATOM 835  C C4    . DG C 3 20 ? 14.84884  -0.88780  -7.63030  1.000 401.84000 ?  20 DG C C4    1 
ATOM 836  P P     . DC C 3 21 ? 18.84609  -4.86889  -5.71010  1.000 449.80000 ?  21 DC C P     1 
ATOM 837  O OP1   . DC C 3 21 ? 19.55703  -5.65950  -4.68471  1.000 453.10000 ?  21 DC C OP1   1 
ATOM 838  O OP2   . DC C 3 21 ? 19.65068  -4.00345  -6.60771  1.000 444.83000 -1 21 DC C OP2   1 
ATOM 839  O "O5'" . DC C 3 21 ? 17.93941  -5.84545  -6.60307  1.000 448.70000 ?  21 DC C "O5'" 1 
ATOM 840  C "C5'" . DC C 3 21 ? 16.75226  -5.35191  -7.21991  1.000 439.46000 ?  21 DC C "C5'" 1 
ATOM 841  C "C4'" . DC C 3 21 ? 16.92247  -5.24284  -8.73112  1.000 451.54000 ?  21 DC C "C4'" 1 
ATOM 842  O "O4'" . DC C 3 21 ? 16.73932  -3.86481  -9.15748  1.000 443.29000 ?  21 DC C "O4'" 1 
ATOM 843  C "C3'" . DC C 3 21 ? 18.29037  -5.67571  -9.28465  1.000 460.68000 ?  21 DC C "C3'" 1 
ATOM 844  O "O3'" . DC C 3 21 ? 18.10614  -6.43316  -10.47466 1.000 470.45000 ?  21 DC C "O3'" 1 
ATOM 845  C "C2'" . DC C 3 21 ? 18.97561  -4.34646  -9.59162  1.000 456.69000 ?  21 DC C "C2'" 1 
ATOM 846  C "C1'" . DC C 3 21 ? 17.78932  -3.51390  -10.03565 1.000 449.80000 ?  21 DC C "C1'" 1 
ATOM 847  N N1    . DC C 3 21 ? 18.02464  -2.05474  -9.94331  1.000 446.47000 ?  21 DC C N1    1 
ATOM 848  C C2    . DC C 3 21 ? 17.02481  -1.16633  -10.35294 1.000 443.36000 ?  21 DC C C2    1 
ATOM 849  O O2    . DC C 3 21 ? 15.95037  -1.61791  -10.78291 1.000 444.21000 ?  21 DC C O2    1 
ATOM 850  N N3    . DC C 3 21 ? 17.26023  0.16515   -10.26176 1.000 442.89000 ?  21 DC C N3    1 
ATOM 851  C C4    . DC C 3 21 ? 18.43173  0.60908   -9.79534  1.000 442.65000 ?  21 DC C C4    1 
ATOM 852  N N4    . DC C 3 21 ? 18.61857  1.93020   -9.72483  1.000 447.33000 ?  21 DC C N4    1 
ATOM 853  C C5    . DC C 3 21 ? 19.46275  -0.28243  -9.37889  1.000 440.13000 ?  21 DC C C5    1 
ATOM 854  C C6    . DC C 3 21 ? 19.22079  -1.59096  -9.47125  1.000 443.88000 ?  21 DC C C6    1 
ATOM 855  P P     . DG C 3 22 ? 19.30152  -7.31764  -11.08845 1.000 482.39000 ?  22 DG C P     1 
ATOM 856  O OP1   . DG C 3 22 ? 19.62565  -8.38280  -10.11105 1.000 485.07000 ?  22 DG C OP1   1 
ATOM 857  O OP2   . DG C 3 22 ? 20.38010  -6.43248  -11.59553 1.000 476.76000 -1 22 DG C OP2   1 
ATOM 858  O "O5'" . DG C 3 22 ? 18.62544  -8.01121  -12.35553 1.000 480.71000 ?  22 DG C "O5'" 1 
ATOM 859  C "C5'" . DG C 3 22 ? 17.23627  -7.81714  -12.62557 1.000 476.01000 ?  22 DG C "C5'" 1 
ATOM 860  C "C4'" . DG C 3 22 ? 17.05152  -7.26613  -14.02166 1.000 475.83000 ?  22 DG C "C4'" 1 
ATOM 861  O "O4'" . DG C 3 22 ? 17.06897  -5.81334  -13.96441 1.000 470.28000 ?  22 DG C "O4'" 1 
ATOM 862  C "C3'" . DG C 3 22 ? 18.16724  -7.65465  -15.00005 1.000 479.07000 ?  22 DG C "C3'" 1 
ATOM 863  O "O3'" . DG C 3 22 ? 17.64327  -7.83649  -16.31186 1.000 484.46000 ?  22 DG C "O3'" 1 
ATOM 864  C "C2'" . DG C 3 22 ? 19.08882  -6.44955  -14.93632 1.000 476.43000 ?  22 DG C "C2'" 1 
ATOM 865  C "C1'" . DG C 3 22 ? 18.07794  -5.33615  -14.83050 1.000 476.04000 ?  22 DG C "C1'" 1 
ATOM 866  N N9    . DG C 3 22 ? 18.65235  -4.12493  -14.28783 1.000 475.01000 ?  22 DG C N9    1 
ATOM 867  C C8    . DG C 3 22 ? 19.68658  -4.02964  -13.38764 1.000 469.41000 ?  22 DG C C8    1 
ATOM 868  N N7    . DG C 3 22 ? 20.00846  -2.80338  -13.09869 1.000 466.53000 ?  22 DG C N7    1 
ATOM 869  C C5    . DG C 3 22 ? 19.13973  -2.03986  -13.86792 1.000 475.31000 ?  22 DG C C5    1 
ATOM 870  C C6    . DG C 3 22 ? 19.01378  -0.64035  -13.97579 1.000 484.34000 ?  22 DG C C6    1 
ATOM 871  O O6    . DG C 3 22 ? 19.66980  0.23270   -13.38891 1.000 487.82000 ?  22 DG C O6    1 
ATOM 872  N N1    . DG C 3 22 ? 18.00395  -0.28166  -14.87511 1.000 494.31000 ?  22 DG C N1    1 
ATOM 873  C C2    . DG C 3 22 ? 17.21751  -1.17080  -15.57792 1.000 487.82000 ?  22 DG C C2    1 
ATOM 874  N N2    . DG C 3 22 ? 16.29468  -0.63926  -16.40036 1.000 493.03000 ?  22 DG C N2    1 
ATOM 875  N N3    . DG C 3 22 ? 17.32782  -2.48459  -15.48040 1.000 482.08000 ?  22 DG C N3    1 
ATOM 876  C C4    . DG C 3 22 ? 18.30539  -2.84393  -14.61121 1.000 478.70000 ?  22 DG C C4    1 
ATOM 877  P P     . DG C 3 23 ? 18.61992  -8.15639  -17.55484 1.000 488.36000 ?  23 DG C P     1 
ATOM 878  O OP1   . DG C 3 23 ? 18.08355  -9.38931  -18.17806 1.000 487.38000 ?  23 DG C OP1   1 
ATOM 879  O OP2   . DG C 3 23 ? 20.03453  -8.16161  -17.10291 1.000 481.47000 -1 23 DG C OP2   1 
ATOM 880  O "O5'" . DG C 3 23 ? 18.39599  -6.90469  -18.55439 1.000 485.16000 ?  23 DG C "O5'" 1 
ATOM 881  C "C5'" . DG C 3 23 ? 17.08021  -6.65415  -19.13444 1.000 486.23000 ?  23 DG C "C5'" 1 
ATOM 882  C "C4'" . DG C 3 23 ? 16.98772  -5.28696  -19.84340 1.000 481.65000 ?  23 DG C "C4'" 1 
ATOM 883  O "O4'" . DG C 3 23 ? 17.87516  -4.32396  -19.21281 1.000 479.92000 ?  23 DG C "O4'" 1 
ATOM 884  C "C3'" . DG C 3 23 ? 17.34428  -5.27405  -21.34387 1.000 473.66000 ?  23 DG C "C3'" 1 
ATOM 885  O "O3'" . DG C 3 23 ? 16.42269  -4.44978  -22.07825 1.000 470.60000 ?  23 DG C "O3'" 1 
ATOM 886  C "C2'" . DG C 3 23 ? 18.73943  -4.66893  -21.35613 1.000 468.23000 ?  23 DG C "C2'" 1 
ATOM 887  C "C1'" . DG C 3 23 ? 18.64128  -3.67892  -20.20663 1.000 470.15000 ?  23 DG C "C1'" 1 
ATOM 888  N N9    . DG C 3 23 ? 19.93672  -3.34078  -19.64350 1.000 466.93000 ?  23 DG C N9    1 
ATOM 889  C C8    . DG C 3 23 ? 20.56548  -3.95153  -18.58054 1.000 468.88000 ?  23 DG C C8    1 
ATOM 890  N N7    . DG C 3 23 ? 21.73195  -3.43990  -18.30473 1.000 464.48000 ?  23 DG C N7    1 
ATOM 891  C C5    . DG C 3 23 ? 21.88684  -2.43130  -19.24964 1.000 464.68000 ?  23 DG C C5    1 
ATOM 892  C C6    . DG C 3 23 ? 22.95598  -1.53140  -19.44737 1.000 465.50000 ?  23 DG C C6    1 
ATOM 893  O O6    . DG C 3 23 ? 24.01402  -1.44856  -18.80114 1.000 468.06000 ?  23 DG C O6    1 
ATOM 894  N N1    . DG C 3 23 ? 22.71117  -0.66425  -20.52028 1.000 461.94000 ?  23 DG C N1    1 
ATOM 895  C C2    . DG C 3 23 ? 21.57163  -0.67229  -21.30140 1.000 455.31000 ?  23 DG C C2    1 
ATOM 896  N N2    . DG C 3 23 ? 21.51303  0.23843   -22.29163 1.000 444.02000 ?  23 DG C N2    1 
ATOM 897  N N3    . DG C 3 23 ? 20.56173  -1.51381  -21.12182 1.000 457.00000 ?  23 DG C N3    1 
ATOM 898  C C4    . DG C 3 23 ? 20.78926  -2.36138  -20.08212 1.000 462.56000 ?  23 DG C C4    1 
ATOM 899  P P     . DC C 3 28 ? 24.89817  8.60878   -16.32621 1.000 493.95000 ?  28 DC C P     1 
ATOM 900  O OP1   . DC C 3 28 ? 25.56653  9.92774   -16.28186 1.000 482.71000 ?  28 DC C OP1   1 
ATOM 901  O OP2   . DC C 3 28 ? 23.68141  8.38667   -15.50329 1.000 495.05000 -1 28 DC C OP2   1 
ATOM 902  O "O5'" . DC C 3 28 ? 24.60329  8.25398   -17.86833 1.000 508.86000 ?  28 DC C "O5'" 1 
ATOM 903  C "C5'" . DC C 3 28 ? 24.79820  6.92092   -18.35991 1.000 512.33000 ?  28 DC C "C5'" 1 
ATOM 904  C "C4'" . DC C 3 28 ? 23.50909  6.36903   -18.95724 1.000 526.61000 ?  28 DC C "C4'" 1 
ATOM 905  O "O4'" . DC C 3 28 ? 23.52770  4.91312   -18.89026 1.000 522.72000 ?  28 DC C "O4'" 1 
ATOM 906  C "C3'" . DC C 3 28 ? 22.23124  6.80259   -18.23547 1.000 538.48000 ?  28 DC C "C3'" 1 
ATOM 907  O "O3'" . DC C 3 28 ? 21.14308  6.92393   -19.15949 1.000 561.98000 ?  28 DC C "O3'" 1 
ATOM 908  C "C2'" . DC C 3 28 ? 22.00540  5.66294   -17.24536 1.000 536.46000 ?  28 DC C "C2'" 1 
ATOM 909  C "C1'" . DC C 3 28 ? 22.48224  4.45255   -18.04650 1.000 529.07000 ?  28 DC C "C1'" 1 
ATOM 910  N N1    . DC C 3 28 ? 23.00994  3.32847   -17.19236 1.000 515.03000 ?  28 DC C N1    1 
ATOM 911  C C2    . DC C 3 28 ? 23.08146  2.03112   -17.71754 1.000 496.06000 ?  28 DC C C2    1 
ATOM 912  O O2    . DC C 3 28 ? 22.70759  1.83012   -18.88251 1.000 489.87000 ?  28 DC C O2    1 
ATOM 913  N N3    . DC C 3 28 ? 23.56307  1.03065   -16.93304 1.000 488.88000 ?  28 DC C N3    1 
ATOM 914  C C4    . DC C 3 28 ? 23.95438  1.28921   -15.68180 1.000 485.29000 ?  28 DC C C4    1 
ATOM 915  N N4    . DC C 3 28 ? 24.41959  0.27075   -14.94884 1.000 476.05000 ?  28 DC C N4    1 
ATOM 916  C C5    . DC C 3 28 ? 23.88668  2.60253   -15.12941 1.000 496.54000 ?  28 DC C C5    1 
ATOM 917  C C6    . DC C 3 28 ? 23.41310  3.58108   -15.91037 1.000 507.72000 ?  28 DC C C6    1 
ATOM 918  P P     . DC C 3 29 ? 19.84957  7.80566   -18.78263 1.000 571.60000 ?  29 DC C P     1 
ATOM 919  O OP1   . DC C 3 29 ? 19.63453  8.75520   -19.89693 1.000 578.56000 ?  29 DC C OP1   1 
ATOM 920  O OP2   . DC C 3 29 ? 19.97944  8.29575   -17.38991 1.000 571.60000 -1 29 DC C OP2   1 
ATOM 921  O "O5'" . DC C 3 29 ? 18.65342  6.75330   -18.80651 1.000 571.60000 ?  29 DC C "O5'" 1 
ATOM 922  C "C5'" . DC C 3 29 ? 18.38407  6.01054   -19.99063 1.000 573.28000 ?  29 DC C "C5'" 1 
ATOM 923  C "C4'" . DC C 3 29 ? 17.25284  5.02661   -19.76062 1.000 572.96000 ?  29 DC C "C4'" 1 
ATOM 924  O "O4'" . DC C 3 29 ? 17.69724  3.98191   -18.85542 1.000 571.60000 ?  29 DC C "O4'" 1 
ATOM 925  C "C3'" . DC C 3 29 ? 16.00065  5.62441   -19.12391 1.000 571.60000 ?  29 DC C "C3'" 1 
ATOM 926  O "O3'" . DC C 3 29 ? 14.84878  4.95504   -19.60145 1.000 571.60000 ?  29 DC C "O3'" 1 
ATOM 927  C "C2'" . DC C 3 29 ? 16.21905  5.35778   -17.64192 1.000 571.60000 ?  29 DC C "C2'" 1 
ATOM 928  C "C1'" . DC C 3 29 ? 16.92647  4.01182   -17.67009 1.000 571.60000 ?  29 DC C "C1'" 1 
ATOM 929  N N1    . DC C 3 29 ? 17.82491  3.82018   -16.50646 1.000 571.60000 ?  29 DC C N1    1 
ATOM 930  C C2    . DC C 3 29 ? 17.90258  2.56978   -15.89526 1.000 571.60000 ?  29 DC C C2    1 
ATOM 931  O O2    . DC C 3 29 ? 17.23455  1.63430   -16.35440 1.000 571.60000 ?  29 DC C O2    1 
ATOM 932  N N3    . DC C 3 29 ? 18.71660  2.41509   -14.81936 1.000 571.60000 ?  29 DC C N3    1 
ATOM 933  C C4    . DC C 3 29 ? 19.42111  3.45110   -14.35660 1.000 571.60000 ?  29 DC C C4    1 
ATOM 934  N N4    . DC C 3 29 ? 20.21100  3.24948   -13.29472 1.000 571.60000 ?  29 DC C N4    1 
ATOM 935  C C5    . DC C 3 29 ? 19.34614  4.74115   -14.96313 1.000 571.60000 ?  29 DC C C5    1 
ATOM 936  C C6    . DC C 3 29 ? 18.54092  4.87924   -16.02147 1.000 571.60000 ?  29 DC C C6    1 
ATOM 937  P P     . DG C 3 30 ? 13.37308  5.51082   -19.27425 1.000 552.25000 ?  30 DG C P     1 
ATOM 938  O OP1   . DG C 3 30 ? 12.79617  6.00132   -20.54300 1.000 562.23000 ?  30 DG C OP1   1 
ATOM 939  O OP2   . DG C 3 30 ? 13.39774  6.39703   -18.08360 1.000 553.04000 -1 30 DG C OP2   1 
ATOM 940  O "O5'" . DG C 3 30 ? 12.57308  4.18942   -18.89274 1.000 525.75000 ?  30 DG C "O5'" 1 
ATOM 941  C "C5'" . DG C 3 30 ? 12.79322  2.98670   -19.63117 1.000 518.83000 ?  30 DG C "C5'" 1 
ATOM 942  C "C4'" . DG C 3 30 ? 12.18089  1.79774   -18.91377 1.000 493.19000 ?  30 DG C "C4'" 1 
ATOM 943  O "O4'" . DG C 3 30 ? 13.09545  1.32917   -17.88075 1.000 489.03000 ?  30 DG C "O4'" 1 
ATOM 944  C "C3'" . DG C 3 30 ? 10.86629  2.09605   -18.18674 1.000 481.63000 ?  30 DG C "C3'" 1 
ATOM 945  O "O3'" . DG C 3 30 ? 10.06320  0.92040   -18.13361 1.000 468.90000 ?  30 DG C "O3'" 1 
ATOM 946  C "C2'" . DG C 3 30 ? 11.36078  2.47913   -16.80431 1.000 473.90000 ?  30 DG C "C2'" 1 
ATOM 947  C "C1'" . DG C 3 30 ? 12.46810  1.46054   -16.61746 1.000 471.79000 ?  30 DG C "C1'" 1 
ATOM 948  N N9    . DG C 3 30 ? 13.45164  1.86541   -15.62720 1.000 480.05000 ?  30 DG C N9    1 
ATOM 949  C C8    . DG C 3 30 ? 13.93121  3.13592   -15.39735 1.000 493.36000 ?  30 DG C C8    1 
ATOM 950  N N7    . DG C 3 30 ? 14.79869  3.19204   -14.42614 1.000 494.03000 ?  30 DG C N7    1 
ATOM 951  C C5    . DG C 3 30 ? 14.88949  1.87810   -13.98005 1.000 479.82000 ?  30 DG C C5    1 
ATOM 952  C C6    . DG C 3 30 ? 15.67212  1.32072   -12.94623 1.000 474.18000 ?  30 DG C C6    1 
ATOM 953  O O6    . DG C 3 30 ? 16.46947  1.90367   -12.19359 1.000 476.05000 ?  30 DG C O6    1 
ATOM 954  N N1    . DG C 3 30 ? 15.46060  -0.05795  -12.82688 1.000 466.58000 ?  30 DG C N1    1 
ATOM 955  C C2    . DG C 3 30 ? 14.59994  -0.79723  -13.61511 1.000 460.68000 ?  30 DG C C2    1 
ATOM 956  N N2    . DG C 3 30 ? 14.52405  -2.11428  -13.35747 1.000 455.65000 ?  30 DG C N2    1 
ATOM 957  N N3    . DG C 3 30 ? 13.86483  -0.28046  -14.58542 1.000 461.56000 ?  30 DG C N3    1 
ATOM 958  C C4    . DG C 3 30 ? 14.05956  1.05529   -14.70879 1.000 471.06000 ?  30 DG C C4    1 
ATOM 959  P P     . DC C 3 31 ? 8.56197   0.95449   -17.54225 1.000 464.17000 ?  31 DC C P     1 
ATOM 960  O OP1   . DC C 3 31 ? 7.65064   0.94403   -18.71703 1.000 455.10000 ?  31 DC C OP1   1 
ATOM 961  O OP2   . DC C 3 31 ? 8.41788   2.02204   -16.52106 1.000 451.18000 -1 31 DC C OP2   1 
ATOM 962  O "O5'" . DC C 3 31 ? 8.45728   -0.43923  -16.74975 1.000 448.42000 ?  31 DC C "O5'" 1 
ATOM 963  C "C5'" . DC C 3 31 ? 9.49470   -1.43011  -16.90092 1.000 442.16000 ?  31 DC C "C5'" 1 
ATOM 964  C "C4'" . DC C 3 31 ? 9.66801   -2.27902  -15.64173 1.000 428.91000 ?  31 DC C "C4'" 1 
ATOM 965  O "O4'" . DC C 3 31 ? 10.68910  -1.70682  -14.79030 1.000 430.66000 ?  31 DC C "O4'" 1 
ATOM 966  C "C3'" . DC C 3 31 ? 8.43796   -2.40883  -14.75167 1.000 418.85000 ?  31 DC C "C3'" 1 
ATOM 967  O "O3'" . DC C 3 31 ? 8.49996   -3.62301  -14.05347 1.000 408.19000 ?  31 DC C "O3'" 1 
ATOM 968  C "C2'" . DC C 3 31 ? 8.60609   -1.24060  -13.79866 1.000 414.86000 ?  31 DC C "C2'" 1 
ATOM 969  C "C1'" . DC C 3 31 ? 10.10426  -1.28456  -13.56787 1.000 421.38000 ?  31 DC C "C1'" 1 
ATOM 970  N N1    . DC C 3 31 ? 10.65785  0.00926   -13.23954 1.000 426.32000 ?  31 DC C N1    1 
ATOM 971  C C2    . DC C 3 31 ? 11.71736  0.07948   -12.35541 1.000 426.67000 ?  31 DC C C2    1 
ATOM 972  O O2    . DC C 3 31 ? 12.15693  -0.96489  -11.86369 1.000 421.29000 ?  31 DC C O2    1 
ATOM 973  N N3    . DC C 3 31 ? 12.23832  1.28528   -12.06583 1.000 430.42000 ?  31 DC C N3    1 
ATOM 974  C C4    . DC C 3 31 ? 11.73057  2.38422   -12.61445 1.000 434.00000 ?  31 DC C C4    1 
ATOM 975  N N4    . DC C 3 31 ? 12.27850  3.55620   -12.28867 1.000 440.83000 ?  31 DC C N4    1 
ATOM 976  C C5    . DC C 3 31 ? 10.63938  2.33108   -13.52162 1.000 433.94000 ?  31 DC C C5    1 
ATOM 977  C C6    . DC C 3 31 ? 10.14059  1.13061   -13.80653 1.000 432.18000 ?  31 DC C C6    1 
ATOM 978  P P     . DG C 3 32 ? 7.30512   -4.68049  -14.19011 1.000 412.97000 ?  32 DG C P     1 
ATOM 979  O OP1   . DG C 3 32 ? 7.22233   -5.05590  -15.61805 1.000 419.83000 ?  32 DG C OP1   1 
ATOM 980  O OP2   . DG C 3 32 ? 6.12047   -4.09627  -13.50751 1.000 404.43000 -1 32 DG C OP2   1 
ATOM 981  O "O5'" . DG C 3 32 ? 7.85066   -5.95436  -13.39041 1.000 407.48000 ?  32 DG C "O5'" 1 
ATOM 982  C "C5'" . DG C 3 32 ? 9.03226   -5.83816  -12.59402 1.000 406.37000 ?  32 DG C "C5'" 1 
ATOM 983  C "C4'" . DG C 3 32 ? 8.66225   -5.52884  -11.15544 1.000 404.69000 ?  32 DG C "C4'" 1 
ATOM 984  O "O4'" . DG C 3 32 ? 9.28532   -4.27975  -10.73330 1.000 395.94000 ?  32 DG C "O4'" 1 
ATOM 985  C "C3'" . DG C 3 32 ? 7.13899   -5.34961  -10.90290 1.000 406.16000 ?  32 DG C "C3'" 1 
ATOM 986  O "O3'" . DG C 3 32 ? 6.63023   -6.17315  -9.79094  1.000 418.92000 ?  32 DG C "O3'" 1 
ATOM 987  C "C2'" . DG C 3 32 ? 7.03225   -3.85659  -10.56298 1.000 394.64000 ?  32 DG C "C2'" 1 
ATOM 988  C "C1'" . DG C 3 32 ? 8.36847   -3.65800  -9.87928  1.000 390.82000 ?  32 DG C "C1'" 1 
ATOM 989  N N9    . DG C 3 32 ? 8.72429   -2.27058  -9.64445  1.000 382.24000 ?  32 DG C N9    1 
ATOM 990  C C8    . DG C 3 32 ? 8.22212   -1.17685  -10.29676 1.000 380.11000 ?  32 DG C C8    1 
ATOM 991  N N7    . DG C 3 32 ? 8.69726   -0.05547  -9.85362  1.000 378.23000 ?  32 DG C N7    1 
ATOM 992  C C5    . DG C 3 32 ? 9.55368   -0.42740  -8.82524  1.000 375.68000 ?  32 DG C C5    1 
ATOM 993  C C6    . DG C 3 32 ? 10.34637  0.37025   -7.98570  1.000 375.85000 ?  32 DG C C6    1 
ATOM 994  O O6    . DG C 3 32 ? 10.43977  1.59145   -7.99349  1.000 373.21000 ?  32 DG C O6    1 
ATOM 995  N N1    . DG C 3 32 ? 11.07377  -0.38400  -7.06701  1.000 376.91000 ?  32 DG C N1    1 
ATOM 996  C C2    . DG C 3 32 ? 11.02518  -1.74701  -6.97379  1.000 376.79000 ?  32 DG C C2    1 
ATOM 997  N N2    . DG C 3 32 ? 11.81146  -2.30896  -6.04231  1.000 374.09000 ?  32 DG C N2    1 
ATOM 998  N N3    . DG C 3 32 ? 10.30078  -2.51532  -7.78183  1.000 377.24000 ?  32 DG C N3    1 
ATOM 999  C C4    . DG C 3 32 ? 9.57775   -1.78316  -8.67192  1.000 377.70000 ?  32 DG C C4    1 
ATOM 1000 P P     . DG C 3 33 ? 6.85944   -7.77150  -9.65355  1.000 444.32000 ?  33 DG C P     1 
ATOM 1001 O OP1   . DG C 3 33 ? 7.54992   -8.30417  -10.85387 1.000 423.25000 ?  33 DG C OP1   1 
ATOM 1002 O OP2   . DG C 3 33 ? 5.53630   -8.38066  -9.34546  1.000 453.04000 -1 33 DG C OP2   1 
ATOM 1003 O "O5'" . DG C 3 33 ? 7.75321   -7.88615  -8.29862  1.000 432.32000 ?  33 DG C "O5'" 1 
ATOM 1004 C "C5'" . DG C 3 33 ? 9.00706   -7.12723  -8.15420  1.000 422.65000 ?  33 DG C "C5'" 1 
ATOM 1005 C "C4'" . DG C 3 33 ? 9.07041   -6.27177  -6.86431  1.000 413.29000 ?  33 DG C "C4'" 1 
ATOM 1006 O "O4'" . DG C 3 33 ? 8.80261   -4.87027  -7.15501  1.000 397.19000 ?  33 DG C "O4'" 1 
ATOM 1007 C "C3'" . DG C 3 33 ? 8.09539   -6.63640  -5.74551  1.000 426.97000 ?  33 DG C "C3'" 1 
ATOM 1008 O "O3'" . DG C 3 33 ? 8.69041   -7.63011  -4.85675  1.000 441.09000 ?  33 DG C "O3'" 1 
ATOM 1009 C "C2'" . DG C 3 33 ? 7.85841   -5.28377  -5.01463  1.000 414.57000 ?  33 DG C "C2'" 1 
ATOM 1010 C "C1'" . DG C 3 33 ? 8.46046   -4.21116  -5.94853  1.000 390.70000 ?  33 DG C "C1'" 1 
ATOM 1011 N N9    . DG C 3 33 ? 7.55625   -3.05904  -6.22943  1.000 372.16000 ?  33 DG C N9    1 
ATOM 1012 C C8    . DG C 3 33 ? 6.55653   -2.98401  -7.18511  1.000 368.89000 ?  33 DG C C8    1 
ATOM 1013 N N7    . DG C 3 33 ? 5.92348   -1.84369  -7.19398  1.000 354.06000 ?  33 DG C N7    1 
ATOM 1014 C C5    . DG C 3 33 ? 6.53110   -1.11318  -6.18632  1.000 356.63000 ?  33 DG C C5    1 
ATOM 1015 C C6    . DG C 3 33 ? 6.25802   0.18537   -5.74002  1.000 345.95000 ?  33 DG C C6    1 
ATOM 1016 O O6    . DG C 3 33 ? 5.40627   0.96186   -6.16879  1.000 338.52000 ?  33 DG C O6    1 
ATOM 1017 N N1    . DG C 3 33 ? 7.09683   0.56593   -4.69653  1.000 341.99000 ?  33 DG C N1    1 
ATOM 1018 C C2    . DG C 3 33 ? 8.07382   -0.22670  -4.15184  1.000 346.82000 ?  33 DG C C2    1 
ATOM 1019 N N2    . DG C 3 33 ? 8.78016   0.30580   -3.15245  1.000 339.72000 ?  33 DG C N2    1 
ATOM 1020 N N3    . DG C 3 33 ? 8.34671   -1.45331  -4.56446  1.000 353.89000 ?  33 DG C N3    1 
ATOM 1021 C C4    . DG C 3 33 ? 7.53608   -1.83563  -5.58175  1.000 357.91000 ?  33 DG C C4    1 
ATOM 1022 P P     . DT C 3 34 ? 7.99575   -9.06331  -4.57953  1.000 454.65000 ?  34 DT C P     1 
ATOM 1023 O OP1   . DT C 3 34 ? 7.70311   -9.14303  -3.13799  1.000 466.64000 -1 34 DT C OP1   1 
ATOM 1024 O OP2   . DT C 3 34 ? 8.80253   -10.12658 -5.21398  1.000 455.08000 ?  34 DT C OP2   1 
ATOM 1025 O "O5'" . DT C 3 34 ? 6.61150   -9.03509  -5.36234  1.000 466.53000 ?  34 DT C "O5'" 1 
ATOM 1026 C "C5'" . DT C 3 34 ? 6.05492   -10.26243 -5.80271  1.000 481.37000 ?  34 DT C "C5'" 1 
ATOM 1027 C "C4'" . DT C 3 34 ? 4.64118   -10.41969 -5.30063  1.000 503.76000 ?  34 DT C "C4'" 1 
ATOM 1028 O "O4'" . DT C 3 34 ? 4.60782   -10.31231 -3.85184  1.000 497.04000 ?  34 DT C "O4'" 1 
ATOM 1029 C "C3'" . DT C 3 34 ? 3.67753   -9.36375  -5.81136  1.000 525.01000 ?  34 DT C "C3'" 1 
ATOM 1030 O "O3'" . DT C 3 34 ? 2.46290   -9.95807  -6.03866  1.000 565.53000 ?  34 DT C "O3'" 1 
ATOM 1031 C "C2'" . DT C 3 34 ? 3.58811   -8.40042  -4.64031  1.000 516.10000 ?  34 DT C "C2'" 1 
ATOM 1032 C "C1'" . DT C 3 34 ? 3.61732   -9.38257  -3.49486  1.000 505.90000 ?  34 DT C "C1'" 1 
ATOM 1033 N N1    . DT C 3 34 ? 3.97540   -8.76561  -2.21548  1.000 499.85000 ?  34 DT C N1    1 
ATOM 1034 C C2    . DT C 3 34 ? 3.06028   -8.74169  -1.20165  1.000 502.75000 ?  34 DT C C2    1 
ATOM 1035 O O2    . DT C 3 34 ? 1.96200   -9.22719  -1.29215  1.000 502.17000 ?  34 DT C O2    1 
ATOM 1036 N N3    . DT C 3 34 ? 3.48988   -8.13798  -0.05866  1.000 485.49000 ?  34 DT C N3    1 
ATOM 1037 C C4    . DT C 3 34 ? 4.71910   -7.55960  0.16169   1.000 475.66000 ?  34 DT C C4    1 
ATOM 1038 O O4    . DT C 3 34 ? 5.01842   -7.04174  1.22762   1.000 468.85000 ?  34 DT C O4    1 
ATOM 1039 C C5    . DT C 3 34 ? 5.63128   -7.61622  -0.94738  1.000 479.32000 ?  34 DT C C5    1 
ATOM 1040 C C7    . DT C 3 34 ? 7.00228   -7.02167  -0.82692  1.000 470.88000 ?  34 DT C C7    1 
ATOM 1041 C C6    . DT C 3 34 ? 5.21320   -8.20289  -2.07185  1.000 482.95000 ?  34 DT C C6    1 
ATOM 1042 P P     . DC C 3 35 ? 2.18619   -10.72370 -7.41518  1.000 595.92000 ?  35 DC C P     1 
ATOM 1043 O OP1   . DC C 3 35 ? 2.57009   -12.14076 -7.22803  1.000 595.92000 ?  35 DC C OP1   1 
ATOM 1044 O OP2   . DC C 3 35 ? 2.86063   -9.96776  -8.49765  1.000 595.92000 -1 35 DC C OP2   1 
ATOM 1045 O "O5'" . DC C 3 35 ? 0.59721   -10.55932 -7.56341  1.000 595.92000 ?  35 DC C "O5'" 1 
ATOM 1046 C "C5'" . DC C 3 35 ? -0.20812  -11.61359 -8.06289  1.000 604.60000 ?  35 DC C "C5'" 1 
ATOM 1047 C "C4'" . DC C 3 35 ? -1.42299  -11.86550 -7.16407  1.000 604.02000 ?  35 DC C "C4'" 1 
ATOM 1048 O "O4'" . DC C 3 35 ? -0.98019  -12.13838 -5.80392  1.000 598.95000 ?  35 DC C "O4'" 1 
ATOM 1049 C "C3'" . DC C 3 35 ? -2.42500  -10.71628 -6.99581  1.000 603.03000 ?  35 DC C "C3'" 1 
ATOM 1050 O "O3'" . DC C 3 35 ? -3.35037  -10.62570 -8.11388  1.000 613.54000 ?  35 DC C "O3'" 1 
ATOM 1051 C "C2'" . DC C 3 35 ? -3.13581  -11.17019 -5.72789  1.000 595.92000 ?  35 DC C "C2'" 1 
ATOM 1052 C "C1'" . DC C 3 35 ? -1.95320  -11.64917 -4.88739  1.000 597.46000 ?  35 DC C "C1'" 1 
ATOM 1053 N N1    . DC C 3 35 ? -1.35256  -10.55419 -4.09699  1.000 595.92000 ?  35 DC C N1    1 
ATOM 1054 C C2    . DC C 3 35 ? -2.03705  -10.05317 -2.98709  1.000 595.92000 ?  35 DC C C2    1 
ATOM 1055 O O2    . DC C 3 35 ? -3.12027  -10.55635 -2.66772  1.000 595.92000 ?  35 DC C O2    1 
ATOM 1056 N N3    . DC C 3 35 ? -1.48609  -9.03625  -2.28438  1.000 595.92000 ?  35 DC C N3    1 
ATOM 1057 C C4    . DC C 3 35 ? -0.32081  -8.52372  -2.66677  1.000 595.92000 ?  35 DC C C4    1 
ATOM 1058 N N4    . DC C 3 35 ? 0.19261   -7.52522  -1.94161  1.000 595.92000 ?  35 DC C N4    1 
ATOM 1059 C C5    . DC C 3 35 ? 0.37877   -9.01319  -3.80125  1.000 595.92000 ?  35 DC C C5    1 
ATOM 1060 C C6    . DC C 3 35 ? -0.16390  -10.01964 -4.47805  1.000 595.92000 ?  35 DC C C6    1 
ATOM 1061 P P     . DG C 3 36 ? -4.10847  -9.23762  -8.47401  1.000 612.97000 ?  36 DG C P     1 
ATOM 1062 O OP1   . DG C 3 36 ? -5.24666  -9.59128  -9.35976  1.000 609.77000 ?  36 DG C OP1   1 
ATOM 1063 O OP2   . DG C 3 36 ? -3.09275  -8.27642  -8.96710  1.000 611.63000 -1 36 DG C OP2   1 
ATOM 1064 O "O5'" . DG C 3 36 ? -4.68109  -8.69134  -7.06398  1.000 572.01000 ?  36 DG C "O5'" 1 
ATOM 1065 C "C5'" . DG C 3 36 ? -5.43958  -7.43726  -6.98778  1.000 545.76000 ?  36 DG C "C5'" 1 
ATOM 1066 C "C4'" . DG C 3 36 ? -5.95763  -7.19923  -5.56426  1.000 514.42000 ?  36 DG C "C4'" 1 
ATOM 1067 O "O4'" . DG C 3 36 ? -4.86707  -7.34692  -4.62196  1.000 509.71000 ?  36 DG C "O4'" 1 
ATOM 1068 C "C3'" . DG C 3 36 ? -6.61028  -5.83127  -5.29938  1.000 488.87000 ?  36 DG C "C3'" 1 
ATOM 1069 O "O3'" . DG C 3 36 ? -8.04371  -6.02096  -5.03360  1.000 482.61000 ?  36 DG C "O3'" 1 
ATOM 1070 C "C2'" . DG C 3 36 ? -5.84113  -5.26243  -4.07793  1.000 482.51000 ?  36 DG C "C2'" 1 
ATOM 1071 C "C1'" . DG C 3 36 ? -5.00167  -6.44056  -3.55853  1.000 482.51000 ?  36 DG C "C1'" 1 
ATOM 1072 N N9    . DG C 3 36 ? -3.64517  -6.06452  -3.13807  1.000 465.16000 ?  36 DG C N9    1 
ATOM 1073 C C8    . DG C 3 36 ? -2.48450  -6.25152  -3.84660  1.000 484.60000 ?  36 DG C C8    1 
ATOM 1074 N N7    . DG C 3 36 ? -1.42079  -5.81598  -3.23419  1.000 477.06000 ?  36 DG C N7    1 
ATOM 1075 C C5    . DG C 3 36 ? -1.89991  -5.31351  -2.04057  1.000 450.16000 ?  36 DG C C5    1 
ATOM 1076 C C6    . DG C 3 36 ? -1.20525  -4.71254  -0.96769  1.000 419.93000 ?  36 DG C C6    1 
ATOM 1077 O O6    . DG C 3 36 ? 0.01085   -4.49763  -0.86031  1.000 409.32000 ?  36 DG C O6    1 
ATOM 1078 N N1    . DG C 3 36 ? -2.06851  -4.34434  0.05184   1.000 405.16000 ?  36 DG C N1    1 
ATOM 1079 C C2    . DG C 3 36 ? -3.43084  -4.53109  0.03221   1.000 407.57000 ?  36 DG C C2    1 
ATOM 1080 N N2    . DG C 3 36 ? -4.09788  -4.12316  1.11589   1.000 398.61000 ?  36 DG C N2    1 
ATOM 1081 N N3    . DG C 3 36 ? -4.09099  -5.09968  -0.96439  1.000 421.72000 ?  36 DG C N3    1 
ATOM 1082 C C4    . DG C 3 36 ? -3.26832  -5.46461  -1.96223  1.000 447.74000 ?  36 DG C C4    1 
ATOM 1083 P P     . DC C 3 37 ? -9.15099  -4.87566  -5.31510  1.000 474.48000 ?  37 DC C P     1 
ATOM 1084 O OP1   . DC C 3 37 ? -10.47926 -5.53014  -5.42700  1.000 471.20000 ?  37 DC C OP1   1 
ATOM 1085 O OP2   . DC C 3 37 ? -8.69430  -3.99601  -6.41464  1.000 481.88000 -1 37 DC C OP2   1 
ATOM 1086 O "O5'" . DC C 3 37 ? -9.15933  -4.04728  -3.95144  1.000 452.06000 ?  37 DC C "O5'" 1 
ATOM 1087 C "C5'" . DC C 3 37 ? -8.93081  -4.73333  -2.71689  1.000 444.77000 ?  37 DC C "C5'" 1 
ATOM 1088 C "C4'" . DC C 3 37 ? -8.61511  -3.75968  -1.59757  1.000 431.71000 ?  37 DC C "C4'" 1 
ATOM 1089 O "O4'" . DC C 3 37 ? -7.18509  -3.69896  -1.34756  1.000 422.39000 ?  37 DC C "O4'" 1 
ATOM 1090 C "C3'" . DC C 3 37 ? -9.05924  -2.31930  -1.85289  1.000 425.70000 ?  37 DC C "C3'" 1 
ATOM 1091 O "O3'" . DC C 3 37 ? -9.93299  -1.91867  -0.81891  1.000 419.80000 ?  37 DC C "O3'" 1 
ATOM 1092 C "C2'" . DC C 3 37 ? -7.74586  -1.51695  -1.84121  1.000 410.32000 ?  37 DC C "C2'" 1 
ATOM 1093 C "C1'" . DC C 3 37 ? -6.87736  -2.38351  -0.95807  1.000 408.27000 ?  37 DC C "C1'" 1 
ATOM 1094 N N1    . DC C 3 37 ? -5.40962  -2.14715  -1.11794  1.000 408.32000 ?  37 DC C N1    1 
ATOM 1095 C C2    . DC C 3 37 ? -4.68318  -1.59626  -0.05609  1.000 392.35000 ?  37 DC C C2    1 
ATOM 1096 O O2    . DC C 3 37 ? -5.26823  -1.32913  1.00264   1.000 391.38000 ?  37 DC C O2    1 
ATOM 1097 N N3    . DC C 3 37 ? -3.34911  -1.40099  -0.20446  1.000 383.39000 ?  37 DC C N3    1 
ATOM 1098 C C4    . DC C 3 37 ? -2.75248  -1.70675  -1.35411  1.000 389.72000 ?  37 DC C C4    1 
ATOM 1099 N N4    . DC C 3 37 ? -1.43645  -1.48728  -1.44992  1.000 377.23000 ?  37 DC C N4    1 
ATOM 1100 C C5    . DC C 3 37 ? -3.47787  -2.25756  -2.45277  1.000 412.70000 ?  37 DC C C5    1 
ATOM 1101 C C6    . DC C 3 37 ? -4.79185  -2.45532  -2.29378  1.000 415.40000 ?  37 DC C C6    1 
ATOM 1102 P P     . DA C 3 38 ? -10.54480 -0.43799  -0.80482  1.000 416.00000 ?  38 DA C P     1 
ATOM 1103 O OP1   . DA C 3 38 ? -11.94915 -0.54376  -0.35609  1.000 420.62000 ?  38 DA C OP1   1 
ATOM 1104 O OP2   . DA C 3 38 ? -10.25281 0.21271   -2.10311  1.000 414.59000 -1 38 DA C OP2   1 
ATOM 1105 O "O5'" . DA C 3 38 ? -9.68334  0.30209   0.31332   1.000 400.40000 ?  38 DA C "O5'" 1 
ATOM 1106 C "C5'" . DA C 3 38 ? -9.81570  -0.06622  1.68176   1.000 397.44000 ?  38 DA C "C5'" 1 
ATOM 1107 C "C4'" . DA C 3 38 ? -9.11206  0.94105   2.57090   1.000 391.35000 ?  38 DA C "C4'" 1 
ATOM 1108 O "O4'" . DA C 3 38 ? -7.74058  1.09785   2.12383   1.000 396.51000 ?  38 DA C "O4'" 1 
ATOM 1109 C "C3'" . DA C 3 38 ? -9.69425  2.34877   2.53401   1.000 389.29000 ?  38 DA C "C3'" 1 
ATOM 1110 O "O3'" . DA C 3 38 ? -9.40911  3.01768   3.74804   1.000 384.06000 ?  38 DA C "O3'" 1 
ATOM 1111 C "C2'" . DA C 3 38 ? -8.92445  2.97456   1.38751   1.000 394.98000 ?  38 DA C "C2'" 1 
ATOM 1112 C "C1'" . DA C 3 38 ? -7.54347  2.42086   1.65650   1.000 397.74000 ?  38 DA C "C1'" 1 
ATOM 1113 N N9    . DA C 3 38 ? -6.70471  2.38113   0.47025   1.000 371.38000 ?  38 DA C N9    1 
ATOM 1114 C C8    . DA C 3 38 ? -7.09728  2.12080   -0.81804  1.000 372.51000 ?  38 DA C C8    1 
ATOM 1115 N N7    . DA C 3 38 ? -6.11439  2.16142   -1.69060  1.000 366.14000 ?  38 DA C N7    1 
ATOM 1116 C C5    . DA C 3 38 ? -5.00408  2.47399   -0.91682  1.000 362.70000 ?  38 DA C C5    1 
ATOM 1117 C C6    . DA C 3 38 ? -3.64183  2.66348   -1.23661  1.000 352.58000 ?  38 DA C C6    1 
ATOM 1118 N N6    . DA C 3 38 ? -3.15383  2.56071   -2.48428  1.000 349.45000 ?  38 DA C N6    1 
ATOM 1119 N N1    . DA C 3 38 ? -2.79714  2.96843   -0.21622  1.000 345.56000 ?  38 DA C N1    1 
ATOM 1120 C C2    . DA C 3 38 ? -3.29011  3.07765   1.03012   1.000 346.04000 ?  38 DA C C2    1 
ATOM 1121 N N3    . DA C 3 38 ? -4.54492  2.91918   1.44956   1.000 355.76000 ?  38 DA C N3    1 
ATOM 1122 C C4    . DA C 3 38 ? -5.35808  2.61788   0.41775   1.000 362.98000 ?  38 DA C C4    1 
ATOM 1123 P P     . DG C 3 39 ? -9.67184  4.59892   3.88856   1.000 346.87000 ?  39 DG C P     1 
ATOM 1124 O OP1   . DG C 3 39 ? -10.12266 4.83612   5.27334   1.000 344.49000 ?  39 DG C OP1   1 
ATOM 1125 O OP2   . DG C 3 39 ? -10.48321 5.08909   2.75335   1.000 353.94000 -1 39 DG C OP2   1 
ATOM 1126 O "O5'" . DG C 3 39 ? -8.22825  5.25384   3.77843   1.000 332.72000 ?  39 DG C "O5'" 1 
ATOM 1127 C "C5'" . DG C 3 39 ? -7.56771  5.65260   4.96316   1.000 321.14000 ?  39 DG C "C5'" 1 
ATOM 1128 C "C4'" . DG C 3 39 ? -6.29075  6.38574   4.63444   1.000 305.77000 ?  39 DG C "C4'" 1 
ATOM 1129 O "O4'" . DG C 3 39 ? -5.66969  5.73505   3.51427   1.000 319.77000 ?  39 DG C "O4'" 1 
ATOM 1130 C "C3'" . DG C 3 39 ? -6.47633  7.85018   4.23901   1.000 299.21000 ?  39 DG C "C3'" 1 
ATOM 1131 O "O3'" . DG C 3 39 ? -6.33011  8.70854   5.44509   1.000 285.38000 ?  39 DG C "O3'" 1 
ATOM 1132 C "C2'" . DG C 3 39 ? -5.38303  8.08552   3.17819   1.000 299.66000 ?  39 DG C "C2'" 1 
ATOM 1133 C "C1'" . DG C 3 39 ? -4.95248  6.66680   2.74772   1.000 310.69000 ?  39 DG C "C1'" 1 
ATOM 1134 N N9    . DG C 3 39 ? -5.19855  6.35249   1.34321   1.000 326.69000 ?  39 DG C N9    1 
ATOM 1135 C C8    . DG C 3 39 ? -6.39296  5.96070   0.78312   1.000 339.13000 ?  39 DG C C8    1 
ATOM 1136 N N7    . DG C 3 39 ? -6.31433  5.71874   -0.50138  1.000 347.55000 ?  39 DG C N7    1 
ATOM 1137 C C5    . DG C 3 39 ? -4.97630  5.95087   -0.81423  1.000 338.62000 ?  39 DG C C5    1 
ATOM 1138 C C6    . DG C 3 39 ? -4.28743  5.84981   -2.06274  1.000 350.74000 ?  39 DG C C6    1 
ATOM 1139 O O6    . DG C 3 39 ? -4.74258  5.52028   -3.18884  1.000 342.04000 ?  39 DG C O6    1 
ATOM 1140 N N1    . DG C 3 39 ? -2.92810  6.17649   -1.91867  1.000 346.15000 ?  39 DG C N1    1 
ATOM 1141 C C2    . DG C 3 39 ? -2.31757  6.55210   -0.72844  1.000 325.36000 ?  39 DG C C2    1 
ATOM 1142 N N2    . DG C 3 39 ? -1.00044  6.82542   -0.78817  1.000 327.37000 ?  39 DG C N2    1 
ATOM 1143 N N3    . DG C 3 39 ? -2.95404  6.64785   0.43514   1.000 324.30000 ?  39 DG C N3    1 
ATOM 1144 C C4    . DG C 3 39 ? -4.27266  6.33555   0.31999   1.000 327.59000 ?  39 DG C C4    1 
ATOM 1145 P P     . DC C 3 40 ? -6.13370  10.31601  5.37998   1.000 277.79000 ?  40 DC C P     1 
ATOM 1146 O OP1   . DC C 3 40 ? -6.34906  10.88328  6.73578   1.000 257.07000 ?  40 DC C OP1   1 
ATOM 1147 O OP2   . DC C 3 40 ? -6.87292  10.84226  4.21006   1.000 279.06000 -1 40 DC C OP2   1 
ATOM 1148 O "O5'" . DC C 3 40 ? -4.57143  10.49650  5.12662   1.000 276.73000 ?  40 DC C "O5'" 1 
ATOM 1149 C "C5'" . DC C 3 40 ? -4.09580  11.24527  4.01666   1.000 280.72000 ?  40 DC C "C5'" 1 
ATOM 1150 C "C4'" . DC C 3 40 ? -2.61899  10.95835  3.78878   1.000 281.88000 ?  40 DC C "C4'" 1 
ATOM 1151 O "O4'" . DC C 3 40 ? -2.46611  9.73948   3.00663   1.000 289.05000 ?  40 DC C "O4'" 1 
ATOM 1152 C "C3'" . DC C 3 40 ? -1.86341  12.03334  3.02719   1.000 281.04000 ?  40 DC C "C3'" 1 
ATOM 1153 O "O3'" . DC C 3 40 ? -1.32399  13.00053  3.95680   1.000 277.98000 ?  40 DC C "O3'" 1 
ATOM 1154 C "C2'" . DC C 3 40 ? -0.74900  11.23498  2.34968   1.000 280.07000 ?  40 DC C "C2'" 1 
ATOM 1155 C "C1'" . DC C 3 40 ? -1.41525  9.88846   2.06826   1.000 284.84000 ?  40 DC C "C1'" 1 
ATOM 1156 N N1    . DC C 3 40 ? -2.00786  9.80464   0.74359   1.000 298.89000 ?  40 DC C N1    1 
ATOM 1157 C C2    . DC C 3 40 ? -1.19275  9.75803   -0.39496  1.000 300.18000 ?  40 DC C C2    1 
ATOM 1158 O O2    . DC C 3 40 ? 0.04350   9.77578   -0.27178  1.000 289.04000 ?  40 DC C O2    1 
ATOM 1159 N N3    . DC C 3 40 ? -1.79106  9.68138   -1.60453  1.000 311.89000 ?  40 DC C N3    1 
ATOM 1160 C C4    . DC C 3 40 ? -3.12943  9.65827   -1.68776  1.000 314.93000 ?  40 DC C C4    1 
ATOM 1161 N N4    . DC C 3 40 ? -3.68360  9.58255   -2.89833  1.000 323.34000 ?  40 DC C N4    1 
ATOM 1162 C C5    . DC C 3 40 ? -3.95841  9.70951   -0.53656  1.000 307.04000 ?  40 DC C C5    1 
ATOM 1163 C C6    . DC C 3 40 ? -3.36251  9.78199   0.64066   1.000 301.73000 ?  40 DC C C6    1 
ATOM 1164 P P     . DC C 3 41 ? -1.37462  14.57359  3.62901   1.000 282.64000 ?  41 DC C P     1 
ATOM 1165 O OP1   . DC C 3 41 ? -0.41607  15.28260  4.52168   1.000 268.76000 ?  41 DC C OP1   1 
ATOM 1166 O OP2   . DC C 3 41 ? -2.82385  14.88342  3.69441   1.000 278.76000 -1 41 DC C OP2   1 
ATOM 1167 O "O5'" . DC C 3 41 ? -0.84657  14.68127  2.09429   1.000 280.27000 ?  41 DC C "O5'" 1 
ATOM 1168 C "C5'" . DC C 3 41 ? 0.57743   14.56170  1.79933   1.000 275.37000 ?  41 DC C "C5'" 1 
ATOM 1169 C "C4'" . DC C 3 41 ? 0.87987   14.41677  0.29840   1.000 272.44000 ?  41 DC C "C4'" 1 
ATOM 1170 O "O4'" . DC C 3 41 ? -0.09467  13.57347  -0.35744  1.000 276.15000 ?  41 DC C "O4'" 1 
ATOM 1171 C "C3'" . DC C 3 41 ? 0.91872   15.72555  -0.50646  1.000 267.16000 ?  41 DC C "C3'" 1 
ATOM 1172 O "O3'" . DC C 3 41 ? 2.25023   15.99306  -0.94423  1.000 263.68000 ?  41 DC C "O3'" 1 
ATOM 1173 C "C2'" . DC C 3 41 ? -0.01565  15.46760  -1.69242  1.000 268.15000 ?  41 DC C "C2'" 1 
ATOM 1174 C "C1'" . DC C 3 41 ? -0.13777  13.95355  -1.70199  1.000 275.37000 ?  41 DC C "C1'" 1 
ATOM 1175 N N1    . DC C 3 41 ? -1.40240  13.51585  -2.28395  1.000 285.70000 ?  41 DC C N1    1 
ATOM 1176 C C2    . DC C 3 41 ? -1.43906  13.16577  -3.63191  1.000 294.83000 ?  41 DC C C2    1 
ATOM 1177 O O2    . DC C 3 41 ? -0.38856  13.19730  -4.29056  1.000 291.58000 ?  41 DC C O2    1 
ATOM 1178 N N3    . DC C 3 41 ? -2.61934  12.78820  -4.17727  1.000 302.68000 ?  41 DC C N3    1 
ATOM 1179 C C4    . DC C 3 41 ? -3.72449  12.77074  -3.42933  1.000 300.04000 ?  41 DC C C4    1 
ATOM 1180 N N4    . DC C 3 41 ? -4.86612  12.38768  -4.01058  1.000 303.53000 ?  41 DC C N4    1 
ATOM 1181 C C5    . DC C 3 41 ? -3.70749  13.14201  -2.05249  1.000 292.07000 ?  41 DC C C5    1 
ATOM 1182 C C6    . DC C 3 41 ? -2.53629  13.51267  -1.52779  1.000 285.44000 ?  41 DC C C6    1 
ATOM 1183 P P     . DG C 3 42 ? 2.58839   17.36278  -1.71936  1.000 255.11000 ?  42 DG C P     1 
ATOM 1184 O OP1   . DG C 3 42 ? 4.04195   17.65579  -1.66222  1.000 259.81000 ?  42 DG C OP1   1 
ATOM 1185 O OP2   . DG C 3 42 ? 1.66416   18.37823  -1.18188  1.000 249.67000 -1 42 DG C OP2   1 
ATOM 1186 O "O5'" . DG C 3 42 ? 2.17933   17.04998  -3.23270  1.000 256.09000 ?  42 DG C "O5'" 1 
ATOM 1187 C "C5'" . DG C 3 42 ? 2.67901   15.89347  -3.90867  1.000 261.01000 ?  42 DG C "C5'" 1 
ATOM 1188 C "C4'" . DG C 3 42 ? 2.35517   15.98964  -5.37928  1.000 258.80000 ?  42 DG C "C4'" 1 
ATOM 1189 O "O4'" . DG C 3 42 ? 1.08649   15.33184  -5.65078  1.000 272.16000 ?  42 DG C "O4'" 1 
ATOM 1190 C "C3'" . DG C 3 42 ? 2.15865   17.41692  -5.85710  1.000 252.35000 ?  42 DG C "C3'" 1 
ATOM 1191 O "O3'" . DG C 3 42 ? 2.48433   17.49771  -7.20285  1.000 245.24000 ?  42 DG C "O3'" 1 
ATOM 1192 C "C2'" . DG C 3 42 ? 0.66499   17.60954  -5.66094  1.000 260.55000 ?  42 DG C "C2'" 1 
ATOM 1193 C "C1'" . DG C 3 42 ? 0.19506   16.28811  -6.19724  1.000 271.07000 ?  42 DG C "C1'" 1 
ATOM 1194 N N9    . DG C 3 42 ? -1.16334  15.96485  -5.81661  1.000 281.42000 ?  42 DG C N9    1 
ATOM 1195 C C8    . DG C 3 42 ? -1.77785  16.22294  -4.60987  1.000 281.90000 ?  42 DG C C8    1 
ATOM 1196 N N7    . DG C 3 42 ? -3.01327  15.81947  -4.56734  1.000 284.96000 ?  42 DG C N7    1 
ATOM 1197 C C5    . DG C 3 42 ? -3.22935  15.27022  -5.83262  1.000 291.04000 ?  42 DG C C5    1 
ATOM 1198 C C6    . DG C 3 42 ? -4.37915  14.67231  -6.37172  1.000 293.87000 ?  42 DG C C6    1 
ATOM 1199 O O6    . DG C 3 42 ? -5.47250  14.50847  -5.82318  1.000 299.70000 ?  42 DG C O6    1 
ATOM 1200 N N1    . DG C 3 42 ? -4.17827  14.24169  -7.69222  1.000 303.79000 ?  42 DG C N1    1 
ATOM 1201 C C2    . DG C 3 42 ? -3.00267  14.37477  -8.39694  1.000 296.10000 ?  42 DG C C2    1 
ATOM 1202 N N2    . DG C 3 42 ? -2.99638  13.89966  -9.65841  1.000 305.84000 ?  42 DG C N2    1 
ATOM 1203 N N3    . DG C 3 42 ? -1.91044  14.93053  -7.89519  1.000 291.10000 ?  42 DG C N3    1 
ATOM 1204 C C4    . DG C 3 42 ? -2.09973  15.35568  -6.60861  1.000 288.99000 ?  42 DG C C4    1 
ATOM 1205 P P     . DG C 3 43 ? 2.63810   18.93794  -7.88232  1.000 241.10000 ?  43 DG C P     1 
ATOM 1206 O OP1   . DG C 3 43 ? 3.99719   19.40847  -7.51902  1.000 244.25000 ?  43 DG C OP1   1 
ATOM 1207 O OP2   . DG C 3 43 ? 1.43580   19.74095  -7.52570  1.000 245.26000 -1 43 DG C OP2   1 
ATOM 1208 O "O5'" . DG C 3 43 ? 2.58668   18.63824  -9.45512  1.000 246.79000 ?  43 DG C "O5'" 1 
ATOM 1209 C "C5'" . DG C 3 43 ? 2.87861   17.34190  -9.95373  1.000 249.07000 ?  43 DG C "C5'" 1 
ATOM 1210 C "C4'" . DG C 3 43 ? 1.99215   17.01219  -11.14019 1.000 254.02000 ?  43 DG C "C4'" 1 
ATOM 1211 O "O4'" . DG C 3 43 ? 0.66888   16.67329  -10.65496 1.000 257.27000 ?  43 DG C "O4'" 1 
ATOM 1212 C "C3'" . DG C 3 43 ? 1.79078   18.16087  -12.13845 1.000 257.15000 ?  43 DG C "C3'" 1 
ATOM 1213 O "O3'" . DG C 3 43 ? 1.59743   17.65554  -13.46687 1.000 261.33000 ?  43 DG C "O3'" 1 
ATOM 1214 C "C2'" . DG C 3 43 ? 0.52805   18.82053  -11.61710 1.000 258.74000 ?  43 DG C "C2'" 1 
ATOM 1215 C "C1'" . DG C 3 43 ? -0.26752  17.61740  -11.14174 1.000 259.65000 ?  43 DG C "C1'" 1 
ATOM 1216 N N9    . DG C 3 43 ? -1.17929  17.95255  -10.06636 1.000 264.27000 ?  43 DG C N9    1 
ATOM 1217 C C8    . DG C 3 43 ? -0.92103  18.76629  -8.98733  1.000 261.98000 ?  43 DG C C8    1 
ATOM 1218 N N7    . DG C 3 43 ? -1.92783  18.88643  -8.17584  1.000 264.92000 ?  43 DG C N7    1 
ATOM 1219 C C5    . DG C 3 43 ? -2.91546  18.09980  -8.75304  1.000 268.06000 ?  43 DG C C5    1 
ATOM 1220 C C6    . DG C 3 43 ? -4.22199  17.84166  -8.31957  1.000 267.92000 ?  43 DG C C6    1 
ATOM 1221 O O6    . DG C 3 43 ? -4.78290  18.27828  -7.30860  1.000 264.76000 ?  43 DG C O6    1 
ATOM 1222 N N1    . DG C 3 43 ? -4.90109  16.98610  -9.19659  1.000 269.06000 ?  43 DG C N1    1 
ATOM 1223 C C2    . DG C 3 43 ? -4.36767  16.44931  -10.35470 1.000 267.64000 ?  43 DG C C2    1 
ATOM 1224 N N2    . DG C 3 43 ? -5.16900  15.63977  -11.07786 1.000 270.13000 ?  43 DG C N2    1 
ATOM 1225 N N3    . DG C 3 43 ? -3.12947  16.67923  -10.76429 1.000 266.98000 ?  43 DG C N3    1 
ATOM 1226 C C4    . DG C 3 43 ? -2.46628  17.51325  -9.91577  1.000 268.00000 ?  43 DG C C4    1 
ATOM 1227 P P     . DA C 3 44 ? 1.39643   18.65922  -14.71457 1.000 263.84000 ?  44 DA C P     1 
ATOM 1228 O OP1   . DA C 3 44 ? 2.46671   18.42326  -15.70416 1.000 262.56000 ?  44 DA C OP1   1 
ATOM 1229 O OP2   . DA C 3 44 ? 1.27474   20.03736  -14.21190 1.000 259.93000 -1 44 DA C OP2   1 
ATOM 1230 O "O5'" . DA C 3 44 ? -0.02647  18.24556  -15.32406 1.000 255.15000 ?  44 DA C "O5'" 1 
ATOM 1231 C "C5'" . DA C 3 44 ? -0.36524  16.87001  -15.60586 1.000 251.71000 ?  44 DA C "C5'" 1 
ATOM 1232 C "C4'" . DA C 3 44 ? -1.79657  16.81370  -16.08150 1.000 251.84000 ?  44 DA C "C4'" 1 
ATOM 1233 O "O4'" . DA C 3 44 ? -2.65906  16.81321  -14.90232 1.000 251.82000 ?  44 DA C "O4'" 1 
ATOM 1234 C "C3'" . DA C 3 44 ? -2.18056  18.05121  -16.91675 1.000 251.00000 ?  44 DA C "C3'" 1 
ATOM 1235 O "O3'" . DA C 3 44 ? -2.99007  17.74193  -18.07500 1.000 250.67000 ?  44 DA C "O3'" 1 
ATOM 1236 C "C2'" . DA C 3 44 ? -2.92110  18.93788  -15.93177 1.000 253.86000 ?  44 DA C "C2'" 1 
ATOM 1237 C "C1'" . DA C 3 44 ? -3.52508  17.93586  -14.94909 1.000 258.96000 ?  44 DA C "C1'" 1 
ATOM 1238 N N9    . DA C 3 44 ? -3.70997  18.54527  -13.61729 1.000 261.94000 ?  44 DA C N9    1 
ATOM 1239 C C8    . DA C 3 44 ? -2.80019  19.31314  -12.91944 1.000 262.34000 ?  44 DA C C8    1 
ATOM 1240 N N7    . DA C 3 44 ? -3.26556  19.80507  -11.79249 1.000 261.95000 ?  44 DA C N7    1 
ATOM 1241 C C5    . DA C 3 44 ? -4.57633  19.36206  -11.75791 1.000 257.23000 ?  44 DA C C5    1 
ATOM 1242 C C6    . DA C 3 44 ? -5.59610  19.54426  -10.82235 1.000 249.19000 ?  44 DA C C6    1 
ATOM 1243 N N6    . DA C 3 44 ? -5.43185  20.25006  -9.70151  1.000 247.27000 ?  44 DA C N6    1 
ATOM 1244 N N1    . DA C 3 44 ? -6.79674  18.98018  -11.08329 1.000 244.19000 ?  44 DA C N1    1 
ATOM 1245 C C2    . DA C 3 44 ? -6.95493  18.26960  -12.21385 1.000 248.11000 ?  44 DA C C2    1 
ATOM 1246 N N3    . DA C 3 44 ? -6.06590  18.01605  -13.17077 1.000 257.42000 ?  44 DA C N3    1 
ATOM 1247 C C4    . DA C 3 44 ? -4.88088  18.60116  -12.88174 1.000 260.00000 ?  44 DA C C4    1 
ATOM 1248 P P     . DC C 3 45 ? -3.40345  18.92892  -19.09863 1.000 249.90000 ?  45 DC C P     1 
ATOM 1249 O OP1   . DC C 3 45 ? -3.45638  18.37787  -20.47120 1.000 248.96000 ?  45 DC C OP1   1 
ATOM 1250 O OP2   . DC C 3 45 ? -2.54646  20.10055  -18.80294 1.000 246.80000 -1 45 DC C OP2   1 
ATOM 1251 O "O5'" . DC C 3 45 ? -4.88587  19.37404  -18.64761 1.000 243.20000 ?  45 DC C "O5'" 1 
ATOM 1252 C "C5'" . DC C 3 45 ? -5.91921  18.38772  -18.40535 1.000 238.15000 ?  45 DC C "C5'" 1 
ATOM 1253 C "C4'" . DC C 3 45 ? -7.32439  19.01921  -18.34554 1.000 230.57000 ?  45 DC C "C4'" 1 
ATOM 1254 O "O4'" . DC C 3 45 ? -7.69966  19.37039  -16.98091 1.000 233.51000 ?  45 DC C "O4'" 1 
ATOM 1255 C "C3'" . DC C 3 45 ? -7.53467  20.27780  -19.17874 1.000 222.61000 ?  45 DC C "C3'" 1 
ATOM 1256 O "O3'" . DC C 3 45 ? -8.79573  20.23329  -19.73596 1.000 218.45000 ?  45 DC C "O3'" 1 
ATOM 1257 C "C2'" . DC C 3 45 ? -7.45155  21.40040  -18.15316 1.000 219.70000 ?  45 DC C "C2'" 1 
ATOM 1258 C "C1'" . DC C 3 45 ? -8.02661  20.74914  -16.89787 1.000 224.01000 ?  45 DC C "C1'" 1 
ATOM 1259 N N1    . DC C 3 45 ? -7.39451  21.27960  -15.65261 1.000 226.67000 ?  45 DC C N1    1 
ATOM 1260 C C2    . DC C 3 45 ? -8.06482  21.18801  -14.42072 1.000 224.68000 ?  45 DC C C2    1 
ATOM 1261 O O2    . DC C 3 45 ? -9.20768  20.67126  -14.38142 1.000 221.93000 ?  45 DC C O2    1 
ATOM 1262 N N3    . DC C 3 45 ? -7.42879  21.67087  -13.29798 1.000 225.35000 ?  45 DC C N3    1 
ATOM 1263 C C4    . DC C 3 45 ? -6.19247  22.21857  -13.39079 1.000 227.04000 ?  45 DC C C4    1 
ATOM 1264 N N4    . DC C 3 45 ? -5.61069  22.67492  -12.27060 1.000 222.97000 ?  45 DC C N4    1 
ATOM 1265 C C5    . DC C 3 45 ? -5.50743  22.31625  -14.63924 1.000 234.27000 ?  45 DC C C5    1 
ATOM 1266 C C6    . DC C 3 45 ? -6.13689  21.84019  -15.72793 1.000 229.47000 ?  45 DC C C6    1 
ATOM 1267 P P     . DA C 3 46 ? -9.16968  21.17163  -20.97591 1.000 217.55000 ?  46 DA C P     1 
ATOM 1268 O OP1   . DA C 3 46 ? -8.69421  20.51530  -22.20693 1.000 224.45000 ?  46 DA C OP1   1 
ATOM 1269 O OP2   . DA C 3 46 ? -8.64448  22.52812  -20.75704 1.000 213.35000 -1 46 DA C OP2   1 
ATOM 1270 O "O5'" . DA C 3 46 ? -10.75064 21.13161  -20.90491 1.000 212.31000 ?  46 DA C "O5'" 1 
ATOM 1271 C "C5'" . DA C 3 46 ? -11.34318 20.63497  -19.71335 1.000 207.66000 ?  46 DA C "C5'" 1 
ATOM 1272 C "C4'" . DA C 3 46 ? -12.10662 21.73980  -19.04826 1.000 206.06000 ?  46 DA C "C4'" 1 
ATOM 1273 O "O4'" . DA C 3 46 ? -11.27852 22.44722  -18.09221 1.000 203.78000 ?  46 DA C "O4'" 1 
ATOM 1274 C "C3'" . DA C 3 46 ? -12.59801 22.79804  -20.02532 1.000 207.02000 ?  46 DA C "C3'" 1 
ATOM 1275 O "O3'" . DA C 3 46 ? -13.78336 23.33525  -19.56415 1.000 209.17000 ?  46 DA C "O3'" 1 
ATOM 1276 C "C2'" . DA C 3 46 ? -11.49920 23.84269  -19.93958 1.000 207.58000 ?  46 DA C "C2'" 1 
ATOM 1277 C "C1'" . DA C 3 46 ? -11.24286 23.81959  -18.44909 1.000 206.28000 ?  46 DA C "C1'" 1 
ATOM 1278 N N9    . DA C 3 46 ? -9.94088  24.30551  -18.09707 1.000 209.03000 ?  46 DA C N9    1 
ATOM 1279 C C8    . DA C 3 46 ? -8.86535  24.44752  -18.92042 1.000 211.49000 ?  46 DA C C8    1 
ATOM 1280 N N7    . DA C 3 46 ? -7.78400  24.85896  -18.31923 1.000 214.84000 ?  46 DA C N7    1 
ATOM 1281 C C5    . DA C 3 46 ? -8.18721  24.99853  -17.00838 1.000 216.99000 ?  46 DA C C5    1 
ATOM 1282 C C6    . DA C 3 46 ? -7.50665  25.40918  -15.86201 1.000 220.55000 ?  46 DA C C6    1 
ATOM 1283 N N6    . DA C 3 46 ? -6.20961  25.77192  -15.86582 1.000 224.03000 ?  46 DA C N6    1 
ATOM 1284 N N1    . DA C 3 46 ? -8.21033  25.43216  -14.70386 1.000 215.87000 ?  46 DA C N1    1 
ATOM 1285 C C2    . DA C 3 46 ? -9.50597  25.06296  -14.71408 1.000 212.23000 ?  46 DA C C2    1 
ATOM 1286 N N3    . DA C 3 46 ? -10.24705 24.65799  -15.73572 1.000 211.01000 ?  46 DA C N3    1 
ATOM 1287 C C4    . DA C 3 46 ? -9.51963  24.64918  -16.85955 1.000 212.00000 ?  46 DA C C4    1 
ATOM 1288 P P     . DG C 3 47 ? -15.08008 22.43027  -19.28932 1.000 213.92000 ?  47 DG C P     1 
ATOM 1289 O OP1   . DG C 3 47 ? -14.80101 21.00013  -18.96147 1.000 205.30000 ?  47 DG C OP1   1 
ATOM 1290 O OP2   . DG C 3 47 ? -15.92376 22.69936  -20.47482 1.000 217.41000 -1 47 DG C OP2   1 
ATOM 1291 O "O5'" . DG C 3 47 ? -15.71629 23.16583  -18.01199 1.000 209.34000 ?  47 DG C "O5'" 1 
ATOM 1292 C "C5'" . DG C 3 47 ? -15.10024 22.98747  -16.72695 1.000 206.16000 ?  47 DG C "C5'" 1 
ATOM 1293 C "C4'" . DG C 3 47 ? -15.15879 24.24522  -15.85286 1.000 206.61000 ?  47 DG C "C4'" 1 
ATOM 1294 O "O4'" . DG C 3 47 ? -13.82104 24.80610  -15.65824 1.000 201.65000 ?  47 DG C "O4'" 1 
ATOM 1295 C "C3'" . DG C 3 47 ? -15.99514 25.42948  -16.37519 1.000 206.52000 ?  47 DG C "C3'" 1 
ATOM 1296 O "O3'" . DG C 3 47 ? -16.50160 26.14010  -15.23786 1.000 206.38000 ?  47 DG C "O3'" 1 
ATOM 1297 C "C2'" . DG C 3 47 ? -14.91749 26.25404  -17.04523 1.000 206.19000 ?  47 DG C "C2'" 1 
ATOM 1298 C "C1'" . DG C 3 47 ? -13.95426 26.18662  -15.90063 1.000 202.96000 ?  47 DG C "C1'" 1 
ATOM 1299 N N9    . DG C 3 47 ? -12.68122 26.81498  -16.11614 1.000 202.24000 ?  47 DG C N9    1 
ATOM 1300 C C8    . DG C 3 47 ? -11.98982 26.95202  -17.29198 1.000 204.81000 ?  47 DG C C8    1 
ATOM 1301 N N7    . DG C 3 47 ? -10.86839 27.59361  -17.14630 1.000 206.19000 ?  47 DG C N7    1 
ATOM 1302 C C5    . DG C 3 47 ? -10.83924 27.90646  -15.78673 1.000 206.50000 ?  47 DG C C5    1 
ATOM 1303 C C6    . DG C 3 47 ? -9.87711  28.59687  -15.02510 1.000 207.86000 ?  47 DG C C6    1 
ATOM 1304 O O6    . DG C 3 47 ? -8.81404  29.09316  -15.40810 1.000 210.54000 ?  47 DG C O6    1 
ATOM 1305 N N1    . DG C 3 47 ? -10.24661 28.69070  -13.67675 1.000 205.86000 ?  47 DG C N1    1 
ATOM 1306 C C2    . DG C 3 47 ? -11.39921 28.17471  -13.13843 1.000 204.07000 ?  47 DG C C2    1 
ATOM 1307 N N2    . DG C 3 47 ? -11.58538 28.36180  -11.81562 1.000 202.26000 ?  47 DG C N2    1 
ATOM 1308 N N3    . DG C 3 47 ? -12.30316 27.52695  -13.84737 1.000 204.29000 ?  47 DG C N3    1 
ATOM 1309 C C4    . DG C 3 47 ? -11.95349 27.43227  -15.15723 1.000 203.41000 ?  47 DG C C4    1 
ATOM 1310 P P     . DC C 3 48 ? -17.63603 27.26859  -15.39673 1.000 210.03000 ?  48 DC C P     1 
ATOM 1311 O OP1   . DC C 3 48 ? -18.95256 26.66457  -15.11855 1.000 210.51000 ?  48 DC C OP1   1 
ATOM 1312 O OP2   . DC C 3 48 ? -17.41266 27.93277  -16.70411 1.000 213.82000 -1 48 DC C OP2   1 
ATOM 1313 O "O5'" . DC C 3 48 ? -17.30590 28.33630  -14.24532 1.000 206.31000 ?  48 DC C "O5'" 1 
ATOM 1314 C "C5'" . DC C 3 48 ? -17.83348 28.24033  -12.92247 1.000 203.45000 ?  48 DC C "C5'" 1 
ATOM 1315 C "C4'" . DC C 3 48 ? -16.83213 28.84976  -11.96384 1.000 203.08000 ?  48 DC C "C4'" 1 
ATOM 1316 O "O4'" . DC C 3 48 ? -15.50554 28.41591  -12.36579 1.000 200.77000 ?  48 DC C "O4'" 1 
ATOM 1317 C "C3'" . DC C 3 48 ? -16.74295 30.36190  -12.00609 1.000 207.30000 ?  48 DC C "C3'" 1 
ATOM 1318 O "O3'" . DC C 3 48 ? -17.62055 30.91010  -11.12871 1.000 207.63000 ?  48 DC C "O3'" 1 
ATOM 1319 C "C2'" . DC C 3 48 ? -15.31960 30.60523  -11.54911 1.000 210.43000 ?  48 DC C "C2'" 1 
ATOM 1320 C "C1'" . DC C 3 48 ? -14.59552 29.50305  -12.28913 1.000 205.29000 ?  48 DC C "C1'" 1 
ATOM 1321 N N1    . DC C 3 48 ? -14.22266 29.89908  -13.65943 1.000 205.01000 ?  48 DC C N1    1 
ATOM 1322 C C2    . DC C 3 48 ? -13.17033 30.77797  -13.85551 1.000 211.21000 ?  48 DC C C2    1 
ATOM 1323 O O2    . DC C 3 48 ? -12.54419 31.19742  -12.86072 1.000 212.64000 ?  48 DC C O2    1 
ATOM 1324 N N3    . DC C 3 48 ? -12.85559 31.13191  -15.14322 1.000 215.28000 ?  48 DC C N3    1 
ATOM 1325 C C4    . DC C 3 48 ? -13.57679 30.63278  -16.18121 1.000 212.38000 ?  48 DC C C4    1 
ATOM 1326 N N4    . DC C 3 48 ? -13.25430 30.99479  -17.43155 1.000 219.80000 ?  48 DC C N4    1 
ATOM 1327 C C5    . DC C 3 48 ? -14.65737 29.74580  -15.97134 1.000 208.62000 ?  48 DC C C5    1 
ATOM 1328 C C6    . DC C 3 48 ? -14.92841 29.41195  -14.71656 1.000 204.66000 ?  48 DC C C6    1 
ATOM 1329 P P     . DG C 3 49 ? -18.03425 32.42554  -11.34880 1.000 242.89000 ?  49 DG C P     1 
ATOM 1330 O OP1   . DG C 3 49 ? -19.04534 32.76822  -10.32476 1.000 234.55000 ?  49 DG C OP1   1 
ATOM 1331 O OP2   . DG C 3 49 ? -18.24704 32.56781  -12.78520 1.000 246.78000 -1 49 DG C OP2   1 
ATOM 1332 O "O5'" . DG C 3 49 ? -16.68907 33.24446  -11.15996 1.000 241.63000 ?  49 DG C "O5'" 1 
ATOM 1333 C "C5'" . DG C 3 49 ? -16.53010 33.97499  -10.00325 1.000 237.56000 ?  49 DG C "C5'" 1 
ATOM 1334 C "C4'" . DG C 3 49 ? -15.14179 34.57236  -9.87353  1.000 237.64000 ?  49 DG C "C4'" 1 
ATOM 1335 O "O4'" . DG C 3 49 ? -14.12676 33.74879  -10.48368 1.000 249.94000 ?  49 DG C "O4'" 1 
ATOM 1336 C "C3'" . DG C 3 49 ? -14.91615 35.90442  -10.53067 1.000 239.29000 ?  49 DG C "C3'" 1 
ATOM 1337 O "O3'" . DG C 3 49 ? -15.61131 36.92588  -9.83742  1.000 233.22000 ?  49 DG C "O3'" 1 
ATOM 1338 C "C2'" . DG C 3 49 ? -13.41369 36.00278  -10.31791 1.000 239.00000 ?  49 DG C "C2'" 1 
ATOM 1339 C "C1'" . DG C 3 49 ? -12.97751 34.57580  -10.67533 1.000 251.50000 ?  49 DG C "C1'" 1 
ATOM 1340 N N9    . DG C 3 49 ? -12.62156 34.50401  -12.04984 1.000 232.07000 ?  49 DG C N9    1 
ATOM 1341 C C8    . DG C 3 49 ? -13.33783 33.88553  -13.02427 1.000 234.91000 ?  49 DG C C8    1 
ATOM 1342 N N7    . DG C 3 49 ? -12.81780 34.01742  -14.19838 1.000 234.30000 ?  49 DG C N7    1 
ATOM 1343 C C5    . DG C 3 49 ? -11.69449 34.81185  -13.98936 1.000 237.30000 ?  49 DG C C5    1 
ATOM 1344 C C6    . DG C 3 49 ? -10.74905 35.29022  -14.90735 1.000 240.27000 ?  49 DG C C6    1 
ATOM 1345 O O6    . DG C 3 49 ? -10.72676 35.09384  -16.10458 1.000 248.87000 ?  49 DG C O6    1 
ATOM 1346 N N1    . DG C 3 49 ? -9.76023  36.06565  -14.30466 1.000 234.66000 ?  49 DG C N1    1 
ATOM 1347 C C2    . DG C 3 49 ? -9.70129  36.34190  -12.96615 1.000 230.43000 ?  49 DG C C2    1 
ATOM 1348 N N2    . DG C 3 49 ? -8.67436  37.11248  -12.56465 1.000 220.20000 ?  49 DG C N2    1 
ATOM 1349 N N3    . DG C 3 49 ? -10.59209 35.89230  -12.08000 1.000 231.73000 ?  49 DG C N3    1 
ATOM 1350 C C4    . DG C 3 49 ? -11.56270 35.13298  -12.67261 1.000 235.31000 ?  49 DG C C4    1 
ATOM 1351 O "O5'" . DT D 4 1  ? -13.49108 41.28785  -27.22579 1.000 376.52000 ?  1  DT E "O5'" 1 
ATOM 1352 C "C5'" . DT D 4 1  ? -13.09104 39.90334  -27.23006 1.000 377.52000 ?  1  DT E "C5'" 1 
ATOM 1353 C "C4'" . DT D 4 1  ? -12.41370 39.51221  -25.91281 1.000 376.94000 ?  1  DT E "C4'" 1 
ATOM 1354 O "O4'" . DT D 4 1  ? -13.13730 40.06452  -24.77128 1.000 375.62000 ?  1  DT E "O4'" 1 
ATOM 1355 C "C3'" . DT D 4 1  ? -12.29610 37.99636  -25.62916 1.000 377.83000 ?  1  DT E "C3'" 1 
ATOM 1356 O "O3'" . DT D 4 1  ? -10.97402 37.69640  -25.12729 1.000 378.06000 ?  1  DT E "O3'" 1 
ATOM 1357 C "C2'" . DT D 4 1  ? -13.34779 37.78153  -24.52894 1.000 377.13000 ?  1  DT E "C2'" 1 
ATOM 1358 C "C1'" . DT D 4 1  ? -13.17095 39.07513  -23.76219 1.000 375.66000 ?  1  DT E "C1'" 1 
ATOM 1359 N N1    . DT D 4 1  ? -14.25215 39.41319  -22.74769 1.000 374.82000 ?  1  DT E N1    1 
ATOM 1360 C C2    . DT D 4 1  ? -14.00839 40.42726  -21.86845 1.000 373.88000 ?  1  DT E C2    1 
ATOM 1361 O O2    . DT D 4 1  ? -12.97247 41.05616  -21.87375 1.000 373.94000 ?  1  DT E O2    1 
ATOM 1362 N N3    . DT D 4 1  ? -15.02087 40.69244  -20.97931 1.000 373.15000 ?  1  DT E N3    1 
ATOM 1363 C C4    . DT D 4 1  ? -16.23537 40.04278  -20.87521 1.000 373.56000 ?  1  DT E C4    1 
ATOM 1364 O O4    . DT D 4 1  ? -17.08589 40.34847  -20.02937 1.000 373.47000 ?  1  DT E O4    1 
ATOM 1365 C C5    . DT D 4 1  ? -16.42888 38.96875  -21.81657 1.000 374.65000 ?  1  DT E C5    1 
ATOM 1366 C C7    . DT D 4 1  ? -17.70349 38.18805  -21.79540 1.000 375.20000 ?  1  DT E C7    1 
ATOM 1367 C C6    . DT D 4 1  ? -15.43730 38.70205  -22.70227 1.000 375.26000 ?  1  DT E C6    1 
ATOM 1368 P P     . DG D 4 2  ? -9.86104  36.93035  -26.01825 1.000 379.98000 ?  2  DG E P     1 
ATOM 1369 O OP1   . DG D 4 2  ? -10.44683 36.67483  -27.35108 1.000 395.23000 ?  2  DG E OP1   1 
ATOM 1370 O OP2   . DG D 4 2  ? -9.30957  35.80600  -25.22723 1.000 374.72000 -1 2  DG E OP2   1 
ATOM 1371 O "O5'" . DG D 4 2  ? -8.66126  37.99366  -26.17153 1.000 358.08000 ?  2  DG E "O5'" 1 
ATOM 1372 C "C5'" . DG D 4 2  ? -7.45880  37.84853  -25.41349 1.000 335.38000 ?  2  DG E "C5'" 1 
ATOM 1373 C "C4'" . DG D 4 2  ? -7.63009  38.49153  -24.05690 1.000 327.38000 ?  2  DG E "C4'" 1 
ATOM 1374 O "O4'" . DG D 4 2  ? -9.02384  38.40341  -23.68360 1.000 335.34000 ?  2  DG E "O4'" 1 
ATOM 1375 C "C3'" . DG D 4 2  ? -6.89070  37.81255  -22.92673 1.000 310.63000 ?  2  DG E "C3'" 1 
ATOM 1376 O "O3'" . DG D 4 2  ? -5.58273  38.34478  -22.79923 1.000 311.75000 ?  2  DG E "O3'" 1 
ATOM 1377 C "C2'" . DG D 4 2  ? -7.74477  38.16819  -21.71279 1.000 309.44000 ?  2  DG E "C2'" 1 
ATOM 1378 C "C1'" . DG D 4 2  ? -9.15478  38.27023  -22.28649 1.000 319.90000 ?  2  DG E "C1'" 1 
ATOM 1379 N N9    . DG D 4 2  ? -10.04670 37.13572  -21.95128 1.000 332.95000 ?  2  DG E N9    1 
ATOM 1380 C C8    . DG D 4 2  ? -10.33183 36.02584  -22.71091 1.000 326.65000 ?  2  DG E C8    1 
ATOM 1381 N N7    . DG D 4 2  ? -11.16550 35.19640  -22.14045 1.000 316.49000 ?  2  DG E N7    1 
ATOM 1382 C C5    . DG D 4 2  ? -11.45381 35.79380  -20.92525 1.000 306.43000 ?  2  DG E C5    1 
ATOM 1383 C C6    . DG D 4 2  ? -12.29836 35.36798  -19.87329 1.000 292.86000 ?  2  DG E C6    1 
ATOM 1384 O O6    . DG D 4 2  ? -12.97952 34.33185  -19.79795 1.000 286.39000 ?  2  DG E O6    1 
ATOM 1385 N N1    . DG D 4 2  ? -12.28716 36.27249  -18.81517 1.000 284.17000 ?  2  DG E N1    1 
ATOM 1386 C C2    . DG D 4 2  ? -11.57946 37.45095  -18.79212 1.000 286.87000 ?  2  DG E C2    1 
ATOM 1387 N N2    . DG D 4 2  ? -11.68981 38.19467  -17.68565 1.000 276.20000 ?  2  DG E N2    1 
ATOM 1388 N N3    . DG D 4 2  ? -10.78403 37.85133  -19.76202 1.000 300.18000 ?  2  DG E N3    1 
ATOM 1389 C C4    . DG D 4 2  ? -10.77123 36.98407  -20.79422 1.000 313.61000 ?  2  DG E C4    1 
ATOM 1390 P P     . DC D 4 3  ? -4.40099  37.42124  -22.21698 1.000 299.73000 ?  3  DC E P     1 
ATOM 1391 O OP1   . DC D 4 3  ? -3.40806  37.32946  -23.30724 1.000 302.06000 ?  3  DC E OP1   1 
ATOM 1392 O OP2   . DC D 4 3  ? -4.98999  36.21880  -21.59825 1.000 295.53000 -1 3  DC E OP2   1 
ATOM 1393 O "O5'" . DC D 4 3  ? -3.79648  38.22879  -20.97257 1.000 283.60000 ?  3  DC E "O5'" 1 
ATOM 1394 C "C5'" . DC D 4 3  ? -3.66095  37.59147  -19.70297 1.000 272.36000 ?  3  DC E "C5'" 1 
ATOM 1395 C "C4'" . DC D 4 3  ? -4.65221  38.17769  -18.70315 1.000 267.63000 ?  3  DC E "C4'" 1 
ATOM 1396 O "O4'" . DC D 4 3  ? -5.98967  38.07748  -19.21031 1.000 271.21000 ?  3  DC E "O4'" 1 
ATOM 1397 C "C3'" . DC D 4 3  ? -4.72862  37.46919  -17.37860 1.000 260.97000 ?  3  DC E "C3'" 1 
ATOM 1398 O "O3'" . DC D 4 3  ? -3.72586  37.93034  -16.57583 1.000 246.51000 ?  3  DC E "O3'" 1 
ATOM 1399 C "C2'" . DC D 4 3  ? -6.09278  37.88574  -16.84455 1.000 251.21000 ?  3  DC E "C2'" 1 
ATOM 1400 C "C1'" . DC D 4 3  ? -6.90821  38.00071  -18.12478 1.000 266.99000 ?  3  DC E "C1'" 1 
ATOM 1401 N N1    . DC D 4 3  ? -7.75997  36.85656  -18.37020 1.000 268.53000 ?  3  DC E N1    1 
ATOM 1402 C C2    . DC D 4 3  ? -8.89341  36.63066  -17.59353 1.000 261.77000 ?  3  DC E C2    1 
ATOM 1403 O O2    . DC D 4 3  ? -9.18976  37.41472  -16.67359 1.000 257.61000 ?  3  DC E O2    1 
ATOM 1404 N N3    . DC D 4 3  ? -9.65327  35.56187  -17.88917 1.000 263.58000 ?  3  DC E N3    1 
ATOM 1405 C C4    . DC D 4 3  ? -9.31718  34.73535  -18.86628 1.000 268.99000 ?  3  DC E C4    1 
ATOM 1406 N N4    . DC D 4 3  ? -10.10834 33.68549  -19.09466 1.000 270.49000 ?  3  DC E N4    1 
ATOM 1407 C C5    . DC D 4 3  ? -8.16745  34.94771  -19.65903 1.000 274.89000 ?  3  DC E C5    1 
ATOM 1408 C C6    . DC D 4 3  ? -7.41959  35.99995  -19.36824 1.000 278.74000 ?  3  DC E C6    1 
ATOM 1409 P P     . DG D 4 4  ? -2.66577  36.87421  -16.04059 1.000 262.74000 ?  4  DG E P     1 
ATOM 1410 O OP1   . DG D 4 4  ? -1.40110  37.57586  -15.72300 1.000 261.63000 ?  4  DG E OP1   1 
ATOM 1411 O OP2   . DG D 4 4  ? -2.64320  35.85761  -17.12620 1.000 259.15000 -1 4  DG E OP2   1 
ATOM 1412 O "O5'" . DG D 4 4  ? -3.37310  36.28681  -14.71167 1.000 247.20000 ?  4  DG E "O5'" 1 
ATOM 1413 C "C5'" . DG D 4 4  ? -3.31967  37.01211  -13.45442 1.000 237.27000 ?  4  DG E "C5'" 1 
ATOM 1414 C "C4'" . DG D 4 4  ? -4.30609  36.42480  -12.45367 1.000 227.10000 ?  4  DG E "C4'" 1 
ATOM 1415 O "O4'" . DG D 4 4  ? -5.51667  36.03574  -13.17235 1.000 232.97000 ?  4  DG E "O4'" 1 
ATOM 1416 C "C3'" . DG D 4 4  ? -3.79470  35.17007  -11.71223 1.000 213.15000 ?  4  DG E "C3'" 1 
ATOM 1417 O "O3'" . DG D 4 4  ? -4.04090  35.23351  -10.25623 1.000 206.85000 ?  4  DG E "O3'" 1 
ATOM 1418 C "C2'" . DG D 4 4  ? -4.53545  34.01792  -12.38263 1.000 213.29000 ?  4  DG E "C2'" 1 
ATOM 1419 C "C1'" . DG D 4 4  ? -5.79991  34.67042  -12.94504 1.000 226.00000 ?  4  DG E "C1'" 1 
ATOM 1420 N N9    . DG D 4 4  ? -6.25385  34.03528  -14.19039 1.000 234.02000 ?  4  DG E N9    1 
ATOM 1421 C C8    . DG D 4 4  ? -5.63408  34.04419  -15.42860 1.000 241.29000 ?  4  DG E C8    1 
ATOM 1422 N N7    . DG D 4 4  ? -6.27338  33.35035  -16.33740 1.000 244.77000 ?  4  DG E N7    1 
ATOM 1423 C C5    . DG D 4 4  ? -7.37488  32.83707  -15.65248 1.000 240.73000 ?  4  DG E C5    1 
ATOM 1424 C C6    . DG D 4 4  ? -8.43185  32.00942  -16.10808 1.000 236.80000 ?  4  DG E C6    1 
ATOM 1425 O O6    . DG D 4 4  ? -8.60720  31.54820  -17.25292 1.000 236.00000 ?  4  DG E O6    1 
ATOM 1426 N N1    . DG D 4 4  ? -9.34759  31.72356  -15.07307 1.000 228.28000 ?  4  DG E N1    1 
ATOM 1427 C C2    . DG D 4 4  ? -9.24333  32.19133  -13.77182 1.000 223.45000 ?  4  DG E C2    1 
ATOM 1428 N N2    . DG D 4 4  ? -10.21126 31.81771  -12.91005 1.000 218.62000 ?  4  DG E N2    1 
ATOM 1429 N N3    . DG D 4 4  ? -8.25198  32.96010  -13.34326 1.000 225.84000 ?  4  DG E N3    1 
ATOM 1430 C C4    . DG D 4 4  ? -7.36273  33.24372  -14.33090 1.000 232.14000 ?  4  DG E C4    1 
ATOM 1431 P P     . DC D 4 5  ? -3.65461  33.99615  -9.28215  1.000 194.66000 ?  5  DC E P     1 
ATOM 1432 O OP1   . DC D 4 5  ? -3.35215  34.49346  -7.90451  1.000 195.52000 ?  5  DC E OP1   1 
ATOM 1433 O OP2   . DC D 4 5  ? -2.65681  33.19078  -10.03054 1.000 192.82000 -1 5  DC E OP2   1 
ATOM 1434 O "O5'" . DC D 4 5  ? -5.05203  33.22997  -9.10924  1.000 196.85000 ?  5  DC E "O5'" 1 
ATOM 1435 C "C5'" . DC D 4 5  ? -6.19306  34.01107  -8.69305  1.000 203.97000 ?  5  DC E "C5'" 1 
ATOM 1436 C "C4'" . DC D 4 5  ? -7.45921  33.18471  -8.44776  1.000 191.91000 ?  5  DC E "C4'" 1 
ATOM 1437 O "O4'" . DC D 4 5  ? -7.96531  32.65875  -9.69787  1.000 197.45000 ?  5  DC E "O4'" 1 
ATOM 1438 C "C3'" . DC D 4 5  ? -7.32000  31.99531  -7.49764  1.000 186.69000 ?  5  DC E "C3'" 1 
ATOM 1439 O "O3'" . DC D 4 5  ? -8.50061  31.84914  -6.67723  1.000 181.14000 ?  5  DC E "O3'" 1 
ATOM 1440 C "C2'" . DC D 4 5  ? -7.14918  30.81764  -8.44377  1.000 187.69000 ?  5  DC E "C2'" 1 
ATOM 1441 C "C1'" . DC D 4 5  ? -7.91332  31.24904  -9.69020  1.000 193.26000 ?  5  DC E "C1'" 1 
ATOM 1442 N N1    . DC D 4 5  ? -7.23389  30.84004  -10.89725 1.000 199.50000 ?  5  DC E N1    1 
ATOM 1443 C C2    . DC D 4 5  ? -7.93805  30.17567  -11.87921 1.000 202.72000 ?  5  DC E C2    1 
ATOM 1444 O O2    . DC D 4 5  ? -9.14356  29.96395  -11.70394 1.000 200.34000 ?  5  DC E O2    1 
ATOM 1445 N N3    . DC D 4 5  ? -7.28893  29.80702  -13.00707 1.000 207.29000 ?  5  DC E N3    1 
ATOM 1446 C C4    . DC D 4 5  ? -5.98334  30.07739  -13.14201 1.000 208.55000 ?  5  DC E C4    1 
ATOM 1447 N N4    . DC D 4 5  ? -5.37371  29.69168  -14.26499 1.000 209.93000 ?  5  DC E N4    1 
ATOM 1448 C C5    . DC D 4 5  ? -5.24785  30.75293  -12.13019 1.000 200.76000 ?  5  DC E C5    1 
ATOM 1449 C C6    . DC D 4 5  ? -5.90978  31.11382  -11.03907 1.000 199.72000 ?  5  DC E C6    1 
ATOM 1450 P P     . DT D 4 6  ? -8.55003  30.76755  -5.48274  1.000 168.22000 ?  6  DT E P     1 
ATOM 1451 O OP1   . DT D 4 6  ? -9.15379  31.37561  -4.27424  1.000 172.60000 ?  6  DT E OP1   1 
ATOM 1452 O OP2   . DT D 4 6  ? -7.24066  30.09228  -5.39297  1.000 172.72000 -1 6  DT E OP2   1 
ATOM 1453 O "O5'" . DT D 4 6  ? -9.57912  29.69170  -6.01803  1.000 172.20000 ?  6  DT E "O5'" 1 
ATOM 1454 C "C5'" . DT D 4 6  ? -10.59635 30.08363  -6.93749  1.000 177.77000 ?  6  DT E "C5'" 1 
ATOM 1455 C "C4'" . DT D 4 6  ? -11.17100 28.86087  -7.62560  1.000 178.60000 ?  6  DT E "C4'" 1 
ATOM 1456 O "O4'" . DT D 4 6  ? -10.32293 28.46522  -8.73215  1.000 181.94000 ?  6  DT E "O4'" 1 
ATOM 1457 C "C3'" . DT D 4 6  ? -11.25248 27.61765  -6.72228  1.000 173.85000 ?  6  DT E "C3'" 1 
ATOM 1458 O "O3'" . DT D 4 6  ? -12.46110 26.87856  -6.98041  1.000 171.47000 ?  6  DT E "O3'" 1 
ATOM 1459 C "C2'" . DT D 4 6  ? -10.03642 26.83015  -7.15925  1.000 173.19000 ?  6  DT E "C2'" 1 
ATOM 1460 C "C1'" . DT D 4 6  ? -10.15944 27.08269  -8.63305  1.000 179.47000 ?  6  DT E "C1'" 1 
ATOM 1461 N N1    . DT D 4 6  ? -9.04146  26.72228  -9.34902  1.000 184.94000 ?  6  DT E N1    1 
ATOM 1462 C C2    . DT D 4 6  ? -9.21558  25.97668  -10.46840 1.000 190.24000 ?  6  DT E C2    1 
ATOM 1463 O O2    . DT D 4 6  ? -10.31550 25.64262  -10.87139 1.000 191.35000 ?  6  DT E O2    1 
ATOM 1464 N N3    . DT D 4 6  ? -8.06172  25.64615  -11.12121 1.000 196.37000 ?  6  DT E N3    1 
ATOM 1465 C C4    . DT D 4 6  ? -6.77585  25.98347  -10.74821 1.000 193.13000 ?  6  DT E C4    1 
ATOM 1466 O O4    . DT D 4 6  ? -5.77146  25.64339  -11.40207 1.000 197.25000 ?  6  DT E O4    1 
ATOM 1467 C C5    . DT D 4 6  ? -6.68959  26.76728  -9.53397  1.000 189.12000 ?  6  DT E C5    1 
ATOM 1468 C C7    . DT D 4 6  ? -5.37005  27.19639  -9.02185  1.000 189.92000 ?  6  DT E C7    1 
ATOM 1469 C C6    . DT D 4 6  ? -7.81360  27.08456  -8.89511  1.000 184.09000 ?  6  DT E C6    1 
ATOM 1470 P P     . DG D 4 7  ? -13.30822 26.26861  -5.75109  1.000 174.41000 ?  7  DG E P     1 
ATOM 1471 O OP1   . DG D 4 7  ? -14.48542 27.14698  -5.47982  1.000 175.69000 ?  7  DG E OP1   1 
ATOM 1472 O OP2   . DG D 4 7  ? -12.32216 25.99866  -4.67915  1.000 184.21000 -1 7  DG E OP2   1 
ATOM 1473 O "O5'" . DG D 4 7  ? -13.80898 24.84027  -6.26946  1.000 167.68000 ?  7  DG E "O5'" 1 
ATOM 1474 C "C5'" . DG D 4 7  ? -15.17266 24.47646  -6.14556  1.000 170.57000 ?  7  DG E "C5'" 1 
ATOM 1475 C "C4'" . DG D 4 7  ? -15.65067 23.98731  -7.47235  1.000 169.15000 ?  7  DG E "C4'" 1 
ATOM 1476 O "O4'" . DG D 4 7  ? -14.59092 24.23984  -8.42940  1.000 162.63000 ?  7  DG E "O4'" 1 
ATOM 1477 C "C3'" . DG D 4 7  ? -15.88182 22.49707  -7.51900  1.000 172.87000 ?  7  DG E "C3'" 1 
ATOM 1478 O "O3'" . DG D 4 7  ? -16.77869 22.18321  -8.58180  1.000 174.27000 ?  7  DG E "O3'" 1 
ATOM 1479 C "C2'" . DG D 4 7  ? -14.46829 22.00362  -7.78034  1.000 174.40000 ?  7  DG E "C2'" 1 
ATOM 1480 C "C1'" . DG D 4 7  ? -14.03414 23.02606  -8.81152  1.000 169.68000 ?  7  DG E "C1'" 1 
ATOM 1481 N N9    . DG D 4 7  ? -12.62515 23.18057  -8.90718  1.000 174.94000 ?  7  DG E N9    1 
ATOM 1482 C C8    . DG D 4 7  ? -11.76357 23.71017  -7.99685  1.000 174.22000 ?  7  DG E C8    1 
ATOM 1483 N N7    . DG D 4 7  ? -10.53081 23.68293  -8.39212  1.000 179.44000 ?  7  DG E N7    1 
ATOM 1484 C C5    . DG D 4 7  ? -10.60931 23.09838  -9.63871  1.000 187.60000 ?  7  DG E C5    1 
ATOM 1485 C C6    . DG D 4 7  ? -9.60454  22.80199  -10.57076 1.000 198.30000 ?  7  DG E C6    1 
ATOM 1486 O O6    . DG D 4 7  ? -8.38659  22.99329  -10.47212 1.000 201.02000 ?  7  DG E O6    1 
ATOM 1487 N N1    . DG D 4 7  ? -10.13202 22.20386  -11.71523 1.000 202.27000 ?  7  DG E N1    1 
ATOM 1488 C C2    . DG D 4 7  ? -11.46861 21.94401  -11.91607 1.000 199.67000 ?  7  DG E C2    1 
ATOM 1489 N N2    . DG D 4 7  ? -11.80569 21.36310  -13.07982 1.000 202.20000 ?  7  DG E N2    1 
ATOM 1490 N N3    . DG D 4 7  ? -12.40332 22.22462  -11.04290 1.000 191.20000 ?  7  DG E N3    1 
ATOM 1491 C C4    . DG D 4 7  ? -11.90022 22.80083  -9.94918  1.000 181.79000 ?  7  DG E C4    1 
ATOM 1492 P P     . DT D 4 8  ? -17.62654 20.81265  -8.54651  1.000 179.99000 ?  8  DT E P     1 
ATOM 1493 O OP1   . DT D 4 8  ? -18.94147 20.98060  -9.24709  1.000 178.87000 ?  8  DT E OP1   1 
ATOM 1494 O OP2   . DT D 4 8  ? -17.72073 20.42264  -7.11013  1.000 196.36000 -1 8  DT E OP2   1 
ATOM 1495 O "O5'" . DT D 4 8  ? -16.65442 19.82883  -9.38661  1.000 189.76000 ?  8  DT E "O5'" 1 
ATOM 1496 C "C5'" . DT D 4 8  ? -15.71224 20.40721  -10.31681 1.000 188.43000 ?  8  DT E "C5'" 1 
ATOM 1497 C "C4'" . DT D 4 8  ? -15.33717 19.44547  -11.42299 1.000 193.29000 ?  8  DT E "C4'" 1 
ATOM 1498 O "O4'" . DT D 4 8  ? -13.95191 19.67623  -11.82196 1.000 194.96000 ?  8  DT E "O4'" 1 
ATOM 1499 C "C3'" . DT D 4 8  ? -15.33706 18.02192  -10.96551 1.000 199.20000 ?  8  DT E "C3'" 1 
ATOM 1500 O "O3'" . DT D 4 8  ? -15.28551 17.13384  -12.06097 1.000 201.73000 ?  8  DT E "O3'" 1 
ATOM 1501 C "C2'" . DT D 4 8  ? -14.05779 18.03727  -10.24193 1.000 206.64000 ?  8  DT E "C2'" 1 
ATOM 1502 C "C1'" . DT D 4 8  ? -13.20161 18.60061  -11.33774 1.000 205.93000 ?  8  DT E "C1'" 1 
ATOM 1503 N N1    . DT D 4 8  ? -12.01481 19.07402  -10.81835 1.000 206.44000 ?  8  DT E N1    1 
ATOM 1504 C C2    . DT D 4 8  ? -10.86443 18.90306  -11.52360 1.000 219.48000 ?  8  DT E C2    1 
ATOM 1505 O O2    . DT D 4 8  ? -10.83405 18.41097  -12.64609 1.000 222.86000 ?  8  DT E O2    1 
ATOM 1506 N N3    . DT D 4 8  ? -9.75030  19.36965  -10.88809 1.000 223.13000 ?  8  DT E N3    1 
ATOM 1507 C C4    . DT D 4 8  ? -9.69928  19.93816  -9.62547  1.000 218.24000 ?  8  DT E C4    1 
ATOM 1508 O O4    . DT D 4 8  ? -8.65461  20.33087  -9.12910  1.000 222.49000 ?  8  DT E O4    1 
ATOM 1509 C C5    . DT D 4 8  ? -10.96466 20.04055  -8.93993  1.000 211.91000 ?  8  DT E C5    1 
ATOM 1510 C C7    . DT D 4 8  ? -11.04763 20.62316  -7.57132  1.000 200.44000 ?  8  DT E C7    1 
ATOM 1511 C C6    . DT D 4 8  ? -12.03677 19.59602  -9.55807  1.000 207.39000 ?  8  DT E C6    1 
# 
